data_8SWX
#
_entry.id   8SWX
#
_cell.length_a   1.00
_cell.length_b   1.00
_cell.length_c   1.00
_cell.angle_alpha   90.00
_cell.angle_beta   90.00
_cell.angle_gamma   90.00
#
_symmetry.space_group_name_H-M   'P 1'
#
loop_
_entity.id
_entity.type
_entity.pdbx_description
1 polymer 'Surface protein gp120'
2 polymer 'Transmembrane protein gp41'
3 polymer 'Base4 Heavy Chain'
4 polymer 'Base4 Light Chain'
5 branched 2-acetamido-2-deoxy-beta-D-glucopyranose-(1-4)-2-acetamido-2-deoxy-beta-D-glucopyranose
6 branched beta-D-mannopyranose-(1-4)-2-acetamido-2-deoxy-beta-D-glucopyranose-(1-4)-2-acetamido-2-deoxy-beta-D-glucopyranose
7 non-polymer 2-acetamido-2-deoxy-beta-D-glucopyranose
#
loop_
_entity_poly.entity_id
_entity_poly.type
_entity_poly.pdbx_seq_one_letter_code
_entity_poly.pdbx_strand_id
1 'polypeptide(L)'
;MDAMKRGLCCVLLLCGAVFVSPSQEIHARFRRGARAENLWVTVYYGVPVWKDAETTLFCASDAKAYETKKHNVWATHCCV
PTDPNPQEIHLENVTEEFNMWKNNMVEQMHTDIISLWDQSLKPCVKLTPLCVTLQCTNVTNNITDDMRGELKNCSFNMTT
ELRDKKQKVYSLFYRLDVVQINENQGNRSNNSNKEYRLINCNTSAITQACPKVSFEPIPIHYCAPAGFAILKCKDKKFNG
TGPCTNVSTVQCTHGIKPVVSTQLLLNGSLAEEEVIIRSENITNNAKNILVQLNESVQINCTRPNNNTRKSIRIGPGQWF
YATGDIIGDIRQAHCNVSKATWNETLGKVVKQLRKHFGNNTIIRFANSSGGDLEVTTHSFNCGGEFFYCNTSGLFNSTWI
SNTSVQGSNSTGSNDSITLPCRIKQIINMWQRIGQAMYAPPIQGVIRCVSNITGLILTRDGGSTNSTTETFRPGGGDMRD
NWRSELYKYKVVKIEPLGVAPTRCKRRVVGRRRRRR
;
A,E,F
2 'polypeptide(L)'
;AVGIGAVFLGFLGAAGSTMGAASMTLTVQARNLLSGIVQQQSNLLRAPECQQHLLKLTVWGIKQLQARVLAVERYLRDQQ
LLGIWGCSGKLICCTNVPWNSTWSNRNLSEIWDNMTWLQWDKEISNYTQIIYGLLEESQNQQEKNEQDLLALD
;
B,C,D
3 'polypeptide(L)'
;(UNK)(UNK)(UNK)(UNK)(UNK)(UNK)(UNK)(UNK)(UNK)(UNK)(UNK)(UNK)(UNK)(UNK)(UNK)(UNK)
(UNK)(UNK)(UNK)(UNK)(UNK)(UNK)(UNK)(UNK)(UNK)(UNK)(UNK)(UNK)(UNK)(UNK)(UNK)(UNK)
(UNK)(UNK)(UNK)(UNK)(UNK)(UNK)(UNK)(UNK)(UNK)(UNK)(UNK)(UNK)(UNK)(UNK)(UNK)(UNK)
(UNK)(UNK)(UNK)(UNK)(UNK)(UNK)(UNK)(UNK)(UNK)(UNK)(UNK)(UNK)(UNK)(UNK)(UNK)(UNK)
(UNK)(UNK)(UNK)(UNK)(UNK)(UNK)(UNK)(UNK)(UNK)(UNK)(UNK)(UNK)(UNK)(UNK)(UNK)(UNK)
(UNK)(UNK)(UNK)(UNK)(UNK)(UNK)(UNK)(UNK)(UNK)(UNK)(UNK)(UNK)(UNK)(UNK)(UNK)(UNK)
(UNK)(UNK)(UNK)(UNK)(UNK)(UNK)(UNK)(UNK)(UNK)(UNK)(UNK)(UNK)(UNK)(UNK)(UNK)(UNK)
(UNK)(UNK)(UNK)
;
H
4 'polypeptide(L)'
;(UNK)(UNK)(UNK)(UNK)(UNK)(UNK)(UNK)(UNK)(UNK)(UNK)(UNK)(UNK)(UNK)(UNK)(UNK)(UNK)
(UNK)(UNK)(UNK)(UNK)(UNK)(UNK)(UNK)(UNK)(UNK)(UNK)(UNK)(UNK)(UNK)(UNK)(UNK)(UNK)
(UNK)(UNK)(UNK)(UNK)(UNK)(UNK)(UNK)(UNK)(UNK)(UNK)(UNK)(UNK)(UNK)(UNK)(UNK)(UNK)
(UNK)(UNK)(UNK)(UNK)(UNK)(UNK)(UNK)(UNK)(UNK)(UNK)(UNK)(UNK)(UNK)(UNK)(UNK)(UNK)
(UNK)(UNK)(UNK)(UNK)(UNK)(UNK)(UNK)(UNK)(UNK)(UNK)(UNK)(UNK)(UNK)(UNK)(UNK)(UNK)
(UNK)(UNK)(UNK)(UNK)(UNK)(UNK)(UNK)(UNK)(UNK)(UNK)(UNK)(UNK)(UNK)
;
L
#
loop_
_chem_comp.id
_chem_comp.type
_chem_comp.name
_chem_comp.formula
BMA D-saccharide, beta linking beta-D-mannopyranose 'C6 H12 O6'
NAG D-saccharide, beta linking 2-acetamido-2-deoxy-beta-D-glucopyranose 'C8 H15 N O6'
#
# COMPACT_ATOMS: atom_id res chain seq x y z
N GLU A 37 -36.24 20.74 -26.18
CA GLU A 37 -35.45 21.77 -26.86
C GLU A 37 -34.07 21.26 -27.36
N ASN A 38 -33.96 19.92 -27.64
CA ASN A 38 -32.78 19.22 -28.18
C ASN A 38 -31.49 19.38 -27.36
N LEU A 39 -31.61 19.34 -26.05
CA LEU A 39 -30.45 19.49 -25.20
C LEU A 39 -30.05 18.12 -24.70
N TRP A 40 -28.75 17.80 -24.75
CA TRP A 40 -28.25 16.48 -24.40
C TRP A 40 -27.16 16.49 -23.34
N VAL A 41 -27.01 15.36 -22.68
CA VAL A 41 -26.00 15.16 -21.65
C VAL A 41 -24.59 14.99 -22.22
N THR A 42 -23.63 15.73 -21.68
CA THR A 42 -22.24 15.54 -22.05
C THR A 42 -21.39 15.33 -20.81
N VAL A 43 -20.45 14.42 -20.93
CA VAL A 43 -19.59 14.03 -19.84
C VAL A 43 -18.20 14.61 -19.95
N TYR A 44 -17.74 15.26 -18.89
CA TYR A 44 -16.42 15.85 -18.92
C TYR A 44 -15.50 15.25 -17.89
N TYR A 45 -14.26 15.03 -18.30
CA TYR A 45 -13.28 14.53 -17.36
C TYR A 45 -12.13 15.50 -17.26
N GLY A 46 -11.81 15.90 -16.06
CA GLY A 46 -10.78 16.89 -15.83
C GLY A 46 -11.43 18.18 -15.35
N VAL A 47 -12.57 18.05 -14.72
CA VAL A 47 -13.32 19.16 -14.19
C VAL A 47 -12.72 19.66 -12.88
N PRO A 48 -12.37 20.94 -12.73
CA PRO A 48 -11.71 21.49 -11.56
C PRO A 48 -12.58 21.71 -10.35
N VAL A 49 -13.07 20.61 -9.78
CA VAL A 49 -13.91 20.67 -8.59
C VAL A 49 -13.41 19.78 -7.49
N TRP A 50 -13.86 20.03 -6.27
CA TRP A 50 -13.45 19.24 -5.13
C TRP A 50 -14.45 19.18 -4.00
N LYS A 51 -14.17 18.25 -3.09
CA LYS A 51 -14.94 18.05 -1.86
C LYS A 51 -14.06 18.11 -0.62
N ASP A 52 -14.63 18.48 0.52
CA ASP A 52 -13.86 18.44 1.76
C ASP A 52 -13.45 17.00 2.00
N ALA A 53 -12.22 16.73 2.42
CA ALA A 53 -11.88 15.34 2.65
C ALA A 53 -10.76 15.12 3.64
N GLU A 54 -10.73 13.93 4.21
CA GLU A 54 -9.64 13.57 5.10
C GLU A 54 -8.85 12.48 4.42
N THR A 55 -7.53 12.52 4.58
CA THR A 55 -6.70 11.47 4.01
C THR A 55 -5.38 11.38 4.72
N THR A 56 -4.48 10.62 4.15
CA THR A 56 -3.16 10.42 4.67
C THR A 56 -2.20 11.34 3.95
N LEU A 57 -1.49 12.17 4.70
CA LEU A 57 -0.53 13.08 4.10
C LEU A 57 0.84 12.51 4.31
N PHE A 58 1.78 12.86 3.47
CA PHE A 58 3.13 12.34 3.67
C PHE A 58 4.07 13.49 3.92
N CYS A 59 5.23 13.21 4.56
CA CYS A 59 6.24 14.22 4.89
C CYS A 59 7.32 14.32 3.83
N ALA A 60 7.83 15.53 3.71
CA ALA A 60 8.96 15.86 2.89
C ALA A 60 9.82 16.90 3.62
N SER A 61 11.10 16.95 3.27
CA SER A 61 12.01 17.91 3.91
C SER A 61 13.03 18.51 2.95
N ASP A 62 13.73 19.54 3.40
CA ASP A 62 14.72 20.17 2.53
C ASP A 62 16.06 19.42 2.65
N ALA A 63 17.10 19.85 1.90
CA ALA A 63 18.46 19.30 1.86
C ALA A 63 18.42 17.80 1.57
N HIS A 71 21.32 12.15 11.68
CA HIS A 71 21.01 11.54 12.98
C HIS A 71 19.77 12.16 13.70
N ASN A 72 19.06 13.10 13.04
CA ASN A 72 17.82 13.74 13.51
C ASN A 72 16.67 12.78 13.35
N VAL A 73 15.83 12.68 14.35
CA VAL A 73 14.74 11.74 14.29
C VAL A 73 13.79 11.96 13.10
N TRP A 74 13.65 13.20 12.62
CA TRP A 74 12.76 13.43 11.50
C TRP A 74 13.47 13.33 10.16
N ALA A 75 14.79 13.21 10.16
CA ALA A 75 15.57 13.18 8.93
C ALA A 75 15.69 11.78 8.41
N THR A 76 15.21 10.83 9.19
CA THR A 76 15.24 9.43 8.84
C THR A 76 13.83 9.00 8.51
N HIS A 77 12.95 9.98 8.56
CA HIS A 77 11.53 9.85 8.29
C HIS A 77 11.14 10.59 7.01
N CYS A 78 11.40 11.91 6.96
CA CYS A 78 11.01 12.82 5.88
C CYS A 78 12.07 12.71 4.79
N CYS A 79 12.04 11.54 4.15
CA CYS A 79 13.05 11.13 3.18
C CYS A 79 12.78 11.64 1.78
N VAL A 80 11.63 12.24 1.61
CA VAL A 80 11.21 12.80 0.34
C VAL A 80 11.67 14.25 0.32
N PRO A 81 12.41 14.71 -0.68
CA PRO A 81 12.85 16.07 -0.78
C PRO A 81 11.70 16.97 -1.16
N THR A 82 11.74 18.21 -0.72
CA THR A 82 10.79 19.22 -1.16
C THR A 82 11.27 19.89 -2.40
N ASP A 83 10.36 20.57 -3.08
CA ASP A 83 10.68 21.37 -4.24
C ASP A 83 10.94 22.81 -3.86
N PRO A 84 12.13 23.38 -4.11
CA PRO A 84 12.40 24.77 -3.88
C PRO A 84 11.43 25.45 -4.79
N ASN A 85 10.89 26.60 -4.43
CA ASN A 85 9.94 27.24 -5.31
C ASN A 85 8.84 26.22 -5.67
N PRO A 86 8.08 25.71 -4.67
CA PRO A 86 7.08 24.65 -4.79
C PRO A 86 5.91 24.98 -5.69
N GLN A 87 5.70 26.27 -5.97
CA GLN A 87 4.64 26.78 -6.83
C GLN A 87 3.29 26.85 -6.17
N GLU A 88 2.71 28.04 -6.17
CA GLU A 88 1.40 28.21 -5.58
C GLU A 88 0.49 28.71 -6.69
N ILE A 89 -0.74 28.21 -6.72
CA ILE A 89 -1.67 28.66 -7.75
C ILE A 89 -2.81 29.48 -7.19
N HIS A 90 -2.84 30.75 -7.53
CA HIS A 90 -3.90 31.58 -6.99
C HIS A 90 -5.22 31.24 -7.64
N LEU A 91 -6.28 31.12 -6.87
CA LEU A 91 -7.59 30.86 -7.44
C LEU A 91 -8.34 32.19 -7.46
N GLU A 92 -8.71 32.69 -8.63
CA GLU A 92 -9.29 34.05 -8.68
C GLU A 92 -10.65 34.32 -8.02
N ASN A 93 -11.62 33.37 -8.07
CA ASN A 93 -12.98 33.57 -7.53
C ASN A 93 -13.45 32.36 -6.73
N VAL A 94 -12.73 32.03 -5.65
CA VAL A 94 -13.03 30.93 -4.75
C VAL A 94 -13.18 31.49 -3.35
N THR A 95 -14.29 31.20 -2.72
CA THR A 95 -14.56 31.66 -1.38
C THR A 95 -14.77 30.43 -0.56
N GLU A 96 -13.67 29.91 -0.10
CA GLU A 96 -13.59 28.61 0.53
C GLU A 96 -13.84 28.74 2.01
N GLU A 97 -14.58 27.82 2.59
CA GLU A 97 -14.75 27.85 4.03
C GLU A 97 -13.73 26.98 4.74
N PHE A 98 -13.02 27.58 5.68
CA PHE A 98 -11.99 26.95 6.48
C PHE A 98 -12.41 26.87 7.94
N ASN A 99 -11.91 25.87 8.67
CA ASN A 99 -12.17 25.81 10.11
C ASN A 99 -11.01 25.15 10.82
N MET A 100 -10.18 25.92 11.49
CA MET A 100 -8.99 25.36 12.09
C MET A 100 -9.31 24.41 13.23
N TRP A 101 -10.45 24.52 13.87
CA TRP A 101 -10.68 23.67 15.02
C TRP A 101 -11.28 22.35 14.65
N LYS A 102 -11.52 22.16 13.37
CA LYS A 102 -12.09 20.92 12.89
C LYS A 102 -11.12 20.36 11.87
N ASN A 103 -9.89 20.86 11.87
CA ASN A 103 -8.92 20.48 10.87
C ASN A 103 -8.22 19.18 11.20
N ASN A 104 -8.44 18.16 10.37
CA ASN A 104 -7.92 16.82 10.60
C ASN A 104 -6.43 16.76 10.48
N MET A 105 -5.82 17.77 9.88
CA MET A 105 -4.38 17.76 9.76
C MET A 105 -3.73 17.94 11.10
N VAL A 106 -4.43 18.54 12.05
CA VAL A 106 -3.82 18.73 13.34
C VAL A 106 -3.73 17.39 13.98
N GLU A 107 -4.79 16.62 13.86
CA GLU A 107 -4.83 15.30 14.43
C GLU A 107 -3.79 14.44 13.75
N GLN A 108 -3.63 14.61 12.44
CA GLN A 108 -2.67 13.82 11.74
C GLN A 108 -1.25 14.16 12.16
N MET A 109 -0.96 15.45 12.33
CA MET A 109 0.39 15.80 12.75
C MET A 109 0.66 15.26 14.12
N HIS A 110 -0.33 15.32 14.98
CA HIS A 110 -0.15 14.87 16.34
C HIS A 110 0.11 13.40 16.40
N THR A 111 -0.70 12.59 15.73
CA THR A 111 -0.49 11.18 15.86
C THR A 111 0.82 10.76 15.22
N ASP A 112 1.25 11.43 14.17
CA ASP A 112 2.51 11.04 13.56
C ASP A 112 3.67 11.40 14.45
N ILE A 113 3.62 12.53 15.14
CA ILE A 113 4.70 12.84 16.04
C ILE A 113 4.77 11.86 17.17
N ILE A 114 3.63 11.48 17.75
CA ILE A 114 3.71 10.56 18.86
C ILE A 114 4.29 9.24 18.37
N SER A 115 3.84 8.78 17.21
CA SER A 115 4.34 7.52 16.70
C SER A 115 5.82 7.57 16.44
N LEU A 116 6.30 8.65 15.82
CA LEU A 116 7.71 8.75 15.53
C LEU A 116 8.52 8.77 16.80
N TRP A 117 8.03 9.53 17.77
CA TRP A 117 8.71 9.66 19.03
C TRP A 117 8.90 8.30 19.66
N ASP A 118 7.83 7.52 19.74
CA ASP A 118 7.97 6.24 20.38
C ASP A 118 8.81 5.28 19.57
N GLN A 119 8.70 5.31 18.25
CA GLN A 119 9.44 4.35 17.49
C GLN A 119 10.93 4.53 17.64
N SER A 120 11.37 5.78 17.73
CA SER A 120 12.80 6.05 17.83
C SER A 120 13.39 5.64 19.18
N LEU A 121 12.56 5.38 20.18
CA LEU A 121 13.07 5.00 21.48
C LEU A 121 13.02 3.52 21.68
N LYS A 122 12.54 2.77 20.69
CA LYS A 122 12.47 1.34 20.90
C LYS A 122 13.85 0.70 20.96
N PRO A 123 14.76 0.91 19.99
CA PRO A 123 16.06 0.29 19.97
C PRO A 123 17.06 1.01 20.86
N CYS A 124 16.78 1.11 22.18
CA CYS A 124 17.59 1.83 23.16
C CYS A 124 17.67 1.04 24.46
N VAL A 125 18.58 1.45 25.31
CA VAL A 125 18.83 0.80 26.58
C VAL A 125 17.78 1.14 27.61
N LYS A 126 17.23 0.11 28.22
CA LYS A 126 16.24 0.31 29.25
C LYS A 126 16.97 0.54 30.55
N LEU A 127 16.38 1.28 31.46
CA LEU A 127 17.03 1.52 32.73
C LEU A 127 16.43 0.76 33.88
N THR A 128 15.71 -0.30 33.58
CA THR A 128 15.13 -1.16 34.61
C THR A 128 16.16 -1.54 35.68
N PRO A 129 17.41 -1.91 35.34
CA PRO A 129 18.43 -2.28 36.29
C PRO A 129 18.77 -1.16 37.28
N LEU A 130 18.35 0.07 37.04
CA LEU A 130 18.64 1.11 38.00
C LEU A 130 17.55 1.27 39.09
N CYS A 131 16.44 0.47 39.03
CA CYS A 131 15.34 0.53 39.99
C CYS A 131 15.66 -0.33 41.20
N VAL A 132 16.57 0.26 41.97
CA VAL A 132 17.15 -0.19 43.21
C VAL A 132 17.02 1.00 44.12
N THR A 133 17.26 0.85 45.42
CA THR A 133 17.19 2.05 46.23
C THR A 133 18.48 2.84 46.13
N LEU A 134 18.40 4.12 46.42
CA LEU A 134 19.57 4.98 46.41
C LEU A 134 19.92 5.47 47.79
N GLN A 135 21.21 5.67 48.02
CA GLN A 135 21.70 6.34 49.23
C GLN A 135 22.14 7.73 48.79
N CYS A 136 21.47 8.82 49.27
CA CYS A 136 21.74 10.17 48.76
C CYS A 136 22.01 11.18 49.85
N THR A 137 22.95 12.05 49.53
CA THR A 137 23.29 13.22 50.32
C THR A 137 23.21 14.43 49.39
N ASN A 138 23.18 15.65 49.95
CA ASN A 138 23.10 16.91 49.19
C ASN A 138 24.49 17.31 48.68
N VAL A 139 24.55 17.98 47.50
CA VAL A 139 25.77 18.58 46.99
C VAL A 139 25.88 19.95 47.62
N THR A 140 26.97 20.19 48.34
CA THR A 140 27.21 21.44 49.03
C THR A 140 28.47 22.09 48.48
N ASN A 141 28.93 21.52 47.40
CA ASN A 141 30.19 21.96 46.84
C ASN A 141 30.11 23.21 45.98
N ASN A 142 30.29 24.39 46.62
CA ASN A 142 30.24 25.73 46.01
C ASN A 142 28.91 26.01 45.27
N ILE A 143 27.79 25.87 46.02
CA ILE A 143 26.43 26.15 45.56
C ILE A 143 26.20 27.63 45.77
N THR A 144 25.80 28.36 44.75
CA THR A 144 25.62 29.81 44.89
C THR A 144 24.23 30.13 45.44
N ASP A 145 23.94 29.52 46.59
CA ASP A 145 22.71 29.61 47.34
C ASP A 145 21.52 29.12 46.52
N ASP A 146 20.36 29.13 47.14
CA ASP A 146 19.05 28.81 46.62
C ASP A 146 18.90 27.45 45.91
N MET A 147 19.49 26.40 46.48
CA MET A 147 19.30 25.06 45.96
C MET A 147 18.82 24.20 47.10
N ARG A 148 19.58 24.15 48.18
CA ARG A 148 19.11 23.46 49.37
C ARG A 148 18.61 22.05 49.10
N GLY A 149 19.41 21.28 48.38
CA GLY A 149 19.07 19.89 48.04
C GLY A 149 18.54 19.69 46.63
N GLU A 150 18.44 20.75 45.83
CA GLU A 150 17.97 20.57 44.45
C GLU A 150 18.88 19.60 43.69
N LEU A 151 20.18 19.66 43.96
CA LEU A 151 21.11 18.75 43.33
C LEU A 151 21.64 17.76 44.37
N LYS A 152 21.49 16.47 44.09
CA LYS A 152 21.91 15.41 45.02
C LYS A 152 23.01 14.49 44.48
N ASN A 153 23.84 13.95 45.43
CA ASN A 153 24.91 12.97 45.23
C ASN A 153 24.45 11.60 45.73
N CYS A 154 24.15 10.66 44.80
CA CYS A 154 23.57 9.35 45.12
C CYS A 154 24.49 8.19 44.73
N SER A 155 24.34 7.08 45.44
CA SER A 155 25.06 5.86 45.09
C SER A 155 24.17 4.64 45.24
N PHE A 156 24.51 3.60 44.47
CA PHE A 156 23.72 2.37 44.49
C PHE A 156 24.41 1.09 43.97
N ASN A 157 23.79 -0.09 44.29
CA ASN A 157 24.17 -1.43 43.83
C ASN A 157 23.46 -1.79 42.51
N MET A 158 24.21 -1.93 41.39
CA MET A 158 23.66 -2.26 40.05
C MET A 158 24.43 -3.39 39.36
N THR A 159 23.89 -3.87 38.23
CA THR A 159 24.48 -4.97 37.47
C THR A 159 25.68 -4.53 36.69
N THR A 160 26.39 -5.51 36.17
CA THR A 160 27.59 -5.33 35.35
C THR A 160 27.68 -6.36 34.22
N GLU A 161 28.88 -6.55 33.67
CA GLU A 161 29.11 -7.43 32.53
C GLU A 161 28.63 -8.87 32.72
N LEU A 162 28.94 -9.47 33.86
CA LEU A 162 28.53 -10.85 34.11
C LEU A 162 27.39 -10.91 35.07
N ARG A 163 26.58 -11.94 34.95
CA ARG A 163 25.45 -12.07 35.86
C ARG A 163 25.82 -12.41 37.29
N ASP A 164 27.03 -12.90 37.49
CA ASP A 164 27.46 -13.28 38.82
C ASP A 164 28.17 -12.13 39.55
N LYS A 165 28.17 -10.92 38.96
CA LYS A 165 28.80 -9.76 39.57
C LYS A 165 27.88 -8.56 39.73
N LYS A 166 28.20 -7.71 40.69
CA LYS A 166 27.51 -6.45 40.95
C LYS A 166 28.54 -5.36 41.12
N GLN A 167 28.14 -4.12 40.88
CA GLN A 167 29.04 -2.98 41.06
C GLN A 167 28.40 -1.85 41.85
N LYS A 168 29.25 -1.06 42.50
CA LYS A 168 28.81 0.11 43.23
C LYS A 168 29.07 1.34 42.40
N VAL A 169 28.03 2.13 42.13
CA VAL A 169 28.24 3.31 41.30
C VAL A 169 27.75 4.56 41.96
N TYR A 170 28.23 5.68 41.44
CA TYR A 170 27.88 7.00 41.93
C TYR A 170 27.39 7.87 40.79
N SER A 171 26.41 8.71 41.07
CA SER A 171 25.85 9.65 40.09
C SER A 171 25.16 10.85 40.72
N LEU A 172 24.96 11.91 39.94
CA LEU A 172 24.19 13.02 40.47
C LEU A 172 22.79 13.01 39.90
N PHE A 173 21.85 13.48 40.69
CA PHE A 173 20.46 13.63 40.28
C PHE A 173 19.84 14.95 40.64
N TYR A 174 18.83 15.32 39.89
CA TYR A 174 18.07 16.50 40.21
C TYR A 174 16.92 16.07 41.09
N ARG A 175 16.57 16.90 42.06
CA ARG A 175 15.51 16.60 43.01
C ARG A 175 14.20 16.25 42.38
N LEU A 176 13.85 16.81 41.25
CA LEU A 176 12.56 16.49 40.67
C LEU A 176 12.45 15.04 40.22
N ASP A 177 13.59 14.37 40.02
CA ASP A 177 13.59 12.99 39.56
C ASP A 177 13.70 11.99 40.71
N VAL A 178 13.85 12.48 41.93
CA VAL A 178 14.09 11.58 43.05
C VAL A 178 13.04 11.76 44.18
N VAL A 179 12.44 10.63 44.64
CA VAL A 179 11.42 10.54 45.69
C VAL A 179 12.06 10.95 47.01
N LYS A 194 18.17 9.34 54.25
CA LYS A 194 19.07 9.20 53.10
C LYS A 194 18.58 8.15 52.06
N GLU A 195 17.39 7.52 52.27
CA GLU A 195 16.82 6.48 51.38
C GLU A 195 15.88 7.06 50.34
N TYR A 196 16.27 6.90 49.08
CA TYR A 196 15.54 7.43 47.95
C TYR A 196 15.26 6.46 46.82
N ARG A 197 14.23 6.77 46.05
CA ARG A 197 13.88 6.01 44.85
C ARG A 197 13.67 6.96 43.70
N LEU A 198 13.78 6.47 42.48
CA LEU A 198 13.49 7.34 41.35
C LEU A 198 11.98 7.44 41.19
N ILE A 199 11.52 8.60 40.74
CA ILE A 199 10.08 8.86 40.61
C ILE A 199 9.31 7.97 39.65
N ASN A 200 9.96 7.39 38.68
CA ASN A 200 9.22 6.51 37.77
C ASN A 200 9.56 5.01 37.89
N CYS A 201 10.09 4.52 39.05
CA CYS A 201 10.34 3.08 39.27
C CYS A 201 9.14 2.36 39.90
N ASN A 202 8.15 3.09 40.38
CA ASN A 202 7.00 2.39 40.96
C ASN A 202 5.85 2.15 39.95
N THR A 203 6.05 2.51 38.66
CA THR A 203 5.10 2.38 37.56
C THR A 203 5.87 2.39 36.25
N SER A 204 5.34 1.74 35.24
CA SER A 204 5.96 1.75 33.92
C SER A 204 7.45 1.43 33.96
N ALA A 205 8.18 1.95 33.00
CA ALA A 205 9.60 1.70 32.96
C ALA A 205 10.25 2.90 32.35
N ILE A 206 11.50 3.11 32.71
CA ILE A 206 12.23 4.22 32.19
C ILE A 206 13.17 3.74 31.11
N THR A 207 13.08 4.32 29.93
CA THR A 207 13.96 3.96 28.83
C THR A 207 14.90 5.12 28.57
N GLN A 208 16.18 4.84 28.43
CA GLN A 208 17.12 5.90 28.18
C GLN A 208 17.05 6.27 26.73
N ALA A 209 16.95 7.54 26.44
CA ALA A 209 16.95 7.92 25.05
C ALA A 209 18.32 7.64 24.52
N CYS A 210 18.44 7.19 23.26
CA CYS A 210 19.71 6.95 22.61
C CYS A 210 20.45 8.29 22.43
N PRO A 211 21.72 8.38 22.83
CA PRO A 211 22.54 9.58 22.76
C PRO A 211 22.85 9.95 21.32
N LYS A 212 22.59 9.03 20.42
CA LYS A 212 22.87 9.21 19.02
C LYS A 212 21.70 9.78 18.24
N VAL A 213 20.54 10.00 18.88
CA VAL A 213 19.44 10.55 18.10
C VAL A 213 19.11 11.94 18.55
N SER A 214 19.00 12.83 17.59
CA SER A 214 18.66 14.20 17.87
C SER A 214 17.18 14.45 17.76
N PHE A 215 16.67 15.23 18.69
CA PHE A 215 15.27 15.60 18.67
C PHE A 215 15.09 17.06 18.31
N GLU A 216 16.14 17.65 17.77
CA GLU A 216 16.05 19.04 17.37
C GLU A 216 14.93 19.15 16.33
N PRO A 217 13.99 20.08 16.45
CA PRO A 217 12.95 20.22 15.47
C PRO A 217 13.56 20.76 14.19
N ILE A 218 13.13 20.25 13.06
CA ILE A 218 13.56 20.74 11.77
C ILE A 218 12.26 21.02 11.05
N PRO A 219 12.18 21.85 10.03
CA PRO A 219 10.97 22.07 9.28
C PRO A 219 10.45 20.78 8.67
N ILE A 220 9.16 20.55 8.82
CA ILE A 220 8.44 19.43 8.28
C ILE A 220 7.41 19.91 7.28
N HIS A 221 7.44 19.39 6.06
CA HIS A 221 6.47 19.81 5.09
C HIS A 221 5.48 18.70 4.85
N TYR A 222 4.19 18.99 4.97
CA TYR A 222 3.21 17.95 4.69
C TYR A 222 2.80 18.13 3.25
N CYS A 223 2.71 17.03 2.50
CA CYS A 223 2.40 17.01 1.07
C CYS A 223 1.20 16.13 0.75
N ALA A 224 0.38 16.61 -0.17
CA ALA A 224 -0.81 15.87 -0.57
C ALA A 224 -0.45 14.65 -1.42
N PRO A 225 -1.16 13.53 -1.26
CA PRO A 225 -1.07 12.34 -2.08
C PRO A 225 -1.80 12.60 -3.37
N ALA A 226 -1.56 11.79 -4.36
CA ALA A 226 -2.27 11.93 -5.60
C ALA A 226 -3.78 11.86 -5.40
N GLY A 227 -4.48 12.74 -6.10
CA GLY A 227 -5.93 12.81 -6.03
C GLY A 227 -6.39 13.90 -5.07
N PHE A 228 -5.46 14.45 -4.32
CA PHE A 228 -5.71 15.48 -3.34
C PHE A 228 -4.91 16.74 -3.55
N ALA A 229 -5.39 17.82 -2.95
CA ALA A 229 -4.70 19.09 -3.01
C ALA A 229 -4.85 19.80 -1.71
N ILE A 230 -3.94 20.71 -1.39
CA ILE A 230 -4.08 21.47 -0.18
C ILE A 230 -4.39 22.90 -0.51
N LEU A 231 -5.43 23.43 0.09
CA LEU A 231 -5.78 24.80 -0.17
C LEU A 231 -5.26 25.63 0.97
N LYS A 232 -4.61 26.72 0.63
CA LYS A 232 -4.06 27.61 1.61
C LYS A 232 -4.84 28.93 1.64
N CYS A 233 -5.16 29.41 2.86
CA CYS A 233 -5.84 30.68 3.08
C CYS A 233 -4.81 31.79 3.30
N LYS A 234 -4.81 32.79 2.42
CA LYS A 234 -3.87 33.89 2.51
C LYS A 234 -4.50 35.16 3.05
N ASP A 235 -5.75 35.11 3.45
CA ASP A 235 -6.41 36.32 3.89
C ASP A 235 -5.74 36.95 5.07
N LYS A 236 -5.72 38.26 5.05
CA LYS A 236 -5.16 38.97 6.16
C LYS A 236 -6.14 38.85 7.29
N LYS A 237 -5.62 38.70 8.49
CA LYS A 237 -6.41 38.58 9.70
C LYS A 237 -7.38 37.41 9.67
N PHE A 238 -6.96 36.29 9.10
CA PHE A 238 -7.88 35.17 9.15
C PHE A 238 -7.91 34.68 10.59
N ASN A 239 -9.14 34.58 11.16
CA ASN A 239 -9.40 34.27 12.57
C ASN A 239 -9.58 32.76 12.88
N GLY A 240 -9.35 31.88 11.90
CA GLY A 240 -9.47 30.43 12.05
C GLY A 240 -10.76 29.85 11.52
N THR A 241 -11.74 30.69 11.23
CA THR A 241 -12.96 30.10 10.73
C THR A 241 -13.77 30.97 9.79
N GLY A 242 -14.45 30.29 8.90
CA GLY A 242 -15.37 30.94 7.99
C GLY A 242 -14.75 31.07 6.62
N PRO A 243 -15.40 31.79 5.72
CA PRO A 243 -15.01 31.97 4.35
C PRO A 243 -13.65 32.66 4.29
N CYS A 244 -12.85 32.31 3.28
CA CYS A 244 -11.55 32.87 2.97
C CYS A 244 -11.58 33.23 1.49
N THR A 245 -11.19 34.45 1.19
CA THR A 245 -11.21 34.96 -0.18
C THR A 245 -9.92 34.69 -0.96
N ASN A 246 -8.73 35.01 -0.40
CA ASN A 246 -7.45 34.87 -1.11
C ASN A 246 -6.94 33.43 -0.93
N VAL A 247 -7.59 32.50 -1.65
CA VAL A 247 -7.36 31.06 -1.60
C VAL A 247 -6.41 30.65 -2.71
N SER A 248 -5.43 29.83 -2.36
CA SER A 248 -4.45 29.35 -3.33
C SER A 248 -4.18 27.88 -3.16
N THR A 249 -3.94 27.18 -4.26
CA THR A 249 -3.65 25.76 -4.19
C THR A 249 -2.17 25.50 -4.09
N VAL A 250 -1.78 24.64 -3.15
CA VAL A 250 -0.38 24.30 -3.02
C VAL A 250 -0.22 22.79 -2.99
N GLN A 251 0.97 22.31 -3.30
CA GLN A 251 1.19 20.88 -3.15
C GLN A 251 1.65 20.41 -1.76
N CYS A 252 2.28 21.31 -0.95
CA CYS A 252 2.84 21.03 0.37
C CYS A 252 2.71 22.26 1.25
N THR A 253 2.83 22.05 2.56
CA THR A 253 2.81 23.13 3.52
C THR A 253 4.16 23.84 3.53
N HIS A 254 4.23 24.99 4.22
CA HIS A 254 5.40 25.86 4.27
C HIS A 254 6.59 25.38 5.05
N GLY A 255 6.39 24.39 5.88
CA GLY A 255 7.45 23.85 6.71
C GLY A 255 7.23 24.28 8.13
N ILE A 256 6.84 23.32 8.94
CA ILE A 256 6.53 23.56 10.32
C ILE A 256 7.54 22.93 11.23
N LYS A 257 8.09 23.69 12.15
CA LYS A 257 9.00 23.08 13.10
C LYS A 257 8.20 22.44 14.23
N PRO A 258 8.36 21.15 14.53
CA PRO A 258 7.65 20.42 15.54
C PRO A 258 8.18 20.72 16.92
N VAL A 259 7.94 21.95 17.35
CA VAL A 259 8.37 22.45 18.64
C VAL A 259 7.37 21.94 19.68
N VAL A 260 7.86 21.55 20.85
CA VAL A 260 7.03 20.98 21.91
C VAL A 260 6.91 21.79 23.21
N SER A 261 6.89 23.10 23.09
CA SER A 261 6.80 23.98 24.24
C SER A 261 5.44 24.07 24.90
N THR A 262 5.45 24.63 26.10
CA THR A 262 4.22 24.91 26.84
C THR A 262 4.09 26.39 27.12
N GLN A 263 2.85 26.85 27.34
CA GLN A 263 2.50 28.24 27.68
C GLN A 263 2.77 29.24 26.57
N LEU A 264 4.02 29.34 26.17
CA LEU A 264 4.43 30.21 25.09
C LEU A 264 4.76 29.37 23.88
N LEU A 265 4.47 29.92 22.73
CA LEU A 265 4.73 29.27 21.48
C LEU A 265 6.02 29.81 20.91
N LEU A 266 6.98 28.93 20.72
CA LEU A 266 8.29 29.35 20.23
C LEU A 266 8.55 28.95 18.77
N ASN A 267 9.33 29.79 18.05
CA ASN A 267 9.86 29.64 16.70
C ASN A 267 8.79 29.31 15.62
N GLY A 268 7.59 29.94 15.70
CA GLY A 268 6.49 29.78 14.74
C GLY A 268 6.41 30.94 13.77
N SER A 269 5.28 31.07 13.10
CA SER A 269 5.06 32.12 12.13
C SER A 269 4.51 33.35 12.80
N LEU A 270 4.85 34.52 12.28
CA LEU A 270 4.31 35.77 12.78
C LEU A 270 3.19 36.30 11.92
N ALA A 271 2.33 37.08 12.56
CA ALA A 271 1.25 37.77 11.90
C ALA A 271 1.87 38.91 11.12
N GLU A 272 1.26 39.35 10.02
CA GLU A 272 1.87 40.44 9.27
C GLU A 272 1.35 41.85 9.57
N GLU A 273 0.10 41.99 10.01
CA GLU A 273 -0.41 43.33 10.24
C GLU A 273 -0.57 43.72 11.71
N GLU A 274 -1.06 42.80 12.52
CA GLU A 274 -1.30 43.03 13.93
C GLU A 274 -1.45 41.70 14.64
N VAL A 275 -1.58 41.74 15.96
CA VAL A 275 -1.75 40.53 16.76
C VAL A 275 -3.13 39.90 16.53
N ILE A 276 -3.15 38.60 16.29
CA ILE A 276 -4.44 37.96 16.05
C ILE A 276 -4.87 37.04 17.18
N ILE A 277 -6.08 37.26 17.65
CA ILE A 277 -6.65 36.50 18.75
C ILE A 277 -7.57 35.43 18.18
N ARG A 278 -7.33 34.15 18.45
CA ARG A 278 -8.19 33.12 17.87
C ARG A 278 -8.69 32.11 18.89
N SER A 279 -9.97 31.77 18.83
CA SER A 279 -10.51 30.74 19.70
C SER A 279 -11.73 30.12 19.07
N GLU A 280 -12.04 28.87 19.43
CA GLU A 280 -13.23 28.24 18.87
C GLU A 280 -14.56 28.98 19.20
N ASN A 281 -14.71 29.40 20.47
CA ASN A 281 -15.86 30.15 21.02
C ASN A 281 -15.35 31.00 22.19
N ILE A 282 -14.98 32.29 21.93
CA ILE A 282 -14.29 33.18 22.90
C ILE A 282 -15.15 33.54 24.10
N THR A 283 -16.44 33.38 23.92
CA THR A 283 -17.44 33.67 24.92
C THR A 283 -17.74 32.47 25.80
N ASN A 284 -17.12 31.32 25.52
CA ASN A 284 -17.39 30.11 26.29
C ASN A 284 -16.72 30.13 27.65
N ASN A 285 -15.61 30.87 27.78
CA ASN A 285 -14.85 30.95 29.04
C ASN A 285 -14.28 29.59 29.44
N ALA A 286 -14.09 28.71 28.46
CA ALA A 286 -13.53 27.39 28.71
C ALA A 286 -12.92 26.83 27.44
N LYS A 287 -12.18 27.68 26.73
CA LYS A 287 -11.46 27.35 25.51
C LYS A 287 -10.15 28.06 25.58
N ASN A 288 -9.11 27.50 24.99
CA ASN A 288 -7.87 28.23 24.94
C ASN A 288 -7.92 29.27 23.86
N ILE A 289 -7.30 30.40 24.14
CA ILE A 289 -7.16 31.47 23.18
C ILE A 289 -5.74 31.45 22.66
N LEU A 290 -5.58 31.33 21.38
CA LEU A 290 -4.23 31.34 20.88
C LEU A 290 -3.95 32.72 20.39
N VAL A 291 -2.78 33.21 20.71
CA VAL A 291 -2.42 34.53 20.26
C VAL A 291 -1.25 34.46 19.36
N GLN A 292 -1.42 34.98 18.16
CA GLN A 292 -0.33 35.01 17.20
C GLN A 292 0.26 36.39 17.17
N LEU A 293 1.52 36.48 17.51
CA LEU A 293 2.12 37.79 17.58
C LEU A 293 2.54 38.31 16.22
N ASN A 294 2.57 39.65 16.08
CA ASN A 294 3.03 40.41 14.92
C ASN A 294 4.57 40.52 14.86
N GLU A 295 5.25 40.53 16.03
CA GLU A 295 6.71 40.65 16.19
C GLU A 295 7.15 39.58 17.15
N SER A 296 8.36 39.08 16.98
CA SER A 296 8.90 38.11 17.90
C SER A 296 9.44 38.77 19.16
N VAL A 297 9.45 38.01 20.25
CA VAL A 297 10.08 38.50 21.47
C VAL A 297 11.28 37.63 21.70
N GLN A 298 12.44 38.22 21.81
CA GLN A 298 13.59 37.37 21.97
C GLN A 298 13.81 37.02 23.43
N ILE A 299 14.03 35.71 23.64
CA ILE A 299 14.32 35.12 24.93
C ILE A 299 15.66 34.30 24.90
N ASN A 300 16.59 34.57 25.88
CA ASN A 300 17.90 33.91 26.03
C ASN A 300 17.88 32.95 27.24
N CYS A 301 17.90 31.61 27.02
CA CYS A 301 17.80 30.62 28.09
C CYS A 301 19.09 29.82 28.28
N THR A 302 19.45 29.63 29.55
CA THR A 302 20.66 28.86 29.83
C THR A 302 20.66 28.01 31.07
N ARG A 303 21.54 27.02 31.01
CA ARG A 303 21.89 26.12 32.10
C ARG A 303 23.39 26.30 32.29
N PRO A 304 23.82 27.21 33.17
CA PRO A 304 25.19 27.73 33.34
C PRO A 304 26.24 26.76 33.86
N ASN A 305 25.83 25.66 34.46
CA ASN A 305 26.78 24.75 35.06
C ASN A 305 27.49 23.93 34.01
N ASN A 306 28.84 23.83 34.09
CA ASN A 306 29.66 23.04 33.17
C ASN A 306 29.65 21.59 33.66
N ASN A 307 28.80 20.74 33.04
CA ASN A 307 28.58 19.38 33.53
C ASN A 307 29.48 18.39 32.84
N THR A 308 29.36 17.15 33.28
CA THR A 308 30.09 16.04 32.69
C THR A 308 29.20 14.83 32.48
N ARG A 309 29.66 13.91 31.64
CA ARG A 309 28.92 12.69 31.36
C ARG A 309 29.69 11.46 31.79
N LYS A 310 29.11 10.66 32.69
CA LYS A 310 29.76 9.46 33.18
C LYS A 310 29.19 8.22 32.52
N SER A 311 30.04 7.43 31.89
CA SER A 311 29.57 6.24 31.18
C SER A 311 29.65 4.98 32.04
N ILE A 312 28.49 4.39 32.33
CA ILE A 312 28.40 3.23 33.18
C ILE A 312 27.90 1.99 32.46
N ARG A 313 28.65 0.91 32.56
CA ARG A 313 28.24 -0.34 31.95
C ARG A 313 27.14 -0.98 32.77
N ILE A 314 26.07 -1.39 32.10
CA ILE A 314 24.96 -2.09 32.71
C ILE A 314 25.09 -3.57 32.47
N GLY A 315 25.48 -3.88 31.23
CA GLY A 315 25.53 -5.26 30.77
C GLY A 315 26.17 -5.37 29.38
N PRO A 316 25.86 -6.41 28.61
CA PRO A 316 26.49 -6.78 27.34
C PRO A 316 26.15 -5.84 26.21
N GLY A 317 26.82 -4.69 26.22
CA GLY A 317 26.59 -3.64 25.24
C GLY A 317 25.52 -2.67 25.71
N GLN A 318 25.18 -2.78 26.98
CA GLN A 318 24.15 -1.96 27.58
C GLN A 318 24.77 -0.86 28.40
N TRP A 319 24.57 0.39 28.00
CA TRP A 319 25.18 1.50 28.72
C TRP A 319 24.23 2.55 29.26
N PHE A 320 24.57 3.05 30.44
CA PHE A 320 23.87 4.13 31.15
C PHE A 320 24.69 5.40 31.21
N TYR A 321 24.07 6.52 30.88
CA TYR A 321 24.80 7.76 30.96
C TYR A 321 24.35 8.55 32.17
N ALA A 322 25.23 8.65 33.13
CA ALA A 322 24.93 9.29 34.39
C ALA A 322 25.46 10.69 34.44
N THR A 323 24.78 11.55 35.20
CA THR A 323 25.31 12.87 35.39
C THR A 323 26.59 12.75 36.19
N GLY A 324 27.66 13.37 35.71
CA GLY A 324 28.95 13.31 36.40
C GLY A 324 29.12 14.53 37.28
N ASP A 325 30.35 14.84 37.64
CA ASP A 325 30.63 15.96 38.49
C ASP A 325 30.43 17.28 37.76
N ILE A 326 30.20 18.35 38.52
CA ILE A 326 30.07 19.68 37.94
C ILE A 326 31.34 20.48 38.14
N ILE A 327 31.79 21.08 37.08
CA ILE A 327 32.97 21.90 37.06
C ILE A 327 32.60 23.37 37.29
N GLY A 328 33.26 23.98 38.25
CA GLY A 328 32.98 25.38 38.54
C GLY A 328 31.84 25.51 39.51
N ASP A 329 31.38 26.73 39.72
CA ASP A 329 30.32 27.00 40.68
C ASP A 329 29.03 26.39 40.20
N ILE A 330 28.19 26.02 41.14
CA ILE A 330 26.89 25.46 40.80
C ILE A 330 25.82 26.54 40.93
N ARG A 331 25.18 26.85 39.80
CA ARG A 331 24.22 27.93 39.66
C ARG A 331 22.90 27.49 39.00
N GLN A 332 21.86 28.28 39.21
CA GLN A 332 20.55 28.03 38.64
C GLN A 332 20.39 28.39 37.18
N ALA A 333 19.62 27.56 36.48
CA ALA A 333 19.22 27.78 35.11
C ALA A 333 18.21 28.90 35.11
N HIS A 334 18.21 29.69 34.06
CA HIS A 334 17.32 30.83 33.94
C HIS A 334 17.14 31.31 32.48
N CYS A 335 16.11 32.14 32.23
CA CYS A 335 15.85 32.80 30.93
C CYS A 335 15.74 34.32 31.07
N ASN A 336 16.35 35.02 30.12
CA ASN A 336 16.33 36.47 30.02
C ASN A 336 15.42 36.96 28.89
N VAL A 337 14.29 37.63 29.24
CA VAL A 337 13.27 38.15 28.30
C VAL A 337 13.39 39.66 28.18
N SER A 338 13.50 40.18 26.96
CA SER A 338 13.60 41.64 26.87
C SER A 338 12.38 42.28 27.52
N LYS A 339 12.60 43.21 28.44
CA LYS A 339 11.49 43.80 29.15
C LYS A 339 10.69 44.75 28.34
N ALA A 340 11.37 45.63 27.61
CA ALA A 340 10.61 46.59 26.85
C ALA A 340 9.79 45.89 25.81
N THR A 341 10.37 44.85 25.20
CA THR A 341 9.64 44.16 24.17
C THR A 341 8.45 43.49 24.79
N TRP A 342 8.65 42.84 25.94
CA TRP A 342 7.55 42.15 26.58
C TRP A 342 6.40 43.10 26.97
N ASN A 343 6.71 44.31 27.53
CA ASN A 343 5.71 45.30 27.93
C ASN A 343 4.90 45.77 26.69
N GLU A 344 5.58 46.01 25.53
CA GLU A 344 4.91 46.41 24.28
C GLU A 344 4.06 45.29 23.74
N THR A 345 4.57 44.06 23.87
CA THR A 345 3.88 42.89 23.39
C THR A 345 2.57 42.69 24.13
N LEU A 346 2.59 42.82 25.45
CA LEU A 346 1.34 42.65 26.15
C LEU A 346 0.41 43.79 25.81
N GLY A 347 0.92 45.00 25.64
CA GLY A 347 0.01 46.09 25.33
C GLY A 347 -0.74 45.82 24.02
N LYS A 348 -0.06 45.24 23.02
CA LYS A 348 -0.70 44.91 21.77
C LYS A 348 -1.77 43.83 21.96
N VAL A 349 -1.48 42.85 22.80
CA VAL A 349 -2.44 41.79 23.06
C VAL A 349 -3.67 42.37 23.73
N VAL A 350 -3.46 43.26 24.70
CA VAL A 350 -4.56 43.87 25.42
C VAL A 350 -5.44 44.68 24.49
N LYS A 351 -4.85 45.48 23.63
CA LYS A 351 -5.67 46.27 22.73
C LYS A 351 -6.58 45.38 21.92
N GLN A 352 -6.05 44.24 21.46
CA GLN A 352 -6.84 43.32 20.68
C GLN A 352 -7.85 42.54 21.50
N LEU A 353 -7.52 42.15 22.72
CA LEU A 353 -8.48 41.40 23.51
C LEU A 353 -9.71 42.24 23.80
N ARG A 354 -9.50 43.53 24.01
CA ARG A 354 -10.60 44.41 24.32
C ARG A 354 -11.63 44.47 23.17
N LYS A 355 -11.26 44.08 21.96
CA LYS A 355 -12.20 44.09 20.85
C LYS A 355 -13.27 43.02 21.03
N HIS A 356 -13.00 42.03 21.87
CA HIS A 356 -13.93 40.96 22.12
C HIS A 356 -14.63 41.14 23.46
N PHE A 357 -14.00 41.90 24.37
CA PHE A 357 -14.58 42.04 25.70
C PHE A 357 -15.17 43.41 26.04
N GLY A 358 -14.90 44.41 25.22
CA GLY A 358 -15.41 45.76 25.41
C GLY A 358 -14.32 46.78 25.73
N ASN A 359 -14.53 48.02 25.27
CA ASN A 359 -13.61 49.16 25.43
C ASN A 359 -13.39 49.57 26.90
N ASN A 360 -14.36 49.26 27.79
CA ASN A 360 -14.38 49.58 29.21
C ASN A 360 -13.94 48.44 30.11
N THR A 361 -13.36 47.37 29.57
CA THR A 361 -12.95 46.31 30.49
C THR A 361 -11.51 46.45 30.87
N ILE A 362 -11.08 45.54 31.71
CA ILE A 362 -9.70 45.48 32.17
C ILE A 362 -9.25 44.05 31.91
N ILE A 363 -8.14 43.86 31.22
CA ILE A 363 -7.68 42.50 30.93
C ILE A 363 -7.13 41.75 32.14
N ARG A 364 -6.31 42.41 32.97
CA ARG A 364 -5.80 41.80 34.20
C ARG A 364 -4.96 40.54 34.00
N PHE A 365 -3.65 40.69 33.87
CA PHE A 365 -2.86 39.47 33.72
C PHE A 365 -2.48 38.90 35.07
N ALA A 366 -2.50 37.57 35.16
CA ALA A 366 -2.14 36.81 36.35
C ALA A 366 -1.54 35.45 35.96
N ASN A 367 -0.85 34.76 36.90
CA ASN A 367 -0.25 33.43 36.68
C ASN A 367 -1.26 32.28 36.92
N SER A 368 -1.00 31.10 36.33
CA SER A 368 -1.81 29.88 36.44
C SER A 368 -1.60 29.14 37.76
N SER A 369 -2.52 28.22 38.10
CA SER A 369 -2.44 27.47 39.35
C SER A 369 -2.22 25.94 39.27
N GLY A 370 -2.37 25.35 38.09
CA GLY A 370 -2.30 23.89 37.95
C GLY A 370 -0.87 23.38 38.00
N GLY A 371 -0.27 23.42 39.19
CA GLY A 371 1.16 23.16 39.42
C GLY A 371 1.70 21.73 39.27
N ASP A 372 1.56 21.16 38.07
CA ASP A 372 2.12 19.84 37.73
C ASP A 372 3.40 19.94 36.88
N LEU A 373 3.88 21.17 36.71
CA LEU A 373 5.01 21.61 35.89
C LEU A 373 4.80 21.42 34.40
N GLU A 374 3.61 21.07 33.98
CA GLU A 374 3.34 20.97 32.57
C GLU A 374 2.52 22.19 32.16
N VAL A 375 1.75 22.71 33.12
CA VAL A 375 0.91 23.88 32.90
C VAL A 375 1.50 25.17 33.48
N THR A 376 2.07 25.12 34.68
CA THR A 376 2.54 26.34 35.33
C THR A 376 3.91 26.75 34.90
N THR A 377 4.60 25.87 34.21
CA THR A 377 5.92 26.19 33.71
C THR A 377 6.02 26.01 32.22
N HIS A 378 7.05 26.64 31.68
CA HIS A 378 7.37 26.67 30.27
C HIS A 378 8.42 25.63 29.88
N SER A 379 8.00 24.65 29.08
CA SER A 379 8.91 23.61 28.62
C SER A 379 9.53 24.06 27.32
N PHE A 380 10.81 23.76 27.13
CA PHE A 380 11.57 24.11 25.93
C PHE A 380 12.22 23.01 25.10
N ASN A 381 12.67 21.94 25.74
CA ASN A 381 13.56 20.97 25.09
C ASN A 381 14.85 21.69 24.56
N CYS A 382 15.42 22.64 25.34
CA CYS A 382 16.59 23.45 25.00
C CYS A 382 17.87 22.62 24.99
N GLY A 383 18.41 22.39 23.82
CA GLY A 383 19.61 21.56 23.69
C GLY A 383 19.25 20.09 23.87
N GLY A 384 17.96 19.80 23.98
CA GLY A 384 17.49 18.46 24.26
C GLY A 384 17.26 18.32 25.77
N GLU A 385 17.54 19.38 26.53
CA GLU A 385 17.36 19.39 27.97
C GLU A 385 15.96 19.88 28.33
N PHE A 386 15.46 19.51 29.49
CA PHE A 386 14.12 19.94 29.88
C PHE A 386 14.13 20.95 31.02
N PHE A 387 13.91 22.21 30.65
CA PHE A 387 14.01 23.36 31.53
C PHE A 387 12.90 23.70 32.52
N TYR A 388 11.65 23.44 32.18
CA TYR A 388 10.54 23.80 33.10
C TYR A 388 10.71 25.16 33.80
N CYS A 389 10.60 26.29 33.05
CA CYS A 389 10.83 27.65 33.53
C CYS A 389 9.60 28.31 34.14
N ASN A 390 9.85 29.14 35.15
CA ASN A 390 8.84 29.93 35.88
C ASN A 390 8.58 31.26 35.16
N THR A 391 7.40 31.38 34.54
CA THR A 391 6.92 32.50 33.73
C THR A 391 5.96 33.38 34.47
N SER A 392 5.81 33.17 35.77
CA SER A 392 4.84 34.00 36.48
C SER A 392 5.25 35.47 36.46
N GLY A 393 6.53 35.76 36.32
CA GLY A 393 7.04 37.12 36.30
C GLY A 393 6.69 37.84 35.01
N LEU A 394 6.17 37.11 34.03
CA LEU A 394 5.79 37.72 32.78
C LEU A 394 4.33 38.13 32.78
N PHE A 395 3.53 37.63 33.73
CA PHE A 395 2.10 37.88 33.69
C PHE A 395 1.47 38.35 34.98
N ASN A 396 1.81 39.55 35.44
CA ASN A 396 1.21 40.18 36.62
C ASN A 396 1.15 41.71 36.41
N SER A 397 0.03 42.17 35.80
CA SER A 397 -0.17 43.58 35.43
C SER A 397 -1.62 43.93 35.23
N THR A 398 -1.96 45.19 35.44
CA THR A 398 -3.30 45.66 35.17
C THR A 398 -3.22 46.79 34.17
N TRP A 399 -3.94 46.63 33.09
CA TRP A 399 -3.94 47.60 32.00
C TRP A 399 -5.21 48.41 31.97
N ILE A 400 -5.09 49.70 32.26
CA ILE A 400 -6.24 50.58 32.31
C ILE A 400 -6.22 51.53 31.13
N SER A 401 -7.33 51.55 30.40
CA SER A 401 -7.51 52.38 29.21
C SER A 401 -7.67 53.90 29.42
N ASN A 402 -8.02 54.33 30.65
CA ASN A 402 -8.23 55.71 31.11
C ASN A 402 -9.16 56.48 30.15
N ASN A 414 19.52 48.01 30.58
CA ASN A 414 18.57 47.32 29.71
C ASN A 414 17.26 46.92 30.45
N ASP A 415 17.34 46.67 31.78
CA ASP A 415 16.24 46.25 32.69
C ASP A 415 15.48 45.01 32.21
N SER A 416 16.22 43.96 31.88
CA SER A 416 15.65 42.71 31.38
C SER A 416 14.94 41.92 32.45
N ILE A 417 14.12 40.95 32.04
CA ILE A 417 13.38 40.11 32.96
C ILE A 417 14.05 38.76 33.14
N THR A 418 14.35 38.38 34.38
CA THR A 418 14.97 37.07 34.57
C THR A 418 14.00 36.07 35.19
N LEU A 419 13.85 34.94 34.53
CA LEU A 419 12.97 33.87 34.93
C LEU A 419 13.82 32.67 35.39
N PRO A 420 13.65 32.12 36.60
CA PRO A 420 14.38 30.96 37.08
C PRO A 420 13.84 29.74 36.37
N CYS A 421 14.67 28.68 36.19
CA CYS A 421 14.30 27.39 35.56
C CYS A 421 14.62 26.16 36.42
N ARG A 422 13.87 25.07 36.22
CA ARG A 422 14.03 23.82 36.96
C ARG A 422 14.32 22.59 36.10
N ILE A 423 15.58 22.19 36.02
CA ILE A 423 15.97 21.11 35.13
C ILE A 423 15.48 19.75 35.63
N LYS A 424 14.89 18.95 34.73
CA LYS A 424 14.38 17.61 35.06
C LYS A 424 14.83 16.57 34.02
N GLN A 425 15.29 15.37 34.44
CA GLN A 425 15.73 14.35 33.48
C GLN A 425 14.78 13.21 33.17
N ILE A 426 13.84 12.85 34.06
CA ILE A 426 12.97 11.73 33.72
C ILE A 426 11.67 12.32 33.28
N ILE A 427 11.36 12.17 32.01
CA ILE A 427 10.23 12.85 31.44
C ILE A 427 9.09 11.95 31.02
N ASN A 428 7.91 12.27 31.53
CA ASN A 428 6.68 11.59 31.14
C ASN A 428 6.10 12.49 30.07
N MET A 429 6.34 12.17 28.82
CA MET A 429 6.00 13.09 27.74
C MET A 429 4.61 12.83 27.16
N TRP A 430 4.02 13.88 26.60
CA TRP A 430 2.74 13.88 25.90
C TRP A 430 1.58 13.56 26.81
N GLN A 431 1.72 13.92 28.08
CA GLN A 431 0.70 13.71 29.10
C GLN A 431 0.37 12.24 29.33
N ARG A 432 1.21 11.33 28.87
CA ARG A 432 0.96 9.93 29.12
C ARG A 432 1.64 9.61 30.41
N ILE A 433 1.13 8.64 31.16
CA ILE A 433 1.82 8.26 32.39
C ILE A 433 2.26 6.80 32.38
N GLY A 434 2.10 6.13 31.26
CA GLY A 434 2.47 4.72 31.14
C GLY A 434 3.84 4.48 30.54
N GLN A 435 4.54 5.56 30.23
CA GLN A 435 5.87 5.54 29.62
C GLN A 435 6.75 6.60 30.24
N ALA A 436 8.05 6.37 30.29
CA ALA A 436 8.96 7.41 30.76
C ALA A 436 10.26 7.37 30.00
N MET A 437 10.81 8.54 29.73
CA MET A 437 12.09 8.63 29.06
C MET A 437 13.15 9.25 29.94
N TYR A 438 14.35 8.72 29.89
CA TYR A 438 15.43 9.37 30.61
C TYR A 438 16.28 10.13 29.64
N ALA A 439 16.47 11.39 29.95
CA ALA A 439 17.28 12.23 29.11
C ALA A 439 18.73 12.15 29.56
N PRO A 440 19.67 11.67 28.73
CA PRO A 440 21.06 11.56 29.08
C PRO A 440 21.53 12.95 29.40
N PRO A 441 22.52 13.12 30.27
CA PRO A 441 23.09 14.39 30.65
C PRO A 441 23.86 14.95 29.51
N ILE A 442 23.91 16.27 29.46
CA ILE A 442 24.68 16.98 28.48
C ILE A 442 25.86 17.68 29.14
N GLN A 443 27.05 17.37 28.66
CA GLN A 443 28.27 17.92 29.21
C GLN A 443 28.44 19.32 28.71
N GLY A 444 29.17 20.14 29.43
CA GLY A 444 29.34 21.51 28.98
C GLY A 444 28.19 22.36 29.49
N VAL A 445 28.00 23.50 28.83
CA VAL A 445 27.03 24.54 29.23
C VAL A 445 26.02 24.75 28.12
N ILE A 446 24.74 24.85 28.47
CA ILE A 446 23.71 25.04 27.45
C ILE A 446 23.14 26.42 27.37
N ARG A 447 23.08 26.95 26.15
CA ARG A 447 22.40 28.20 25.92
C ARG A 447 21.58 28.07 24.62
N CYS A 448 20.32 28.55 24.63
CA CYS A 448 19.40 28.61 23.49
C CYS A 448 18.88 30.02 23.39
N VAL A 449 18.77 30.51 22.18
CA VAL A 449 18.18 31.80 21.97
C VAL A 449 17.01 31.54 21.07
N SER A 450 15.83 31.95 21.47
CA SER A 450 14.66 31.65 20.67
C SER A 450 13.67 32.81 20.57
N ASN A 451 12.73 32.68 19.59
CA ASN A 451 11.70 33.64 19.26
C ASN A 451 10.34 33.25 19.82
N ILE A 452 9.73 34.10 20.69
CA ILE A 452 8.37 33.86 21.19
C ILE A 452 7.49 34.43 20.10
N THR A 453 6.68 33.58 19.49
CA THR A 453 5.84 33.96 18.37
C THR A 453 4.37 33.90 18.74
N GLY A 454 4.09 33.37 19.92
CA GLY A 454 2.70 33.31 20.34
C GLY A 454 2.53 32.90 21.80
N LEU A 455 1.29 32.97 22.22
CA LEU A 455 0.89 32.66 23.59
C LEU A 455 -0.33 31.77 23.66
N ILE A 456 -0.44 30.98 24.73
CA ILE A 456 -1.70 30.30 24.98
C ILE A 456 -2.30 30.96 26.20
N LEU A 457 -3.43 31.60 26.03
CA LEU A 457 -4.07 32.30 27.16
C LEU A 457 -5.45 31.76 27.46
N THR A 458 -5.83 31.87 28.71
CA THR A 458 -7.18 31.54 29.12
C THR A 458 -7.69 32.68 29.98
N ARG A 459 -8.98 32.69 30.24
CA ARG A 459 -9.53 33.68 31.15
C ARG A 459 -10.48 32.94 32.08
N ASP A 460 -10.61 33.42 33.35
CA ASP A 460 -11.49 32.91 34.43
C ASP A 460 -11.88 31.42 34.31
N THR A 468 -12.81 42.51 37.69
CA THR A 468 -13.44 41.95 36.52
C THR A 468 -12.69 40.67 36.10
N GLU A 469 -12.91 40.21 34.84
CA GLU A 469 -12.35 38.98 34.24
C GLU A 469 -10.84 39.01 34.18
N THR A 470 -10.20 37.89 34.57
CA THR A 470 -8.74 37.83 34.59
C THR A 470 -8.10 36.83 33.62
N PHE A 471 -7.09 37.32 32.89
CA PHE A 471 -6.30 36.51 31.95
C PHE A 471 -5.04 35.87 32.52
N ARG A 472 -4.90 34.57 32.24
CA ARG A 472 -3.77 33.79 32.73
C ARG A 472 -3.17 32.94 31.61
N PRO A 473 -1.88 32.57 31.66
CA PRO A 473 -1.27 31.61 30.78
C PRO A 473 -2.00 30.30 30.90
N GLY A 474 -2.18 29.65 29.78
CA GLY A 474 -2.83 28.37 29.75
C GLY A 474 -1.79 27.28 29.60
N GLY A 475 -2.20 26.19 29.01
CA GLY A 475 -1.38 25.03 28.79
C GLY A 475 -2.31 23.95 28.36
N GLY A 476 -1.77 22.81 27.96
CA GLY A 476 -2.68 21.76 27.53
C GLY A 476 -2.07 20.86 26.49
N ASP A 477 -2.95 20.15 25.80
CA ASP A 477 -2.62 19.18 24.79
C ASP A 477 -1.90 19.83 23.63
N MET A 478 -0.96 19.09 23.07
CA MET A 478 -0.12 19.54 21.97
C MET A 478 -0.84 19.90 20.71
N ARG A 479 -2.06 19.43 20.54
CA ARG A 479 -2.79 19.77 19.34
C ARG A 479 -2.93 21.27 19.23
N ASP A 480 -2.99 21.99 20.36
CA ASP A 480 -3.15 23.42 20.26
C ASP A 480 -1.90 24.10 19.74
N ASN A 481 -0.71 23.52 19.90
CA ASN A 481 0.43 24.22 19.37
C ASN A 481 0.52 24.00 17.88
N TRP A 482 0.22 22.78 17.47
CA TRP A 482 0.37 22.45 16.07
C TRP A 482 -0.74 23.08 15.23
N ARG A 483 -1.85 23.34 15.86
CA ARG A 483 -2.95 23.97 15.21
C ARG A 483 -2.63 25.43 14.92
N SER A 484 -1.57 25.99 15.52
CA SER A 484 -1.23 27.38 15.28
C SER A 484 -0.53 27.56 13.94
N GLU A 485 -0.02 26.48 13.35
CA GLU A 485 0.67 26.59 12.06
C GLU A 485 -0.20 26.03 10.93
N LEU A 486 -1.03 25.06 11.25
CA LEU A 486 -1.86 24.40 10.25
C LEU A 486 -3.20 25.09 10.05
N TYR A 487 -3.42 26.18 10.75
CA TYR A 487 -4.69 26.91 10.74
C TYR A 487 -5.09 27.44 9.38
N LYS A 488 -4.13 27.65 8.50
CA LYS A 488 -4.42 28.21 7.21
C LYS A 488 -4.55 27.15 6.12
N TYR A 489 -4.47 25.87 6.47
CA TYR A 489 -4.54 24.88 5.39
C TYR A 489 -5.73 23.94 5.47
N LYS A 490 -6.23 23.56 4.31
CA LYS A 490 -7.33 22.59 4.19
C LYS A 490 -7.05 21.51 3.16
N VAL A 491 -7.47 20.28 3.43
CA VAL A 491 -7.31 19.22 2.44
C VAL A 491 -8.58 18.96 1.66
N VAL A 492 -8.45 18.94 0.34
CA VAL A 492 -9.63 18.66 -0.46
C VAL A 492 -9.37 17.53 -1.44
N LYS A 493 -10.41 16.78 -1.72
CA LYS A 493 -10.38 15.68 -2.66
C LYS A 493 -10.78 16.16 -4.02
N ILE A 494 -10.01 15.80 -5.02
CA ILE A 494 -10.33 16.24 -6.36
C ILE A 494 -11.33 15.27 -6.97
N GLU A 495 -12.38 15.82 -7.56
CA GLU A 495 -13.43 15.03 -8.20
C GLU A 495 -13.55 15.42 -9.67
N PRO A 496 -12.70 14.88 -10.55
CA PRO A 496 -12.52 15.27 -11.93
C PRO A 496 -13.65 14.90 -12.88
N LEU A 497 -14.56 14.05 -12.47
CA LEU A 497 -15.60 13.64 -13.41
C LEU A 497 -16.88 14.40 -13.17
N GLY A 498 -17.52 14.87 -14.23
CA GLY A 498 -18.80 15.54 -14.05
C GLY A 498 -19.62 15.63 -15.32
N VAL A 499 -20.86 16.08 -15.16
CA VAL A 499 -21.85 16.17 -16.22
C VAL A 499 -22.49 17.52 -16.33
N ALA A 500 -22.76 17.93 -17.56
CA ALA A 500 -23.45 19.18 -17.87
C ALA A 500 -24.22 18.98 -19.17
N PRO A 501 -25.30 19.74 -19.45
CA PRO A 501 -26.01 19.77 -20.70
C PRO A 501 -25.26 20.50 -21.80
N THR A 502 -25.48 20.09 -23.04
CA THR A 502 -24.88 20.79 -24.17
C THR A 502 -25.65 20.59 -25.46
N ARG A 503 -25.46 21.49 -26.43
CA ARG A 503 -26.14 21.30 -27.68
C ARG A 503 -25.35 20.45 -28.70
N CYS A 504 -25.29 19.11 -28.48
CA CYS A 504 -24.67 18.12 -29.38
C CYS A 504 -25.32 16.76 -29.17
N LYS A 505 -25.06 15.82 -30.06
CA LYS A 505 -25.54 14.46 -29.87
C LYS A 505 -24.49 13.45 -30.30
N ARG A 506 -24.42 12.33 -29.60
CA ARG A 506 -23.50 11.22 -29.93
C ARG A 506 -23.47 10.69 -31.38
N ARG A 507 -24.65 10.57 -32.06
CA ARG A 507 -24.84 10.03 -33.42
C ARG A 507 -24.52 8.53 -33.43
N GLY B 10 -1.94 26.19 -14.53
CA GLY B 10 -1.68 25.41 -13.35
C GLY B 10 -2.94 24.67 -12.90
N PHE B 11 -2.76 23.60 -12.09
CA PHE B 11 -3.81 22.72 -11.56
C PHE B 11 -4.80 23.52 -10.72
N LEU B 12 -6.08 23.37 -11.03
CA LEU B 12 -7.21 24.08 -10.46
C LEU B 12 -7.19 25.57 -10.73
N GLY B 13 -6.35 26.04 -11.66
CA GLY B 13 -6.33 27.46 -11.94
C GLY B 13 -7.67 27.96 -12.44
N ALA B 14 -8.39 27.10 -13.13
CA ALA B 14 -9.68 27.41 -13.68
C ALA B 14 -10.82 27.21 -12.69
N ALA B 15 -10.53 26.82 -11.47
CA ALA B 15 -11.61 26.52 -10.53
C ALA B 15 -12.57 27.67 -10.32
N GLY B 16 -12.11 28.90 -10.35
CA GLY B 16 -13.04 30.02 -10.15
C GLY B 16 -13.61 30.56 -11.46
N SER B 17 -13.22 29.98 -12.59
CA SER B 17 -13.65 30.47 -13.90
C SER B 17 -14.99 29.85 -14.25
N THR B 18 -15.63 30.35 -15.29
CA THR B 18 -16.92 29.78 -15.61
C THR B 18 -16.82 28.41 -16.24
N MET B 19 -17.94 27.73 -16.27
CA MET B 19 -17.95 26.38 -16.80
C MET B 19 -17.44 26.27 -18.21
N GLY B 20 -17.77 27.23 -19.05
CA GLY B 20 -17.35 27.19 -20.43
C GLY B 20 -15.92 27.67 -20.64
N ALA B 21 -15.29 28.19 -19.60
CA ALA B 21 -13.92 28.67 -19.72
C ALA B 21 -12.99 27.55 -19.30
N ALA B 22 -13.42 26.83 -18.29
CA ALA B 22 -12.68 25.76 -17.64
C ALA B 22 -12.57 24.55 -18.51
N SER B 23 -13.34 24.50 -19.56
CA SER B 23 -13.36 23.38 -20.48
C SER B 23 -12.04 23.30 -21.21
N MET B 24 -11.27 24.38 -21.18
CA MET B 24 -10.00 24.40 -21.87
C MET B 24 -8.85 23.93 -21.00
N THR B 25 -9.14 23.55 -19.75
CA THR B 25 -8.10 23.12 -18.84
C THR B 25 -8.31 21.68 -18.39
N LEU B 26 -9.12 20.92 -19.12
CA LEU B 26 -9.42 19.54 -18.74
C LEU B 26 -8.15 18.72 -18.77
N THR B 27 -7.27 19.04 -19.70
CA THR B 27 -6.01 18.35 -19.86
C THR B 27 -5.16 18.49 -18.61
N VAL B 28 -5.14 19.70 -18.08
CA VAL B 28 -4.32 20.01 -16.94
C VAL B 28 -4.81 19.29 -15.72
N GLN B 29 -6.11 19.25 -15.53
CA GLN B 29 -6.53 18.54 -14.35
C GLN B 29 -6.30 17.06 -14.51
N ALA B 30 -6.61 16.51 -15.68
CA ALA B 30 -6.51 15.08 -15.87
C ALA B 30 -5.11 14.53 -15.77
N ARG B 31 -4.14 15.25 -16.28
CA ARG B 31 -2.79 14.72 -16.33
C ARG B 31 -2.10 14.73 -14.99
N ASN B 32 -2.69 15.34 -13.98
CA ASN B 32 -2.06 15.37 -12.69
C ASN B 32 -2.68 14.39 -11.70
N LEU B 33 -3.74 13.70 -12.11
CA LEU B 33 -4.44 12.85 -11.17
C LEU B 33 -3.69 11.59 -10.81
N LEU B 34 -3.00 11.03 -11.78
CA LEU B 34 -2.30 9.78 -11.61
C LEU B 34 -0.90 10.02 -11.13
N SER B 35 -0.80 10.53 -9.92
CA SER B 35 0.49 10.86 -9.32
C SER B 35 1.37 11.71 -10.24
N GLY B 36 0.79 12.78 -10.84
CA GLY B 36 1.44 13.65 -11.80
C GLY B 36 1.22 13.08 -13.20
N TRP B 60 5.40 5.45 9.87
CA TRP B 60 5.80 4.21 9.21
C TRP B 60 5.21 4.17 7.77
N GLY B 61 6.08 3.82 6.80
CA GLY B 61 5.87 3.81 5.33
C GLY B 61 4.75 2.94 4.80
N ILE B 62 4.18 2.07 5.63
CA ILE B 62 3.07 1.26 5.18
C ILE B 62 1.94 2.18 4.73
N LYS B 63 1.82 3.35 5.36
CA LYS B 63 0.74 4.23 4.98
C LYS B 63 0.97 4.85 3.59
N GLN B 64 2.24 4.91 3.14
CA GLN B 64 2.53 5.49 1.85
C GLN B 64 2.07 4.50 0.81
N LEU B 65 2.30 3.23 1.10
CA LEU B 65 1.93 2.19 0.18
C LEU B 65 0.42 2.12 0.06
N GLN B 66 -0.27 2.27 1.18
CA GLN B 66 -1.71 2.24 1.15
C GLN B 66 -2.24 3.40 0.34
N ALA B 67 -1.63 4.58 0.49
CA ALA B 67 -2.08 5.73 -0.27
C ALA B 67 -1.86 5.52 -1.77
N ARG B 68 -0.75 4.90 -2.15
CA ARG B 68 -0.48 4.68 -3.56
C ARG B 68 -1.49 3.74 -4.17
N VAL B 69 -1.85 2.70 -3.44
CA VAL B 69 -2.80 1.76 -3.97
C VAL B 69 -4.14 2.44 -4.15
N LEU B 70 -4.57 3.22 -3.17
CA LEU B 70 -5.85 3.88 -3.32
C LEU B 70 -5.84 4.89 -4.45
N ALA B 71 -4.74 5.60 -4.65
CA ALA B 71 -4.76 6.56 -5.75
C ALA B 71 -5.01 5.84 -7.06
N VAL B 72 -4.43 4.65 -7.22
CA VAL B 72 -4.67 3.90 -8.42
C VAL B 72 -6.12 3.46 -8.48
N GLU B 73 -6.67 2.97 -7.37
CA GLU B 73 -8.05 2.51 -7.43
C GLU B 73 -8.99 3.64 -7.78
N ARG B 74 -8.78 4.84 -7.25
CA ARG B 74 -9.68 5.91 -7.57
C ARG B 74 -9.62 6.24 -9.04
N TYR B 75 -8.41 6.28 -9.57
CA TYR B 75 -8.22 6.56 -10.98
C TYR B 75 -8.94 5.55 -11.84
N LEU B 76 -8.76 4.28 -11.52
CA LEU B 76 -9.37 3.26 -12.33
C LEU B 76 -10.87 3.26 -12.24
N ARG B 77 -11.46 3.59 -11.09
CA ARG B 77 -12.90 3.58 -11.06
C ARG B 77 -13.46 4.61 -12.03
N ASP B 78 -12.81 5.77 -12.14
CA ASP B 78 -13.31 6.74 -13.09
C ASP B 78 -13.11 6.27 -14.52
N GLN B 79 -11.98 5.63 -14.78
CA GLN B 79 -11.76 5.20 -16.15
C GLN B 79 -12.69 4.07 -16.54
N GLN B 80 -13.01 3.19 -15.60
CA GLN B 80 -13.92 2.12 -15.94
C GLN B 80 -15.27 2.67 -16.27
N LEU B 81 -15.71 3.67 -15.51
CA LEU B 81 -17.02 4.23 -15.73
C LEU B 81 -17.09 4.90 -17.09
N LEU B 82 -16.05 5.61 -17.49
CA LEU B 82 -16.07 6.22 -18.80
C LEU B 82 -16.14 5.13 -19.86
N GLY B 83 -15.44 4.02 -19.63
CA GLY B 83 -15.50 2.92 -20.58
C GLY B 83 -16.92 2.38 -20.71
N ILE B 84 -17.61 2.22 -19.59
CA ILE B 84 -18.98 1.68 -19.59
C ILE B 84 -19.91 2.55 -20.39
N TRP B 85 -19.76 3.85 -20.27
CA TRP B 85 -20.59 4.81 -20.97
C TRP B 85 -20.19 5.05 -22.44
N GLY B 86 -19.11 4.43 -22.89
CA GLY B 86 -18.60 4.65 -24.24
C GLY B 86 -17.82 5.97 -24.44
N CYS B 87 -17.22 6.51 -23.36
CA CYS B 87 -16.49 7.77 -23.30
C CYS B 87 -15.00 7.53 -23.14
N SER B 88 -14.56 6.30 -23.32
CA SER B 88 -13.16 6.03 -23.13
C SER B 88 -12.32 6.77 -24.13
N GLY B 89 -11.23 7.34 -23.66
CA GLY B 89 -10.30 8.05 -24.52
C GLY B 89 -10.66 9.51 -24.75
N LYS B 90 -11.78 9.98 -24.22
CA LYS B 90 -12.10 11.37 -24.46
C LYS B 90 -12.20 12.19 -23.20
N LEU B 91 -11.76 13.43 -23.28
CA LEU B 91 -11.95 14.34 -22.15
C LEU B 91 -13.35 14.94 -22.26
N ILE B 92 -13.81 15.16 -23.49
CA ILE B 92 -15.17 15.67 -23.72
C ILE B 92 -15.99 14.61 -24.48
N CYS B 93 -16.98 13.98 -23.83
CA CYS B 93 -17.82 12.93 -24.40
C CYS B 93 -19.26 13.39 -24.61
N CYS B 94 -19.70 13.33 -25.85
CA CYS B 94 -21.05 13.73 -26.17
C CYS B 94 -21.87 12.43 -26.25
N THR B 95 -22.99 12.37 -25.51
CA THR B 95 -23.79 11.14 -25.41
C THR B 95 -25.14 11.35 -26.06
N ASN B 96 -26.01 10.33 -26.02
CA ASN B 96 -27.35 10.45 -26.58
C ASN B 96 -28.44 10.38 -25.51
N VAL B 97 -28.11 10.73 -24.28
CA VAL B 97 -29.12 10.79 -23.24
C VAL B 97 -29.58 12.22 -23.20
N PRO B 98 -30.88 12.52 -23.35
CA PRO B 98 -31.41 13.87 -23.37
C PRO B 98 -31.32 14.46 -21.99
N TRP B 99 -31.22 15.77 -21.93
CA TRP B 99 -31.21 16.46 -20.67
C TRP B 99 -32.63 16.72 -20.19
N ASN B 100 -32.93 16.39 -18.92
CA ASN B 100 -34.20 16.61 -18.27
C ASN B 100 -34.19 17.96 -17.53
N SER B 101 -35.21 18.81 -17.79
CA SER B 101 -35.39 20.12 -17.16
C SER B 101 -35.64 19.97 -15.67
N THR B 102 -36.01 18.75 -15.28
CA THR B 102 -36.23 18.37 -13.91
C THR B 102 -34.92 18.45 -13.15
N TRP B 103 -33.83 18.01 -13.78
CA TRP B 103 -32.55 18.00 -13.10
C TRP B 103 -32.15 19.44 -12.88
N SER B 104 -32.33 20.24 -13.92
CA SER B 104 -32.10 21.68 -13.83
C SER B 104 -32.73 22.42 -14.99
N ASN B 105 -33.66 23.30 -14.66
CA ASN B 105 -34.43 24.06 -15.65
C ASN B 105 -33.78 25.37 -16.01
N ARG B 106 -32.61 25.29 -16.61
CA ARG B 106 -31.84 26.48 -16.99
C ARG B 106 -31.45 26.44 -18.47
N ASN B 107 -31.18 27.61 -19.08
CA ASN B 107 -30.73 27.78 -20.47
C ASN B 107 -29.21 27.59 -20.54
N LEU B 108 -28.63 27.43 -21.77
CA LEU B 108 -27.16 27.31 -21.95
C LEU B 108 -26.48 28.59 -21.46
N SER B 109 -27.14 29.71 -21.68
CA SER B 109 -26.65 31.00 -21.27
C SER B 109 -26.64 31.18 -19.75
N GLU B 110 -27.34 30.30 -19.04
CA GLU B 110 -27.44 30.33 -17.60
C GLU B 110 -26.55 29.27 -16.96
N ILE B 111 -25.89 28.46 -17.79
CA ILE B 111 -25.04 27.38 -17.30
C ILE B 111 -23.61 27.54 -17.73
N TRP B 112 -23.39 27.72 -19.02
CA TRP B 112 -22.04 27.75 -19.51
C TRP B 112 -21.34 29.04 -19.14
N ASP B 113 -22.11 30.10 -18.94
CA ASP B 113 -21.50 31.31 -18.46
C ASP B 113 -22.15 31.61 -17.13
N ASN B 114 -21.71 32.67 -16.47
CA ASN B 114 -22.29 33.12 -15.22
C ASN B 114 -22.40 31.99 -14.19
N MET B 115 -21.46 31.05 -14.16
CA MET B 115 -21.49 29.92 -13.24
C MET B 115 -20.17 29.17 -13.27
N THR B 116 -19.70 28.71 -12.11
CA THR B 116 -18.48 27.91 -12.05
C THR B 116 -18.83 26.43 -11.90
N TRP B 117 -17.86 25.54 -12.09
CA TRP B 117 -18.14 24.11 -11.96
C TRP B 117 -18.48 23.69 -10.56
N LEU B 118 -17.94 24.39 -9.57
CA LEU B 118 -18.23 24.05 -8.19
C LEU B 118 -19.70 24.29 -7.89
N GLN B 119 -20.25 25.36 -8.46
CA GLN B 119 -21.63 25.71 -8.21
C GLN B 119 -22.54 24.73 -8.90
N TRP B 120 -22.17 24.35 -10.12
CA TRP B 120 -22.95 23.42 -10.89
C TRP B 120 -22.98 22.07 -10.20
N ASP B 121 -21.84 21.63 -9.70
CA ASP B 121 -21.77 20.35 -9.03
C ASP B 121 -22.78 20.31 -7.90
N LYS B 122 -22.88 21.39 -7.12
CA LYS B 122 -23.87 21.37 -6.07
C LYS B 122 -25.28 21.37 -6.64
N GLU B 123 -25.51 22.17 -7.67
CA GLU B 123 -26.84 22.34 -8.24
C GLU B 123 -27.50 21.07 -8.70
N ILE B 124 -26.75 20.15 -9.29
CA ILE B 124 -27.39 18.90 -9.75
C ILE B 124 -26.92 17.68 -9.01
N SER B 125 -26.37 17.86 -7.83
CA SER B 125 -25.81 16.72 -7.10
C SER B 125 -26.74 15.51 -6.91
N ASN B 126 -28.04 15.75 -6.62
CA ASN B 126 -29.01 14.71 -6.29
C ASN B 126 -29.47 13.89 -7.51
N TYR B 127 -29.06 14.24 -8.75
CA TYR B 127 -29.44 13.54 -9.98
C TYR B 127 -28.28 12.77 -10.54
N THR B 128 -27.17 12.74 -9.82
CA THR B 128 -25.97 12.09 -10.34
C THR B 128 -26.17 10.64 -10.69
N GLN B 129 -26.82 9.90 -9.82
CA GLN B 129 -26.97 8.48 -10.06
C GLN B 129 -27.99 8.20 -11.14
N ILE B 130 -28.96 9.07 -11.29
CA ILE B 130 -29.94 8.85 -12.30
C ILE B 130 -29.27 8.98 -13.64
N ILE B 131 -28.45 10.02 -13.78
CA ILE B 131 -27.78 10.25 -15.03
C ILE B 131 -26.85 9.10 -15.33
N TYR B 132 -26.09 8.66 -14.34
CA TYR B 132 -25.17 7.59 -14.61
C TYR B 132 -25.89 6.33 -15.05
N GLY B 133 -27.02 6.03 -14.43
CA GLY B 133 -27.77 4.86 -14.83
C GLY B 133 -28.25 4.97 -16.28
N LEU B 134 -28.73 6.15 -16.66
CA LEU B 134 -29.22 6.33 -18.01
C LEU B 134 -28.12 6.19 -19.02
N LEU B 135 -26.94 6.69 -18.69
CA LEU B 135 -25.84 6.59 -19.62
C LEU B 135 -25.46 5.13 -19.83
N GLU B 136 -25.48 4.33 -18.76
CA GLU B 136 -25.18 2.92 -18.92
C GLU B 136 -26.19 2.24 -19.84
N GLU B 137 -27.48 2.53 -19.65
CA GLU B 137 -28.47 1.87 -20.47
C GLU B 137 -28.31 2.21 -21.92
N SER B 138 -28.00 3.47 -22.19
CA SER B 138 -27.84 3.85 -23.57
C SER B 138 -26.69 3.17 -24.22
N GLN B 139 -25.54 3.10 -23.54
CA GLN B 139 -24.42 2.49 -24.20
C GLN B 139 -24.66 1.04 -24.45
N ASN B 140 -25.34 0.34 -23.54
CA ASN B 140 -25.57 -1.06 -23.78
C ASN B 140 -26.43 -1.24 -25.02
N GLN B 141 -27.44 -0.38 -25.19
CA GLN B 141 -28.28 -0.52 -26.36
C GLN B 141 -27.49 -0.21 -27.62
N GLN B 142 -26.59 0.77 -27.55
CA GLN B 142 -25.81 1.11 -28.73
C GLN B 142 -24.92 -0.04 -29.15
N GLU B 143 -24.33 -0.76 -28.20
CA GLU B 143 -23.48 -1.86 -28.60
C GLU B 143 -24.26 -2.95 -29.28
N LYS B 144 -25.47 -3.24 -28.80
CA LYS B 144 -26.25 -4.25 -29.46
C LYS B 144 -26.61 -3.79 -30.86
N ASN B 145 -26.96 -2.52 -31.01
CA ASN B 145 -27.37 -2.04 -32.31
C ASN B 145 -26.21 -2.12 -33.30
N GLU B 146 -24.99 -1.84 -32.84
CA GLU B 146 -23.86 -1.89 -33.73
C GLU B 146 -23.57 -3.31 -34.16
N GLN B 147 -23.68 -4.27 -33.23
CA GLN B 147 -23.40 -5.63 -33.61
C GLN B 147 -24.39 -6.07 -34.68
N ASP B 148 -25.65 -5.65 -34.55
CA ASP B 148 -26.63 -6.04 -35.57
C ASP B 148 -26.33 -5.37 -36.90
N LEU B 149 -25.89 -4.10 -36.90
CA LEU B 149 -25.59 -3.45 -38.16
C LEU B 149 -24.43 -4.10 -38.88
N LEU B 150 -23.43 -4.55 -38.14
CA LEU B 150 -22.31 -5.23 -38.76
C LEU B 150 -22.75 -6.57 -39.32
N ALA B 151 -23.64 -7.26 -38.61
CA ALA B 151 -24.16 -8.54 -39.05
C ALA B 151 -24.92 -8.42 -40.36
N LEU B 152 -25.64 -7.31 -40.54
CA LEU B 152 -26.43 -7.11 -41.75
C LEU B 152 -25.58 -6.57 -42.91
N ASP B 153 -24.75 -7.47 -43.48
CA ASP B 153 -23.79 -7.20 -44.57
C ASP B 153 -23.66 -8.48 -45.43
N PHE C 11 -26.32 -9.10 -10.18
CA PHE C 11 -24.97 -9.63 -10.34
C PHE C 11 -25.06 -11.17 -10.42
N LEU C 12 -24.66 -11.73 -11.59
CA LEU C 12 -24.70 -13.15 -11.99
C LEU C 12 -26.11 -13.71 -12.10
N GLY C 13 -27.10 -12.85 -12.14
CA GLY C 13 -28.47 -13.32 -12.27
C GLY C 13 -28.66 -14.13 -13.54
N ALA C 14 -27.93 -13.78 -14.57
CA ALA C 14 -28.01 -14.45 -15.85
C ALA C 14 -27.09 -15.65 -15.95
N ALA C 15 -26.37 -16.00 -14.89
CA ALA C 15 -25.40 -17.09 -14.98
C ALA C 15 -26.00 -18.41 -15.43
N GLY C 16 -27.22 -18.72 -15.07
CA GLY C 16 -27.81 -19.97 -15.50
C GLY C 16 -28.63 -19.84 -16.77
N SER C 17 -28.61 -18.65 -17.37
CA SER C 17 -29.43 -18.40 -18.54
C SER C 17 -28.72 -18.67 -19.84
N THR C 18 -29.52 -18.73 -20.89
CA THR C 18 -29.10 -18.89 -22.25
C THR C 18 -28.10 -17.80 -22.62
N MET C 19 -26.98 -18.14 -23.30
CA MET C 19 -25.99 -17.10 -23.59
C MET C 19 -26.60 -15.93 -24.35
N GLY C 20 -27.52 -16.21 -25.25
CA GLY C 20 -28.15 -15.16 -26.05
C GLY C 20 -28.93 -14.15 -25.21
N ALA C 21 -29.23 -14.48 -23.95
CA ALA C 21 -29.92 -13.59 -23.05
C ALA C 21 -28.91 -12.91 -22.13
N ALA C 22 -27.93 -13.70 -21.68
CA ALA C 22 -26.89 -13.30 -20.74
C ALA C 22 -26.01 -12.22 -21.30
N SER C 23 -25.91 -12.15 -22.61
CA SER C 23 -25.11 -11.15 -23.27
C SER C 23 -25.63 -9.74 -23.01
N MET C 24 -26.85 -9.59 -22.49
CA MET C 24 -27.38 -8.27 -22.21
C MET C 24 -27.16 -7.77 -20.79
N THR C 25 -26.41 -8.52 -19.97
CA THR C 25 -26.14 -8.11 -18.59
C THR C 25 -24.65 -7.87 -18.36
N LEU C 26 -23.93 -7.61 -19.43
CA LEU C 26 -22.49 -7.45 -19.40
C LEU C 26 -22.06 -6.25 -18.57
N THR C 27 -22.86 -5.19 -18.56
CA THR C 27 -22.49 -4.00 -17.81
C THR C 27 -22.54 -4.27 -16.33
N VAL C 28 -23.48 -5.13 -15.94
CA VAL C 28 -23.67 -5.46 -14.55
C VAL C 28 -22.48 -6.22 -14.04
N GLN C 29 -22.00 -7.16 -14.82
CA GLN C 29 -20.87 -7.85 -14.27
C GLN C 29 -19.63 -6.97 -14.28
N ALA C 30 -19.43 -6.20 -15.35
CA ALA C 30 -18.21 -5.42 -15.44
C ALA C 30 -18.10 -4.33 -14.38
N ARG C 31 -19.21 -3.69 -14.04
CA ARG C 31 -19.17 -2.57 -13.12
C ARG C 31 -18.93 -2.98 -11.69
N ASN C 32 -18.96 -4.27 -11.40
CA ASN C 32 -18.75 -4.74 -10.05
C ASN C 32 -17.38 -5.35 -9.84
N LEU C 33 -16.49 -5.20 -10.82
CA LEU C 33 -15.17 -5.80 -10.69
C LEU C 33 -14.16 -4.99 -9.87
N LEU C 34 -14.35 -3.68 -9.74
CA LEU C 34 -13.38 -2.90 -8.93
C LEU C 34 -13.92 -2.55 -7.55
N SER C 35 -15.19 -2.21 -7.46
CA SER C 35 -15.79 -1.78 -6.19
C SER C 35 -16.27 -2.89 -5.23
N GLY C 36 -16.44 -4.14 -5.71
CA GLY C 36 -16.93 -5.28 -4.94
C GLY C 36 -17.82 -6.13 -5.82
N TRP C 60 -2.34 -7.93 9.39
CA TRP C 60 -3.43 -7.96 8.40
C TRP C 60 -3.29 -6.91 7.27
N GLY C 61 -2.42 -5.87 7.46
CA GLY C 61 -2.18 -4.80 6.47
C GLY C 61 -1.63 -5.36 5.18
N ILE C 62 -0.76 -6.35 5.28
CA ILE C 62 -0.19 -6.93 4.09
C ILE C 62 -1.25 -7.72 3.36
N LYS C 63 -2.06 -8.48 4.07
CA LYS C 63 -3.09 -9.24 3.39
C LYS C 63 -4.08 -8.33 2.68
N GLN C 64 -4.46 -7.21 3.29
CA GLN C 64 -5.40 -6.34 2.60
C GLN C 64 -4.77 -5.67 1.40
N LEU C 65 -3.49 -5.30 1.49
CA LEU C 65 -2.87 -4.73 0.32
C LEU C 65 -2.76 -5.75 -0.76
N GLN C 66 -2.46 -7.00 -0.42
CA GLN C 66 -2.36 -8.01 -1.45
C GLN C 66 -3.71 -8.21 -2.11
N ALA C 67 -4.79 -8.20 -1.33
CA ALA C 67 -6.09 -8.38 -1.94
C ALA C 67 -6.41 -7.24 -2.90
N ARG C 68 -6.07 -6.00 -2.52
CA ARG C 68 -6.38 -4.88 -3.38
C ARG C 68 -5.51 -4.85 -4.61
N VAL C 69 -4.23 -5.17 -4.45
CA VAL C 69 -3.34 -5.13 -5.57
C VAL C 69 -3.73 -6.20 -6.54
N LEU C 70 -4.07 -7.40 -6.07
CA LEU C 70 -4.47 -8.41 -7.01
C LEU C 70 -5.75 -8.01 -7.71
N ALA C 71 -6.74 -7.46 -7.01
CA ALA C 71 -7.95 -7.12 -7.73
C ALA C 71 -7.63 -6.15 -8.88
N VAL C 72 -6.73 -5.20 -8.62
CA VAL C 72 -6.34 -4.27 -9.66
C VAL C 72 -5.58 -4.96 -10.76
N GLU C 73 -4.64 -5.82 -10.40
CA GLU C 73 -3.87 -6.51 -11.40
C GLU C 73 -4.74 -7.32 -12.32
N ARG C 74 -5.71 -8.05 -11.78
CA ARG C 74 -6.53 -8.86 -12.65
C ARG C 74 -7.33 -7.99 -13.59
N TYR C 75 -7.85 -6.88 -13.08
CA TYR C 75 -8.60 -5.97 -13.90
C TYR C 75 -7.77 -5.46 -15.05
N LEU C 76 -6.55 -5.02 -14.74
CA LEU C 76 -5.72 -4.47 -15.78
C LEU C 76 -5.29 -5.51 -16.78
N ARG C 77 -5.08 -6.75 -16.37
CA ARG C 77 -4.71 -7.75 -17.35
C ARG C 77 -5.78 -7.89 -18.39
N ASP C 78 -7.04 -7.85 -17.99
CA ASP C 78 -8.10 -7.96 -18.99
C ASP C 78 -8.17 -6.73 -19.85
N GLN C 79 -7.96 -5.56 -19.26
CA GLN C 79 -8.05 -4.38 -20.09
C GLN C 79 -6.91 -4.29 -21.08
N GLN C 80 -5.70 -4.71 -20.68
CA GLN C 80 -4.61 -4.62 -21.62
C GLN C 80 -4.85 -5.57 -22.75
N LEU C 81 -5.37 -6.74 -22.44
CA LEU C 81 -5.55 -7.72 -23.45
C LEU C 81 -6.60 -7.28 -24.46
N LEU C 82 -7.69 -6.66 -23.99
CA LEU C 82 -8.68 -6.18 -24.94
C LEU C 82 -8.06 -5.11 -25.81
N GLY C 83 -7.20 -4.27 -25.24
CA GLY C 83 -6.54 -3.25 -26.04
C GLY C 83 -5.66 -3.87 -27.13
N ILE C 84 -4.93 -4.91 -26.79
CA ILE C 84 -4.05 -5.57 -27.76
C ILE C 84 -4.84 -6.11 -28.91
N TRP C 85 -6.00 -6.66 -28.65
CA TRP C 85 -6.86 -7.21 -29.68
C TRP C 85 -7.71 -6.18 -30.43
N GLY C 86 -7.63 -4.91 -30.04
CA GLY C 86 -8.44 -3.86 -30.66
C GLY C 86 -9.90 -3.73 -30.17
N CYS C 87 -10.22 -4.21 -28.94
CA CYS C 87 -11.55 -4.19 -28.34
C CYS C 87 -11.62 -3.28 -27.12
N SER C 88 -10.67 -2.38 -27.00
CA SER C 88 -10.71 -1.50 -25.83
C SER C 88 -11.92 -0.61 -25.87
N GLY C 89 -12.54 -0.42 -24.72
CA GLY C 89 -13.68 0.46 -24.62
C GLY C 89 -14.99 -0.18 -24.99
N LYS C 90 -14.98 -1.47 -25.30
CA LYS C 90 -16.21 -2.14 -25.70
C LYS C 90 -16.47 -3.36 -24.87
N LEU C 91 -17.74 -3.63 -24.59
CA LEU C 91 -18.06 -4.88 -23.91
C LEU C 91 -18.31 -5.97 -24.95
N ILE C 92 -18.76 -5.56 -26.13
CA ILE C 92 -19.00 -6.50 -27.22
C ILE C 92 -18.19 -6.03 -28.43
N CYS C 93 -17.34 -6.89 -29.04
CA CYS C 93 -16.58 -6.54 -30.26
C CYS C 93 -16.54 -7.69 -31.27
N CYS C 94 -16.57 -7.32 -32.53
CA CYS C 94 -16.42 -8.27 -33.61
C CYS C 94 -15.04 -8.08 -34.23
N THR C 95 -14.37 -9.19 -34.55
CA THR C 95 -13.05 -9.14 -35.15
C THR C 95 -12.96 -9.78 -36.53
N ASN C 96 -11.74 -9.84 -37.05
CA ASN C 96 -11.47 -10.41 -38.36
C ASN C 96 -10.87 -11.81 -38.34
N VAL C 97 -10.98 -12.48 -37.22
CA VAL C 97 -10.54 -13.85 -37.10
C VAL C 97 -11.78 -14.72 -37.26
N PRO C 98 -11.84 -15.64 -38.24
CA PRO C 98 -12.96 -16.51 -38.51
C PRO C 98 -13.00 -17.57 -37.46
N TRP C 99 -14.17 -18.13 -37.25
CA TRP C 99 -14.29 -19.24 -36.32
C TRP C 99 -13.91 -20.54 -37.02
N ASN C 100 -13.09 -21.39 -36.35
CA ASN C 100 -12.67 -22.71 -36.84
C ASN C 100 -13.59 -23.80 -36.29
N SER C 101 -13.93 -24.81 -37.15
CA SER C 101 -14.75 -25.98 -36.80
C SER C 101 -14.02 -26.87 -35.81
N THR C 102 -12.72 -26.67 -35.72
CA THR C 102 -11.86 -27.36 -34.80
C THR C 102 -12.22 -26.98 -33.38
N TRP C 103 -12.49 -25.69 -33.16
CA TRP C 103 -12.76 -25.19 -31.83
C TRP C 103 -14.13 -25.66 -31.42
N SER C 104 -15.04 -25.60 -32.37
CA SER C 104 -16.39 -26.10 -32.19
C SER C 104 -17.07 -26.27 -33.52
N ASN C 105 -17.69 -27.43 -33.71
CA ASN C 105 -18.43 -27.69 -34.91
C ASN C 105 -19.93 -27.66 -34.65
N ARG C 106 -20.31 -27.06 -33.53
CA ARG C 106 -21.71 -26.91 -33.19
C ARG C 106 -22.25 -25.80 -34.09
N ASN C 107 -23.52 -25.88 -34.49
CA ASN C 107 -24.05 -24.84 -35.35
C ASN C 107 -24.35 -23.59 -34.54
N LEU C 108 -24.74 -22.50 -35.20
CA LEU C 108 -24.90 -21.29 -34.43
C LEU C 108 -26.10 -21.30 -33.50
N SER C 109 -27.22 -21.85 -33.96
CA SER C 109 -28.44 -21.81 -33.18
C SER C 109 -28.28 -22.50 -31.85
N GLU C 110 -27.52 -23.59 -31.84
CA GLU C 110 -27.32 -24.36 -30.62
C GLU C 110 -26.22 -23.80 -29.74
N ILE C 111 -25.55 -22.73 -30.17
CA ILE C 111 -24.54 -22.10 -29.35
C ILE C 111 -25.15 -20.97 -28.60
N TRP C 112 -25.85 -20.09 -29.31
CA TRP C 112 -26.45 -18.97 -28.62
C TRP C 112 -27.72 -19.34 -27.88
N ASP C 113 -28.44 -20.36 -28.35
CA ASP C 113 -29.57 -20.81 -27.58
C ASP C 113 -29.17 -22.15 -27.00
N ASN C 114 -30.03 -22.78 -26.22
CA ASN C 114 -29.84 -24.11 -25.66
C ASN C 114 -28.60 -24.30 -24.77
N MET C 115 -27.92 -23.24 -24.39
CA MET C 115 -26.70 -23.36 -23.62
C MET C 115 -26.31 -22.09 -22.88
N THR C 116 -25.79 -22.26 -21.66
CA THR C 116 -25.33 -21.18 -20.78
C THR C 116 -23.85 -20.86 -21.03
N TRP C 117 -23.36 -19.74 -20.47
CA TRP C 117 -21.95 -19.42 -20.64
C TRP C 117 -21.05 -20.37 -19.91
N LEU C 118 -21.51 -20.93 -18.80
CA LEU C 118 -20.70 -21.87 -18.05
C LEU C 118 -20.50 -23.12 -18.90
N GLN C 119 -21.55 -23.54 -19.59
CA GLN C 119 -21.46 -24.72 -20.43
C GLN C 119 -20.58 -24.45 -21.63
N TRP C 120 -20.69 -23.26 -22.20
CA TRP C 120 -19.89 -22.87 -23.33
C TRP C 120 -18.43 -22.85 -22.93
N ASP C 121 -18.14 -22.33 -21.73
CA ASP C 121 -16.79 -22.28 -21.23
C ASP C 121 -16.23 -23.68 -21.11
N LYS C 122 -17.05 -24.65 -20.68
CA LYS C 122 -16.53 -25.99 -20.62
C LYS C 122 -16.18 -26.50 -22.02
N GLU C 123 -17.02 -26.18 -23.03
CA GLU C 123 -16.69 -26.64 -24.38
C GLU C 123 -15.43 -26.00 -24.94
N ILE C 124 -15.24 -24.71 -24.72
CA ILE C 124 -14.04 -24.08 -25.24
C ILE C 124 -13.06 -23.88 -24.13
N SER C 125 -12.10 -24.75 -24.06
CA SER C 125 -11.14 -24.73 -22.98
C SER C 125 -9.72 -24.74 -23.52
N ASN C 126 -9.31 -25.84 -24.20
CA ASN C 126 -7.98 -25.98 -24.79
C ASN C 126 -7.76 -24.98 -25.94
N TYR C 127 -8.84 -24.63 -26.68
CA TYR C 127 -8.81 -23.72 -27.83
C TYR C 127 -9.05 -22.31 -27.36
N THR C 128 -8.18 -21.86 -26.48
CA THR C 128 -8.26 -20.52 -25.93
C THR C 128 -7.07 -19.73 -26.34
N GLN C 129 -5.90 -20.24 -26.01
CA GLN C 129 -4.68 -19.49 -26.28
C GLN C 129 -4.47 -19.34 -27.76
N ILE C 130 -4.95 -20.32 -28.53
CA ILE C 130 -4.83 -20.28 -29.96
C ILE C 130 -5.64 -19.11 -30.52
N ILE C 131 -6.77 -18.80 -29.89
CA ILE C 131 -7.58 -17.73 -30.38
C ILE C 131 -6.91 -16.45 -30.04
N TYR C 132 -6.41 -16.36 -28.83
CA TYR C 132 -5.79 -15.13 -28.42
C TYR C 132 -4.64 -14.79 -29.34
N GLY C 133 -3.84 -15.79 -29.72
CA GLY C 133 -2.74 -15.53 -30.61
C GLY C 133 -3.22 -15.01 -31.96
N LEU C 134 -4.30 -15.60 -32.48
CA LEU C 134 -4.83 -15.14 -33.75
C LEU C 134 -5.37 -13.74 -33.66
N LEU C 135 -5.98 -13.38 -32.54
CA LEU C 135 -6.54 -12.06 -32.40
C LEU C 135 -5.42 -11.03 -32.44
N GLU C 136 -4.31 -11.33 -31.78
CA GLU C 136 -3.18 -10.42 -31.78
C GLU C 136 -2.61 -10.23 -33.17
N GLU C 137 -2.50 -11.32 -33.94
CA GLU C 137 -1.94 -11.22 -35.28
C GLU C 137 -2.83 -10.38 -36.17
N SER C 138 -4.13 -10.56 -36.06
CA SER C 138 -5.03 -9.80 -36.88
C SER C 138 -4.91 -8.33 -36.59
N GLN C 139 -4.85 -7.97 -35.30
CA GLN C 139 -4.78 -6.57 -34.97
C GLN C 139 -3.50 -5.94 -35.46
N ASN C 140 -2.38 -6.67 -35.43
CA ASN C 140 -1.15 -6.07 -35.93
C ASN C 140 -1.23 -5.76 -37.40
N GLN C 141 -1.85 -6.64 -38.17
CA GLN C 141 -1.93 -6.34 -39.57
C GLN C 141 -2.83 -5.14 -39.78
N GLN C 142 -3.91 -5.04 -39.01
CA GLN C 142 -4.81 -3.93 -39.18
C GLN C 142 -4.18 -2.60 -38.82
N GLU C 143 -3.37 -2.54 -37.76
CA GLU C 143 -2.78 -1.26 -37.43
C GLU C 143 -1.75 -0.86 -38.47
N LYS C 144 -1.02 -1.82 -39.02
CA LYS C 144 -0.07 -1.43 -40.04
C LYS C 144 -0.83 -0.88 -41.24
N ASN C 145 -1.94 -1.52 -41.59
CA ASN C 145 -2.67 -1.06 -42.75
C ASN C 145 -3.22 0.34 -42.54
N GLU C 146 -3.68 0.66 -41.32
CA GLU C 146 -4.19 2.00 -41.08
C GLU C 146 -3.09 3.02 -41.26
N GLN C 147 -1.91 2.73 -40.71
CA GLN C 147 -0.82 3.69 -40.80
C GLN C 147 -0.45 3.93 -42.25
N ASP C 148 -0.45 2.90 -43.07
CA ASP C 148 -0.10 3.10 -44.46
C ASP C 148 -1.18 3.87 -45.21
N LEU C 149 -2.45 3.59 -44.93
CA LEU C 149 -3.54 4.24 -45.62
C LEU C 149 -3.58 5.75 -45.35
N LEU C 150 -3.29 6.12 -44.13
CA LEU C 150 -3.29 7.51 -43.72
C LEU C 150 -2.13 8.30 -44.28
N ALA C 151 -1.17 7.62 -44.89
CA ALA C 151 -0.05 8.30 -45.52
C ALA C 151 -0.33 8.71 -46.99
N LEU C 152 -1.49 8.31 -47.58
CA LEU C 152 -1.89 8.59 -48.95
C LEU C 152 -2.64 9.92 -48.96
N ASN D 38 -17.89 -18.59 -42.32
CA ASN D 38 -19.19 -17.94 -42.19
C ASN D 38 -19.34 -17.20 -40.86
N LEU D 39 -18.88 -17.81 -39.74
CA LEU D 39 -18.95 -17.26 -38.38
C LEU D 39 -17.61 -16.69 -38.05
N TRP D 40 -17.65 -15.62 -37.29
CA TRP D 40 -16.48 -14.90 -36.88
C TRP D 40 -16.37 -14.89 -35.39
N VAL D 41 -15.16 -14.73 -34.92
CA VAL D 41 -14.90 -14.66 -33.50
C VAL D 41 -15.40 -13.33 -32.94
N THR D 42 -16.15 -13.39 -31.86
CA THR D 42 -16.58 -12.20 -31.16
C THR D 42 -16.18 -12.34 -29.72
N VAL D 43 -15.69 -11.26 -29.17
CA VAL D 43 -15.17 -11.29 -27.82
C VAL D 43 -16.08 -10.50 -26.90
N TYR D 44 -16.43 -11.10 -25.79
CA TYR D 44 -17.30 -10.45 -24.83
C TYR D 44 -16.64 -10.23 -23.49
N TYR D 45 -16.94 -9.10 -22.88
CA TYR D 45 -16.44 -8.81 -21.56
C TYR D 45 -17.61 -8.51 -20.65
N GLY D 46 -17.64 -9.16 -19.49
CA GLY D 46 -18.74 -9.01 -18.55
C GLY D 46 -19.55 -10.30 -18.54
N VAL D 47 -18.90 -11.38 -18.96
CA VAL D 47 -19.50 -12.69 -19.05
C VAL D 47 -19.68 -13.33 -17.67
N PRO D 48 -20.89 -13.79 -17.29
CA PRO D 48 -21.20 -14.34 -15.99
C PRO D 48 -20.74 -15.77 -15.73
N VAL D 49 -19.43 -15.96 -15.73
CA VAL D 49 -18.85 -17.28 -15.44
C VAL D 49 -17.80 -17.22 -14.36
N TRP D 50 -17.50 -18.38 -13.79
CA TRP D 50 -16.53 -18.47 -12.73
C TRP D 50 -15.78 -19.77 -12.66
N LYS D 51 -14.69 -19.73 -11.90
CA LYS D 51 -13.85 -20.89 -11.64
C LYS D 51 -13.75 -21.13 -10.14
N ASP D 52 -13.55 -22.35 -9.73
CA ASP D 52 -13.33 -22.56 -8.29
C ASP D 52 -12.05 -21.87 -7.90
N ALA D 53 -12.00 -21.25 -6.73
CA ALA D 53 -10.75 -20.59 -6.39
C ALA D 53 -10.52 -20.43 -4.91
N GLU D 54 -9.27 -20.25 -4.56
CA GLU D 54 -8.94 -19.99 -3.18
C GLU D 54 -8.31 -18.61 -3.06
N THR D 55 -8.97 -17.75 -2.32
CA THR D 55 -8.47 -16.41 -2.11
C THR D 55 -8.62 -16.05 -0.68
N THR D 56 -8.14 -14.88 -0.34
CA THR D 56 -8.21 -14.37 1.02
C THR D 56 -9.53 -13.68 1.26
N LEU D 57 -10.24 -14.06 2.30
CA LEU D 57 -11.51 -13.42 2.61
C LEU D 57 -11.32 -12.45 3.74
N PHE D 58 -12.17 -11.43 3.83
CA PHE D 58 -12.01 -10.50 4.92
C PHE D 58 -13.18 -10.58 5.89
N CYS D 59 -12.95 -10.13 7.14
CA CYS D 59 -13.91 -10.10 8.24
C CYS D 59 -14.78 -8.85 8.18
N ALA D 60 -16.07 -9.04 8.37
CA ALA D 60 -17.03 -7.96 8.44
C ALA D 60 -17.91 -8.17 9.68
N SER D 61 -18.51 -7.09 10.18
CA SER D 61 -19.26 -7.14 11.44
C SER D 61 -20.58 -6.34 11.46
N ASP D 62 -21.43 -6.56 12.52
CA ASP D 62 -22.75 -5.92 12.73
C ASP D 62 -23.69 -6.15 11.55
N HIS D 71 -14.73 -3.74 24.07
CA HIS D 71 -13.33 -4.18 24.04
C HIS D 71 -13.23 -5.72 23.78
N ASN D 72 -14.01 -6.21 22.81
CA ASN D 72 -14.03 -7.60 22.33
C ASN D 72 -12.77 -7.90 21.51
N VAL D 73 -12.26 -9.11 21.59
CA VAL D 73 -11.09 -9.48 20.81
C VAL D 73 -11.34 -9.38 19.31
N TRP D 74 -12.58 -9.53 18.85
CA TRP D 74 -12.87 -9.42 17.44
C TRP D 74 -13.23 -8.00 17.06
N ALA D 75 -13.16 -7.10 18.03
CA ALA D 75 -13.41 -5.70 17.77
C ALA D 75 -12.09 -5.14 17.32
N THR D 76 -12.14 -4.07 16.54
CA THR D 76 -10.97 -3.33 16.01
C THR D 76 -10.21 -4.11 14.92
N HIS D 77 -10.44 -5.42 14.85
CA HIS D 77 -9.90 -6.31 13.83
C HIS D 77 -10.91 -6.73 12.75
N CYS D 78 -12.16 -6.21 12.82
CA CYS D 78 -13.28 -6.53 11.97
C CYS D 78 -14.11 -5.24 11.94
N CYS D 79 -13.59 -4.29 11.17
CA CYS D 79 -14.07 -2.91 11.16
C CYS D 79 -14.87 -2.52 9.94
N VAL D 80 -15.44 -3.49 9.25
CA VAL D 80 -16.27 -3.21 8.09
C VAL D 80 -17.69 -3.58 8.39
N PRO D 81 -18.59 -2.63 8.66
CA PRO D 81 -19.97 -2.90 8.95
C PRO D 81 -20.57 -3.60 7.75
N THR D 82 -21.38 -4.61 7.99
CA THR D 82 -22.02 -5.29 6.89
C THR D 82 -23.47 -5.64 7.08
N ASP D 83 -23.99 -6.25 6.04
CA ASP D 83 -25.35 -6.72 5.87
C ASP D 83 -26.44 -5.68 6.19
N PRO D 84 -26.41 -4.46 5.60
CA PRO D 84 -27.43 -3.44 5.77
C PRO D 84 -28.72 -3.85 5.06
N ASN D 85 -28.59 -4.81 4.17
CA ASN D 85 -29.65 -5.30 3.34
C ASN D 85 -29.19 -6.66 2.81
N PRO D 86 -29.96 -7.74 2.97
CA PRO D 86 -29.57 -9.06 2.52
C PRO D 86 -29.46 -9.03 1.01
N GLN D 87 -28.57 -9.84 0.47
CA GLN D 87 -28.36 -9.88 -0.97
C GLN D 87 -29.08 -11.07 -1.59
N GLU D 88 -28.57 -12.27 -1.39
CA GLU D 88 -29.23 -13.47 -1.85
C GLU D 88 -29.67 -13.44 -3.30
N ILE D 89 -28.76 -13.30 -4.23
CA ILE D 89 -29.23 -13.26 -5.59
C ILE D 89 -29.47 -14.67 -6.02
N HIS D 90 -30.69 -15.01 -6.38
CA HIS D 90 -30.95 -16.39 -6.74
C HIS D 90 -30.49 -16.69 -8.14
N LEU D 91 -29.80 -17.79 -8.32
CA LEU D 91 -29.40 -18.16 -9.65
C LEU D 91 -30.31 -19.24 -10.21
N GLU D 92 -31.13 -18.88 -11.17
CA GLU D 92 -32.04 -19.89 -11.68
C GLU D 92 -31.22 -20.84 -12.55
N ASN D 93 -31.59 -22.14 -12.55
CA ASN D 93 -31.01 -23.21 -13.37
C ASN D 93 -29.49 -23.41 -13.18
N VAL D 94 -28.97 -23.27 -11.95
CA VAL D 94 -27.55 -23.50 -11.62
C VAL D 94 -27.45 -24.63 -10.64
N THR D 95 -26.70 -25.64 -11.04
CA THR D 95 -26.48 -26.82 -10.23
C THR D 95 -25.01 -26.96 -9.99
N GLU D 96 -24.57 -26.33 -8.92
CA GLU D 96 -23.14 -26.24 -8.64
C GLU D 96 -22.71 -27.33 -7.69
N GLU D 97 -21.45 -27.72 -7.74
CA GLU D 97 -20.96 -28.73 -6.80
C GLU D 97 -20.27 -28.13 -5.59
N PHE D 98 -20.78 -28.50 -4.43
CA PHE D 98 -20.28 -28.03 -3.15
C PHE D 98 -19.62 -29.14 -2.35
N ASN D 99 -18.67 -28.78 -1.49
CA ASN D 99 -18.02 -29.78 -0.68
C ASN D 99 -17.58 -29.24 0.68
N MET D 100 -18.19 -29.73 1.73
CA MET D 100 -17.87 -29.31 3.08
C MET D 100 -16.45 -29.67 3.45
N TRP D 101 -15.94 -30.75 2.92
CA TRP D 101 -14.61 -31.18 3.26
C TRP D 101 -13.67 -30.62 2.23
N LYS D 102 -12.45 -30.33 2.66
CA LYS D 102 -11.44 -29.73 1.80
C LYS D 102 -11.92 -28.35 1.33
N ASN D 103 -12.56 -27.61 2.22
CA ASN D 103 -13.00 -26.28 1.90
C ASN D 103 -11.87 -25.34 2.26
N ASN D 104 -11.87 -24.17 1.68
CA ASN D 104 -10.84 -23.19 1.97
C ASN D 104 -11.29 -22.21 3.03
N MET D 105 -12.60 -22.00 3.09
CA MET D 105 -13.12 -21.02 4.01
C MET D 105 -12.89 -21.47 5.43
N VAL D 106 -12.93 -22.78 5.63
CA VAL D 106 -12.76 -23.36 6.94
C VAL D 106 -11.34 -23.20 7.38
N GLU D 107 -10.40 -23.43 6.48
CA GLU D 107 -9.01 -23.31 6.86
C GLU D 107 -8.70 -21.85 7.18
N GLN D 108 -9.26 -20.90 6.42
CA GLN D 108 -8.97 -19.52 6.77
C GLN D 108 -9.60 -19.14 8.07
N MET D 109 -10.80 -19.60 8.36
CA MET D 109 -11.39 -19.21 9.63
C MET D 109 -10.54 -19.74 10.75
N HIS D 110 -10.04 -20.96 10.62
CA HIS D 110 -9.24 -21.54 11.67
C HIS D 110 -7.97 -20.75 11.83
N THR D 111 -7.31 -20.47 10.72
CA THR D 111 -6.05 -19.78 10.75
C THR D 111 -6.19 -18.40 11.31
N ASP D 112 -7.24 -17.69 10.91
CA ASP D 112 -7.43 -16.33 11.37
C ASP D 112 -7.73 -16.30 12.85
N ILE D 113 -8.51 -17.25 13.35
CA ILE D 113 -8.78 -17.25 14.77
C ILE D 113 -7.53 -17.50 15.55
N ILE D 114 -6.68 -18.43 15.13
CA ILE D 114 -5.50 -18.66 15.92
C ILE D 114 -4.66 -17.42 15.92
N SER D 115 -4.50 -16.79 14.76
CA SER D 115 -3.68 -15.60 14.69
C SER D 115 -4.21 -14.51 15.57
N LEU D 116 -5.52 -14.26 15.52
CA LEU D 116 -6.08 -13.22 16.33
C LEU D 116 -5.91 -13.50 17.79
N TRP D 117 -6.18 -14.74 18.16
CA TRP D 117 -6.10 -15.11 19.53
C TRP D 117 -4.71 -14.80 20.03
N ASP D 118 -3.68 -15.26 19.32
CA ASP D 118 -2.32 -15.03 19.78
C ASP D 118 -1.96 -13.57 19.81
N GLN D 119 -2.45 -12.81 18.85
CA GLN D 119 -2.14 -11.39 18.81
C GLN D 119 -2.64 -10.69 20.04
N SER D 120 -3.79 -11.10 20.54
CA SER D 120 -4.41 -10.44 21.66
C SER D 120 -3.64 -10.59 22.94
N LEU D 121 -2.74 -11.55 23.02
CA LEU D 121 -2.02 -11.76 24.25
C LEU D 121 -0.65 -11.11 24.23
N LYS D 122 -0.27 -10.56 23.08
CA LYS D 122 1.07 -10.03 23.00
C LYS D 122 1.42 -8.94 24.00
N PRO D 123 0.56 -7.96 24.28
CA PRO D 123 0.88 -6.86 25.18
C PRO D 123 0.69 -7.10 26.69
N CYS D 124 0.32 -8.33 27.15
CA CYS D 124 0.02 -8.62 28.55
C CYS D 124 1.12 -9.40 29.25
N VAL D 125 1.03 -9.40 30.56
CA VAL D 125 2.03 -9.95 31.46
C VAL D 125 2.38 -11.38 31.15
N LYS D 126 3.69 -11.64 31.08
CA LYS D 126 4.21 -12.95 30.70
C LYS D 126 4.35 -13.92 31.85
N LEU D 127 4.05 -13.43 33.04
CA LEU D 127 4.14 -14.19 34.27
C LEU D 127 5.47 -14.89 34.36
N THR D 128 6.54 -14.13 34.12
CA THR D 128 7.88 -14.62 34.24
C THR D 128 8.11 -15.24 35.63
N PRO D 129 7.71 -14.60 36.76
CA PRO D 129 7.82 -15.12 38.09
C PRO D 129 6.73 -16.16 38.25
N LEU D 130 6.55 -16.63 39.46
CA LEU D 130 5.54 -17.64 39.81
C LEU D 130 5.81 -19.12 39.42
N CYS D 131 7.07 -19.48 39.02
CA CYS D 131 7.50 -20.88 38.81
C CYS D 131 8.28 -21.34 40.02
N VAL D 132 8.19 -20.51 41.04
CA VAL D 132 8.76 -20.73 42.33
C VAL D 132 7.91 -21.83 42.88
N THR D 133 8.36 -22.54 43.89
CA THR D 133 7.47 -23.58 44.35
C THR D 133 6.48 -22.98 45.32
N LEU D 134 5.38 -23.69 45.53
CA LEU D 134 4.30 -23.25 46.39
C LEU D 134 4.17 -24.06 47.65
N GLN D 135 3.82 -23.39 48.73
CA GLN D 135 3.50 -24.07 49.99
C GLN D 135 1.98 -24.12 50.07
N CYS D 136 1.35 -25.30 49.80
CA CYS D 136 -0.11 -25.40 49.66
C CYS D 136 -0.79 -26.18 50.77
N THR D 137 -1.92 -25.61 51.19
CA THR D 137 -2.84 -26.18 52.16
C THR D 137 -4.17 -26.57 51.49
N ASN D 138 -4.68 -27.79 51.78
CA ASN D 138 -5.96 -28.31 51.31
C ASN D 138 -7.07 -27.61 52.12
N VAL D 139 -7.93 -26.81 51.43
CA VAL D 139 -8.96 -25.98 52.05
C VAL D 139 -10.22 -26.80 52.31
N THR D 140 -10.71 -26.76 53.55
CA THR D 140 -11.92 -27.48 53.96
C THR D 140 -13.05 -26.56 54.42
N ASN D 141 -12.78 -25.27 54.41
CA ASN D 141 -13.70 -24.29 54.95
C ASN D 141 -14.91 -24.09 54.06
N ASN D 142 -16.06 -24.51 54.55
CA ASN D 142 -17.34 -24.50 53.85
C ASN D 142 -17.32 -25.34 52.58
N ILE D 143 -16.58 -26.44 52.60
CA ILE D 143 -16.48 -27.32 51.46
C ILE D 143 -17.10 -28.66 51.73
N THR D 144 -17.93 -29.10 50.80
CA THR D 144 -18.60 -30.39 50.89
C THR D 144 -17.68 -31.51 50.44
N ASP D 145 -18.06 -32.76 50.73
CA ASP D 145 -17.21 -33.90 50.41
C ASP D 145 -16.89 -34.05 48.94
N ASP D 146 -17.80 -33.63 48.09
CA ASP D 146 -17.64 -33.76 46.65
C ASP D 146 -16.42 -32.99 46.12
N MET D 147 -15.99 -31.97 46.85
CA MET D 147 -14.89 -31.12 46.42
C MET D 147 -13.63 -31.22 47.27
N ARG D 148 -13.50 -32.26 48.07
CA ARG D 148 -12.30 -32.28 48.91
C ARG D 148 -11.05 -32.37 48.06
N GLY D 149 -10.10 -31.52 48.37
CA GLY D 149 -8.83 -31.49 47.68
C GLY D 149 -8.86 -30.68 46.40
N GLU D 150 -10.03 -30.11 46.06
CA GLU D 150 -10.18 -29.34 44.84
C GLU D 150 -9.51 -27.99 44.92
N LEU D 151 -9.55 -27.35 46.09
CA LEU D 151 -8.97 -26.04 46.20
C LEU D 151 -7.81 -26.04 47.14
N LYS D 152 -6.77 -25.32 46.75
CA LYS D 152 -5.60 -25.21 47.58
C LYS D 152 -5.20 -23.77 47.83
N ASN D 153 -4.82 -23.47 49.09
CA ASN D 153 -4.34 -22.18 49.58
C ASN D 153 -2.81 -22.20 49.55
N CYS D 154 -2.22 -21.58 48.52
CA CYS D 154 -0.80 -21.65 48.21
C CYS D 154 -0.07 -20.34 48.44
N SER D 155 1.00 -20.41 49.23
CA SER D 155 1.79 -19.21 49.48
C SER D 155 3.16 -19.34 48.85
N PHE D 156 3.72 -18.21 48.48
CA PHE D 156 5.02 -18.21 47.85
C PHE D 156 5.76 -16.87 47.88
N ASN D 157 7.09 -16.92 47.61
CA ASN D 157 7.95 -15.75 47.44
C ASN D 157 7.92 -15.30 45.97
N MET D 158 7.86 -13.97 45.74
CA MET D 158 7.93 -13.37 44.40
C MET D 158 8.57 -11.99 44.44
N THR D 159 8.96 -11.49 43.28
CA THR D 159 9.59 -10.19 43.17
C THR D 159 8.57 -9.07 43.24
N THR D 160 9.10 -7.86 43.39
CA THR D 160 8.33 -6.62 43.48
C THR D 160 8.95 -5.51 42.63
N GLU D 161 8.61 -4.26 42.94
CA GLU D 161 9.01 -3.09 42.14
C GLU D 161 10.52 -2.90 42.05
N LEU D 162 11.24 -3.17 43.12
CA LEU D 162 12.67 -3.01 43.10
C LEU D 162 13.27 -4.38 42.91
N ARG D 163 14.36 -4.45 42.17
CA ARG D 163 14.93 -5.76 41.84
C ARG D 163 15.41 -6.61 43.00
N ASP D 164 15.89 -6.02 44.07
CA ASP D 164 16.41 -6.80 45.16
C ASP D 164 15.43 -6.95 46.30
N LYS D 165 14.15 -6.67 46.07
CA LYS D 165 13.18 -6.81 47.12
C LYS D 165 12.23 -7.96 46.81
N LYS D 166 11.73 -8.61 47.86
CA LYS D 166 10.78 -9.69 47.70
C LYS D 166 9.55 -9.49 48.55
N GLN D 167 8.47 -10.13 48.14
CA GLN D 167 7.22 -10.13 48.88
C GLN D 167 6.65 -11.53 49.00
N LYS D 168 5.86 -11.75 50.04
CA LYS D 168 5.16 -13.01 50.24
C LYS D 168 3.70 -12.82 49.97
N VAL D 169 3.16 -13.64 49.09
CA VAL D 169 1.77 -13.56 48.74
C VAL D 169 1.13 -14.91 48.82
N TYR D 170 -0.18 -14.96 48.81
CA TYR D 170 -0.85 -16.23 48.71
C TYR D 170 -2.07 -16.10 47.86
N SER D 171 -2.51 -17.21 47.31
CA SER D 171 -3.70 -17.26 46.49
C SER D 171 -4.34 -18.64 46.41
N LEU D 172 -5.57 -18.70 45.91
CA LEU D 172 -6.16 -20.01 45.74
C LEU D 172 -5.98 -20.51 44.32
N PHE D 173 -5.82 -21.81 44.20
CA PHE D 173 -5.74 -22.48 42.93
C PHE D 173 -6.63 -23.71 42.87
N TYR D 174 -7.02 -24.06 41.66
CA TYR D 174 -7.79 -25.27 41.43
C TYR D 174 -6.82 -26.42 41.26
N ARG D 175 -7.20 -27.60 41.77
CA ARG D 175 -6.37 -28.80 41.71
C ARG D 175 -5.85 -29.08 40.32
N LEU D 176 -6.64 -28.86 39.29
CA LEU D 176 -6.21 -29.19 37.94
C LEU D 176 -4.96 -28.47 37.50
N ASP D 177 -4.69 -27.29 38.03
CA ASP D 177 -3.53 -26.53 37.61
C ASP D 177 -2.32 -26.66 38.53
N VAL D 178 -2.41 -27.49 39.57
CA VAL D 178 -1.32 -27.57 40.52
C VAL D 178 -0.79 -29.01 40.64
N VAL D 179 0.51 -29.18 40.44
CA VAL D 179 1.15 -30.49 40.50
C VAL D 179 2.13 -30.63 41.64
N GLN D 180 2.04 -31.73 42.37
CA GLN D 180 2.95 -31.91 43.48
C GLN D 180 4.36 -31.96 42.95
N ILE D 181 5.26 -31.29 43.62
CA ILE D 181 6.62 -31.26 43.14
C ILE D 181 7.21 -32.64 43.24
N ASN D 182 7.98 -33.01 42.23
CA ASN D 182 8.63 -34.31 42.22
C ASN D 182 9.67 -34.56 43.35
N GLU D 183 10.28 -33.47 43.91
CA GLU D 183 11.24 -33.49 44.99
C GLU D 183 10.51 -33.78 46.30
N LYS D 194 3.49 -31.40 50.53
CA LYS D 194 2.87 -30.07 50.68
C LYS D 194 3.43 -29.01 49.68
N GLU D 195 4.55 -29.32 48.98
CA GLU D 195 5.20 -28.44 48.01
C GLU D 195 4.70 -28.77 46.60
N TYR D 196 4.21 -27.74 45.91
CA TYR D 196 3.61 -27.83 44.57
C TYR D 196 4.11 -26.82 43.55
N ARG D 197 3.93 -27.13 42.28
CA ARG D 197 4.26 -26.20 41.21
C ARG D 197 3.07 -26.04 40.27
N LEU D 198 3.05 -24.99 39.48
CA LEU D 198 1.97 -24.84 38.50
C LEU D 198 2.29 -25.80 37.38
N ILE D 199 1.29 -26.29 36.66
CA ILE D 199 1.59 -27.33 35.67
C ILE D 199 2.45 -26.87 34.53
N ASN D 200 1.97 -25.92 33.76
CA ASN D 200 2.70 -25.51 32.58
C ASN D 200 3.64 -24.39 32.87
N CYS D 201 4.62 -24.63 33.76
CA CYS D 201 5.53 -23.57 34.19
C CYS D 201 6.90 -24.10 33.82
N ASN D 202 7.09 -25.41 33.99
CA ASN D 202 8.41 -26.01 33.76
C ASN D 202 8.82 -26.03 32.27
N THR D 203 7.85 -26.07 31.30
CA THR D 203 8.11 -26.14 29.84
C THR D 203 7.76 -24.92 28.98
N SER D 204 7.02 -23.95 29.51
CA SER D 204 6.60 -22.81 28.70
C SER D 204 6.27 -21.61 29.55
N ALA D 205 6.18 -20.44 28.92
CA ALA D 205 5.73 -19.26 29.65
C ALA D 205 4.23 -19.22 29.63
N ILE D 206 3.62 -18.72 30.69
CA ILE D 206 2.18 -18.60 30.70
C ILE D 206 1.84 -17.14 30.57
N THR D 207 1.13 -16.76 29.54
CA THR D 207 0.82 -15.34 29.39
C THR D 207 -0.52 -15.09 30.06
N GLN D 208 -0.62 -14.05 30.85
CA GLN D 208 -1.89 -13.77 31.49
C GLN D 208 -2.83 -13.20 30.48
N ALA D 209 -4.05 -13.69 30.45
CA ALA D 209 -5.02 -13.14 29.52
C ALA D 209 -5.26 -11.71 29.93
N CYS D 210 -5.48 -10.83 28.94
CA CYS D 210 -5.72 -9.42 29.16
C CYS D 210 -7.08 -9.23 29.87
N PRO D 211 -7.11 -8.55 31.03
CA PRO D 211 -8.26 -8.40 31.90
C PRO D 211 -9.39 -7.59 31.30
N LYS D 212 -9.07 -6.83 30.27
CA LYS D 212 -10.06 -6.00 29.63
C LYS D 212 -10.46 -6.49 28.26
N VAL D 213 -10.00 -7.67 27.87
CA VAL D 213 -10.35 -8.16 26.55
C VAL D 213 -11.38 -9.24 26.64
N SER D 214 -12.49 -9.03 25.97
CA SER D 214 -13.52 -10.03 25.98
C SER D 214 -13.33 -11.01 24.86
N PHE D 215 -13.46 -12.28 25.16
CA PHE D 215 -13.34 -13.29 24.13
C PHE D 215 -14.69 -13.84 23.78
N GLU D 216 -15.73 -13.15 24.19
CA GLU D 216 -17.07 -13.60 23.89
C GLU D 216 -17.23 -13.62 22.37
N PRO D 217 -17.68 -14.72 21.77
CA PRO D 217 -17.91 -14.80 20.35
C PRO D 217 -18.95 -13.78 19.94
N ILE D 218 -18.74 -13.15 18.80
CA ILE D 218 -19.72 -12.22 18.27
C ILE D 218 -19.90 -12.77 16.88
N PRO D 219 -20.97 -12.52 16.16
CA PRO D 219 -21.11 -13.00 14.82
C PRO D 219 -20.09 -12.38 13.91
N ILE D 220 -19.47 -13.19 13.09
CA ILE D 220 -18.49 -12.81 12.11
C ILE D 220 -18.94 -13.13 10.72
N HIS D 221 -18.85 -12.18 9.82
CA HIS D 221 -19.25 -12.44 8.46
C HIS D 221 -18.02 -12.51 7.58
N TYR D 222 -17.90 -13.52 6.72
CA TYR D 222 -16.77 -13.50 5.80
C TYR D 222 -17.24 -12.93 4.49
N CYS D 223 -16.44 -12.01 3.90
CA CYS D 223 -16.80 -11.31 2.67
C CYS D 223 -15.74 -11.46 1.58
N ALA D 224 -16.21 -11.62 0.36
CA ALA D 224 -15.33 -11.75 -0.78
C ALA D 224 -14.68 -10.43 -1.17
N PRO D 225 -13.44 -10.42 -1.65
CA PRO D 225 -12.76 -9.29 -2.23
C PRO D 225 -13.32 -9.06 -3.61
N ALA D 226 -13.16 -7.87 -4.16
CA ALA D 226 -13.66 -7.65 -5.50
C ALA D 226 -13.04 -8.66 -6.47
N GLY D 227 -13.88 -9.15 -7.37
CA GLY D 227 -13.48 -10.12 -8.37
C GLY D 227 -13.88 -11.53 -7.97
N PHE D 228 -14.28 -11.68 -6.72
CA PHE D 228 -14.72 -12.95 -6.17
C PHE D 228 -16.14 -12.90 -5.68
N ALA D 229 -16.74 -14.06 -5.59
CA ALA D 229 -18.10 -14.15 -5.08
C ALA D 229 -18.26 -15.39 -4.25
N ILE D 230 -19.23 -15.38 -3.35
CA ILE D 230 -19.46 -16.57 -2.57
C ILE D 230 -20.78 -17.17 -2.95
N LEU D 231 -20.76 -18.43 -3.32
CA LEU D 231 -21.98 -19.08 -3.69
C LEU D 231 -22.47 -19.80 -2.50
N LYS D 232 -23.78 -19.82 -2.31
CA LYS D 232 -24.35 -20.50 -1.19
C LYS D 232 -25.39 -21.54 -1.61
N CYS D 233 -25.31 -22.74 -1.03
CA CYS D 233 -26.23 -23.86 -1.27
C CYS D 233 -27.44 -23.74 -0.34
N LYS D 234 -28.62 -23.65 -0.93
CA LYS D 234 -29.84 -23.51 -0.15
C LYS D 234 -30.62 -24.81 0.00
N ASP D 235 -30.05 -25.91 -0.47
CA ASP D 235 -30.75 -27.17 -0.35
C ASP D 235 -30.77 -27.54 1.12
N LYS D 236 -31.74 -28.34 1.51
CA LYS D 236 -31.93 -28.74 2.90
C LYS D 236 -31.49 -30.18 3.16
N LYS D 237 -31.31 -30.94 2.08
CA LYS D 237 -30.92 -32.34 2.14
C LYS D 237 -29.50 -32.56 1.65
N PHE D 238 -28.77 -31.46 1.51
CA PHE D 238 -27.40 -31.42 0.99
C PHE D 238 -26.36 -32.37 1.63
N ASN D 239 -26.34 -32.46 2.98
CA ASN D 239 -25.47 -33.29 3.83
C ASN D 239 -23.95 -33.11 3.56
N GLY D 240 -23.52 -31.89 3.23
CA GLY D 240 -22.11 -31.51 3.05
C GLY D 240 -21.50 -31.82 1.69
N THR D 241 -22.23 -32.39 0.75
CA THR D 241 -21.54 -32.67 -0.51
C THR D 241 -22.35 -32.90 -1.77
N GLY D 242 -21.70 -32.60 -2.88
CA GLY D 242 -22.22 -32.90 -4.19
C GLY D 242 -22.97 -31.74 -4.81
N PRO D 243 -23.55 -31.95 -5.99
CA PRO D 243 -24.30 -30.97 -6.75
C PRO D 243 -25.43 -30.44 -5.89
N CYS D 244 -25.71 -29.13 -6.00
CA CYS D 244 -26.75 -28.42 -5.27
C CYS D 244 -27.56 -27.58 -6.23
N THR D 245 -28.85 -27.81 -6.14
CA THR D 245 -29.89 -27.13 -6.86
C THR D 245 -30.35 -26.05 -5.88
N ASN D 246 -30.65 -24.81 -6.37
CA ASN D 246 -31.02 -23.63 -5.58
C ASN D 246 -29.76 -23.04 -4.91
N VAL D 247 -28.98 -22.30 -5.71
CA VAL D 247 -27.72 -21.67 -5.35
C VAL D 247 -27.88 -20.17 -5.45
N SER D 248 -27.51 -19.45 -4.40
CA SER D 248 -27.61 -18.00 -4.45
C SER D 248 -26.24 -17.37 -4.35
N THR D 249 -26.13 -16.15 -4.79
CA THR D 249 -24.86 -15.45 -4.69
C THR D 249 -24.90 -14.35 -3.67
N VAL D 250 -23.89 -14.34 -2.82
CA VAL D 250 -23.78 -13.32 -1.82
C VAL D 250 -22.38 -12.72 -1.82
N GLN D 251 -22.27 -11.52 -1.26
CA GLN D 251 -20.98 -10.90 -1.02
C GLN D 251 -20.37 -11.35 0.31
N CYS D 252 -21.22 -11.50 1.36
CA CYS D 252 -20.87 -11.85 2.73
C CYS D 252 -21.68 -13.04 3.20
N THR D 253 -21.09 -13.84 4.07
CA THR D 253 -21.77 -14.98 4.68
C THR D 253 -22.67 -14.47 5.76
N HIS D 254 -23.51 -15.35 6.28
CA HIS D 254 -24.33 -15.00 7.41
C HIS D 254 -23.36 -14.87 8.56
N GLY D 255 -23.78 -14.26 9.66
CA GLY D 255 -22.83 -14.16 10.73
C GLY D 255 -22.65 -15.51 11.39
N ILE D 256 -21.42 -15.87 11.65
CA ILE D 256 -21.05 -17.09 12.32
C ILE D 256 -20.40 -16.78 13.64
N LYS D 257 -20.86 -17.38 14.70
CA LYS D 257 -20.25 -17.10 15.99
C LYS D 257 -19.09 -18.07 16.20
N PRO D 258 -17.86 -17.62 16.43
CA PRO D 258 -16.68 -18.43 16.61
C PRO D 258 -16.62 -19.04 17.99
N VAL D 259 -17.57 -19.91 18.28
CA VAL D 259 -17.67 -20.56 19.58
C VAL D 259 -16.67 -21.69 19.67
N VAL D 260 -15.93 -21.74 20.75
CA VAL D 260 -14.96 -22.79 20.95
C VAL D 260 -15.59 -23.90 21.78
N SER D 261 -15.51 -25.14 21.29
CA SER D 261 -16.11 -26.27 22.01
C SER D 261 -15.53 -27.62 21.61
N THR D 262 -16.02 -28.64 22.27
CA THR D 262 -15.63 -30.02 21.99
C THR D 262 -16.84 -30.86 22.33
N GLN D 263 -17.02 -32.01 21.67
CA GLN D 263 -18.12 -32.95 21.88
C GLN D 263 -19.48 -32.38 21.47
N LEU D 264 -19.92 -31.31 22.09
CA LEU D 264 -21.18 -30.71 21.67
C LEU D 264 -20.97 -29.38 21.01
N LEU D 265 -21.79 -29.14 20.02
CA LEU D 265 -21.79 -27.89 19.30
C LEU D 265 -22.84 -27.03 19.95
N LEU D 266 -22.45 -25.83 20.33
CA LEU D 266 -23.36 -24.93 21.04
C LEU D 266 -23.98 -23.91 20.07
N ASN D 267 -24.04 -22.58 20.43
CA ASN D 267 -24.76 -21.54 19.69
C ASN D 267 -24.37 -21.55 18.20
N GLY D 268 -25.38 -21.66 17.32
CA GLY D 268 -25.24 -21.76 15.87
C GLY D 268 -26.60 -22.02 15.27
N SER D 269 -26.62 -22.35 13.99
CA SER D 269 -27.87 -22.58 13.28
C SER D 269 -28.43 -23.98 13.48
N LEU D 270 -29.73 -24.11 13.23
CA LEU D 270 -30.39 -25.40 13.25
C LEU D 270 -30.69 -25.85 11.86
N ALA D 271 -30.80 -27.16 11.70
CA ALA D 271 -31.17 -27.75 10.43
C ALA D 271 -32.57 -27.29 10.09
N GLU D 272 -32.84 -27.03 8.82
CA GLU D 272 -34.15 -26.57 8.40
C GLU D 272 -35.34 -27.51 8.63
N GLU D 273 -35.13 -28.82 8.48
CA GLU D 273 -36.26 -29.75 8.60
C GLU D 273 -36.06 -30.86 9.61
N GLU D 274 -35.07 -31.71 9.35
CA GLU D 274 -34.77 -32.90 10.15
C GLU D 274 -33.34 -32.88 10.61
N VAL D 275 -32.96 -33.88 11.37
CA VAL D 275 -31.59 -33.96 11.80
C VAL D 275 -30.73 -34.34 10.61
N ILE D 276 -29.65 -33.60 10.40
CA ILE D 276 -28.77 -33.87 9.27
C ILE D 276 -27.47 -34.47 9.73
N ILE D 277 -27.16 -35.63 9.22
CA ILE D 277 -25.96 -36.32 9.60
C ILE D 277 -24.94 -36.26 8.49
N ARG D 278 -23.81 -35.60 8.75
CA ARG D 278 -22.81 -35.40 7.72
C ARG D 278 -21.51 -36.12 8.05
N SER D 279 -20.96 -36.82 7.09
CA SER D 279 -19.67 -37.48 7.33
C SER D 279 -18.91 -37.57 6.03
N GLU D 280 -17.59 -37.54 6.09
CA GLU D 280 -16.83 -37.65 4.85
C GLU D 280 -17.00 -39.01 4.17
N ASN D 281 -17.00 -40.08 4.99
CA ASN D 281 -17.15 -41.49 4.63
C ASN D 281 -17.82 -42.17 5.84
N ILE D 282 -19.14 -42.45 5.76
CA ILE D 282 -19.95 -42.98 6.89
C ILE D 282 -19.49 -44.37 7.32
N THR D 283 -18.85 -45.06 6.39
CA THR D 283 -18.32 -46.39 6.58
C THR D 283 -16.91 -46.41 7.17
N ASN D 284 -16.28 -45.25 7.33
CA ASN D 284 -14.93 -45.19 7.85
C ASN D 284 -14.93 -44.74 9.30
N ASN D 285 -14.59 -45.63 10.23
CA ASN D 285 -14.65 -45.32 11.67
C ASN D 285 -13.58 -44.30 12.09
N ALA D 286 -12.67 -43.97 11.19
CA ALA D 286 -11.64 -42.99 11.48
C ALA D 286 -12.12 -41.56 11.23
N LYS D 287 -13.34 -41.39 10.71
CA LYS D 287 -13.85 -40.06 10.44
C LYS D 287 -14.90 -39.63 11.45
N ASN D 288 -15.03 -38.32 11.65
CA ASN D 288 -16.05 -37.81 12.57
C ASN D 288 -17.37 -37.61 11.86
N ILE D 289 -18.44 -37.71 12.62
CA ILE D 289 -19.79 -37.46 12.15
C ILE D 289 -20.30 -36.18 12.78
N LEU D 290 -20.70 -35.24 11.95
CA LEU D 290 -21.23 -34.00 12.47
C LEU D 290 -22.74 -34.06 12.40
N VAL D 291 -23.38 -33.96 13.55
CA VAL D 291 -24.82 -34.07 13.55
C VAL D 291 -25.44 -32.75 13.87
N GLN D 292 -26.25 -32.25 12.94
CA GLN D 292 -26.91 -30.98 13.13
C GLN D 292 -28.37 -31.19 13.46
N LEU D 293 -28.79 -30.64 14.58
CA LEU D 293 -30.14 -30.85 15.04
C LEU D 293 -31.06 -29.84 14.40
N ASN D 294 -32.33 -30.20 14.25
CA ASN D 294 -33.35 -29.29 13.75
C ASN D 294 -34.13 -28.62 14.87
N GLU D 295 -33.71 -28.89 16.09
CA GLU D 295 -34.27 -28.34 17.30
C GLU D 295 -33.14 -28.03 18.24
N SER D 296 -33.23 -26.95 18.99
CA SER D 296 -32.21 -26.65 19.96
C SER D 296 -32.50 -27.33 21.28
N VAL D 297 -31.47 -27.57 22.05
CA VAL D 297 -31.65 -28.07 23.41
C VAL D 297 -30.99 -27.08 24.35
N GLN D 298 -31.71 -26.57 25.33
CA GLN D 298 -31.02 -25.64 26.20
C GLN D 298 -30.28 -26.31 27.30
N ILE D 299 -29.13 -25.76 27.57
CA ILE D 299 -28.25 -26.13 28.65
C ILE D 299 -27.88 -24.86 29.43
N ASN D 300 -27.93 -24.90 30.78
CA ASN D 300 -27.51 -23.78 31.62
C ASN D 300 -26.52 -24.26 32.69
N CYS D 301 -25.33 -23.65 32.65
CA CYS D 301 -24.14 -23.97 33.42
C CYS D 301 -23.85 -22.89 34.45
N THR D 302 -23.38 -23.31 35.59
CA THR D 302 -23.05 -22.33 36.59
C THR D 302 -21.90 -22.72 37.48
N ARG D 303 -21.27 -21.69 38.04
CA ARG D 303 -20.23 -21.86 39.02
C ARG D 303 -20.61 -21.15 40.32
N PRO D 304 -21.31 -21.82 41.22
CA PRO D 304 -21.96 -21.26 42.40
C PRO D 304 -21.02 -20.95 43.55
N ASN D 305 -20.07 -20.08 43.29
CA ASN D 305 -19.07 -19.65 44.25
C ASN D 305 -18.88 -18.15 44.15
N ASN D 306 -19.17 -17.39 45.24
CA ASN D 306 -19.02 -15.94 45.19
C ASN D 306 -17.53 -15.59 45.37
N ASN D 307 -16.83 -15.49 44.21
CA ASN D 307 -15.39 -15.28 44.14
C ASN D 307 -15.00 -13.86 44.39
N THR D 308 -13.77 -13.72 44.84
CA THR D 308 -13.14 -12.43 45.01
C THR D 308 -11.86 -12.47 44.22
N ARG D 309 -11.35 -11.28 43.86
CA ARG D 309 -10.09 -11.14 43.13
C ARG D 309 -9.02 -10.49 43.97
N LYS D 310 -7.81 -11.02 43.90
CA LYS D 310 -6.70 -10.44 44.64
C LYS D 310 -5.63 -9.89 43.70
N SER D 311 -5.48 -8.58 43.68
CA SER D 311 -4.55 -7.98 42.75
C SER D 311 -3.14 -7.94 43.32
N ILE D 312 -2.19 -8.54 42.62
CA ILE D 312 -0.81 -8.58 43.06
C ILE D 312 0.10 -7.80 42.12
N ARG D 313 0.84 -6.86 42.68
CA ARG D 313 1.73 -6.03 41.87
C ARG D 313 3.03 -6.74 41.59
N ILE D 314 3.43 -6.76 40.33
CA ILE D 314 4.65 -7.37 39.86
C ILE D 314 5.58 -6.39 39.22
N GLY D 315 6.82 -6.35 39.67
CA GLY D 315 7.76 -5.47 39.02
C GLY D 315 7.16 -4.08 38.82
N PRO D 316 7.27 -3.50 37.61
CA PRO D 316 6.86 -2.16 37.25
C PRO D 316 5.39 -1.94 37.02
N GLY D 317 4.60 -2.18 38.06
CA GLY D 317 3.17 -1.92 37.97
C GLY D 317 2.45 -2.92 37.09
N GLN D 318 2.96 -4.13 37.00
CA GLN D 318 2.32 -5.12 36.18
C GLN D 318 1.39 -5.82 37.10
N TRP D 319 0.25 -6.28 36.63
CA TRP D 319 -0.58 -6.95 37.61
C TRP D 319 -0.96 -8.35 37.27
N PHE D 320 -0.96 -9.15 38.30
CA PHE D 320 -1.40 -10.51 38.28
C PHE D 320 -2.69 -10.60 39.03
N TYR D 321 -3.67 -11.26 38.43
CA TYR D 321 -4.93 -11.33 39.11
C TYR D 321 -5.12 -12.71 39.65
N ALA D 322 -4.98 -12.83 40.95
CA ALA D 322 -5.03 -14.10 41.61
C ALA D 322 -6.42 -14.39 42.09
N THR D 323 -6.76 -15.67 42.19
CA THR D 323 -8.05 -16.01 42.76
C THR D 323 -7.98 -15.67 44.24
N GLY D 324 -8.98 -14.95 44.74
CA GLY D 324 -9.03 -14.56 46.14
C GLY D 324 -9.85 -15.60 46.88
N ASP D 325 -10.36 -15.27 48.05
CA ASP D 325 -11.09 -16.28 48.80
C ASP D 325 -12.54 -16.35 48.29
N ILE D 326 -13.35 -17.23 48.86
CA ILE D 326 -14.73 -17.39 48.45
C ILE D 326 -15.69 -17.02 49.56
N ILE D 327 -16.61 -16.16 49.22
CA ILE D 327 -17.61 -15.70 50.14
C ILE D 327 -18.76 -16.70 50.19
N GLY D 328 -19.12 -17.12 51.39
CA GLY D 328 -20.21 -18.06 51.55
C GLY D 328 -19.79 -19.48 51.22
N ASP D 329 -20.78 -20.29 50.87
CA ASP D 329 -20.62 -21.70 50.61
C ASP D 329 -19.77 -21.99 49.40
N ILE D 330 -19.00 -23.08 49.45
CA ILE D 330 -18.25 -23.47 48.27
C ILE D 330 -18.91 -24.69 47.64
N ARG D 331 -19.23 -24.59 46.35
CA ARG D 331 -19.95 -25.67 45.66
C ARG D 331 -19.40 -25.96 44.25
N GLN D 332 -19.60 -27.18 43.77
CA GLN D 332 -19.08 -27.52 42.45
C GLN D 332 -19.87 -26.93 41.29
N ALA D 333 -19.13 -26.62 40.23
CA ALA D 333 -19.72 -26.16 38.99
C ALA D 333 -20.48 -27.32 38.39
N HIS D 334 -21.56 -26.99 37.71
CA HIS D 334 -22.40 -28.00 37.07
C HIS D 334 -23.27 -27.40 35.93
N CYS D 335 -23.83 -28.29 35.05
CA CYS D 335 -24.75 -27.91 33.96
C CYS D 335 -26.05 -28.72 33.99
N ASN D 336 -27.16 -28.04 33.78
CA ASN D 336 -28.47 -28.67 33.73
C ASN D 336 -28.99 -28.75 32.28
N VAL D 337 -29.39 -29.97 31.87
CA VAL D 337 -29.94 -30.31 30.53
C VAL D 337 -31.33 -30.94 30.68
N SER D 338 -32.34 -30.42 29.98
CA SER D 338 -33.68 -31.03 30.10
C SER D 338 -33.64 -32.48 29.72
N LYS D 339 -34.20 -33.35 30.57
CA LYS D 339 -34.15 -34.78 30.35
C LYS D 339 -35.04 -35.20 29.22
N ALA D 340 -36.26 -34.68 29.20
CA ALA D 340 -37.17 -35.10 28.18
C ALA D 340 -36.67 -34.61 26.83
N THR D 341 -36.13 -33.40 26.79
CA THR D 341 -35.69 -32.88 25.53
C THR D 341 -34.53 -33.69 25.04
N TRP D 342 -33.58 -33.99 25.91
CA TRP D 342 -32.43 -34.75 25.51
C TRP D 342 -32.81 -36.14 24.97
N ASN D 343 -33.75 -36.87 25.64
CA ASN D 343 -34.16 -38.21 25.21
C ASN D 343 -34.88 -38.17 23.83
N GLU D 344 -35.71 -37.12 23.57
CA GLU D 344 -36.40 -36.93 22.28
C GLU D 344 -35.38 -36.57 21.20
N THR D 345 -34.37 -35.79 21.59
CA THR D 345 -33.33 -35.38 20.67
C THR D 345 -32.56 -36.59 20.22
N LEU D 346 -32.19 -37.48 21.14
CA LEU D 346 -31.46 -38.65 20.71
C LEU D 346 -32.36 -39.51 19.88
N GLY D 347 -33.65 -39.61 20.20
CA GLY D 347 -34.52 -40.44 19.40
C GLY D 347 -34.49 -39.98 17.94
N LYS D 348 -34.50 -38.67 17.72
CA LYS D 348 -34.44 -38.14 16.37
C LYS D 348 -33.09 -38.44 15.71
N VAL D 349 -32.01 -38.34 16.48
CA VAL D 349 -30.69 -38.62 15.96
C VAL D 349 -30.57 -40.07 15.55
N VAL D 350 -31.07 -41.00 16.36
CA VAL D 350 -30.92 -42.37 15.94
C VAL D 350 -31.84 -42.69 14.76
N LYS D 351 -33.04 -42.12 14.71
CA LYS D 351 -33.92 -42.41 13.60
C LYS D 351 -33.29 -42.09 12.26
N GLN D 352 -32.55 -40.98 12.20
CA GLN D 352 -31.90 -40.60 10.95
C GLN D 352 -30.54 -41.23 10.77
N LEU D 353 -30.06 -41.97 11.76
CA LEU D 353 -28.72 -42.55 11.76
C LEU D 353 -28.84 -43.97 11.26
N ARG D 354 -29.94 -44.63 11.62
CA ARG D 354 -30.21 -46.01 11.23
C ARG D 354 -30.27 -46.12 9.72
N LYS D 355 -30.55 -45.04 9.04
CA LYS D 355 -30.64 -45.07 7.58
C LYS D 355 -29.36 -45.54 6.92
N HIS D 356 -28.22 -45.42 7.61
CA HIS D 356 -26.95 -45.85 7.06
C HIS D 356 -26.50 -47.21 7.56
N PHE D 357 -27.26 -47.82 8.47
CA PHE D 357 -26.85 -49.08 9.06
C PHE D 357 -27.87 -50.20 8.88
N GLY D 358 -29.14 -49.83 8.83
CA GLY D 358 -30.26 -50.75 8.70
C GLY D 358 -31.34 -50.48 9.75
N ASN D 359 -32.61 -50.77 9.38
CA ASN D 359 -33.81 -50.56 10.20
C ASN D 359 -33.85 -51.43 11.47
N ASN D 360 -33.14 -52.59 11.44
CA ASN D 360 -33.04 -53.59 12.49
C ASN D 360 -31.71 -53.62 13.20
N THR D 361 -30.89 -52.57 13.09
CA THR D 361 -29.63 -52.65 13.82
C THR D 361 -29.78 -51.94 15.14
N ILE D 362 -28.84 -52.18 16.04
CA ILE D 362 -28.90 -51.50 17.31
C ILE D 362 -27.85 -50.44 17.46
N ILE D 363 -28.32 -49.28 17.87
CA ILE D 363 -27.47 -48.15 18.13
C ILE D 363 -27.40 -47.90 19.61
N ARG D 364 -26.20 -47.87 20.14
CA ARG D 364 -26.01 -47.57 21.54
C ARG D 364 -25.02 -46.45 21.68
N PHE D 365 -25.15 -45.73 22.78
CA PHE D 365 -24.24 -44.65 23.06
C PHE D 365 -23.35 -44.96 24.21
N ALA D 366 -22.18 -44.35 24.19
CA ALA D 366 -21.20 -44.53 25.24
C ALA D 366 -20.42 -43.23 25.42
N ASN D 367 -19.67 -43.10 26.53
CA ASN D 367 -18.87 -41.94 26.89
C ASN D 367 -17.52 -41.93 26.15
N SER D 368 -16.66 -40.90 26.41
CA SER D 368 -15.39 -40.67 25.73
C SER D 368 -14.32 -41.73 26.04
N SER D 369 -13.40 -41.94 25.09
CA SER D 369 -12.39 -42.98 25.22
C SER D 369 -11.09 -42.65 25.94
N GLY D 370 -10.72 -41.39 26.01
CA GLY D 370 -9.45 -41.05 26.63
C GLY D 370 -8.85 -39.79 26.02
N GLY D 371 -7.68 -39.40 26.53
CA GLY D 371 -7.04 -38.17 26.08
C GLY D 371 -7.20 -37.09 27.14
N ASP D 372 -6.84 -35.85 26.82
CA ASP D 372 -6.90 -34.79 27.82
C ASP D 372 -8.32 -34.25 27.90
N LEU D 373 -8.55 -33.27 28.77
CA LEU D 373 -9.88 -32.73 28.96
C LEU D 373 -10.42 -32.11 27.69
N GLU D 374 -9.53 -31.58 26.86
CA GLU D 374 -9.88 -30.94 25.60
C GLU D 374 -10.74 -31.87 24.72
N VAL D 375 -10.54 -33.18 24.84
CA VAL D 375 -11.29 -34.15 24.06
C VAL D 375 -12.19 -35.05 24.91
N THR D 376 -11.85 -35.28 26.20
CA THR D 376 -12.64 -36.21 26.98
C THR D 376 -13.85 -35.63 27.66
N THR D 377 -13.87 -34.32 27.86
CA THR D 377 -15.00 -33.69 28.52
C THR D 377 -15.52 -32.60 27.64
N HIS D 378 -16.69 -32.09 27.98
CA HIS D 378 -17.26 -30.95 27.28
C HIS D 378 -16.43 -29.77 27.71
N SER D 379 -16.22 -28.78 26.84
CA SER D 379 -15.35 -27.65 27.19
C SER D 379 -16.07 -26.33 27.18
N PHE D 380 -17.33 -26.34 27.60
CA PHE D 380 -18.15 -25.15 27.66
C PHE D 380 -17.31 -23.95 28.07
N ASN D 381 -17.27 -22.95 27.21
CA ASN D 381 -16.51 -21.76 27.50
C ASN D 381 -17.42 -20.59 27.92
N CYS D 382 -17.37 -20.18 29.20
CA CYS D 382 -18.13 -19.07 29.79
C CYS D 382 -17.36 -17.78 29.64
N GLY D 383 -18.02 -16.66 29.86
CA GLY D 383 -17.36 -15.36 29.71
C GLY D 383 -16.19 -15.16 30.66
N GLY D 384 -15.04 -15.76 30.27
CA GLY D 384 -13.76 -15.73 30.98
C GLY D 384 -13.42 -16.98 31.79
N GLU D 385 -14.21 -18.04 31.66
CA GLU D 385 -13.92 -19.29 32.40
C GLU D 385 -14.06 -20.56 31.58
N PHE D 386 -13.19 -21.50 31.89
CA PHE D 386 -13.19 -22.74 31.16
C PHE D 386 -13.69 -23.90 31.97
N PHE D 387 -14.85 -24.40 31.57
CA PHE D 387 -15.50 -25.48 32.27
C PHE D 387 -15.23 -26.77 31.57
N TYR D 388 -14.94 -27.78 32.33
CA TYR D 388 -14.76 -29.11 31.80
C TYR D 388 -15.84 -29.99 32.40
N CYS D 389 -16.86 -30.37 31.60
CA CYS D 389 -18.08 -31.02 32.10
C CYS D 389 -18.18 -32.47 31.69
N ASN D 390 -18.67 -33.26 32.61
CA ASN D 390 -18.82 -34.70 32.43
C ASN D 390 -20.16 -35.04 31.75
N THR D 391 -20.06 -35.52 30.50
CA THR D 391 -21.16 -35.84 29.61
C THR D 391 -21.43 -37.32 29.60
N SER D 392 -20.81 -38.12 30.48
CA SER D 392 -21.10 -39.56 30.37
C SER D 392 -22.57 -39.83 30.62
N GLY D 393 -23.21 -38.99 31.42
CA GLY D 393 -24.62 -39.13 31.76
C GLY D 393 -25.55 -38.86 30.59
N LEU D 394 -25.02 -38.26 29.53
CA LEU D 394 -25.83 -37.98 28.37
C LEU D 394 -25.76 -39.08 27.33
N PHE D 395 -24.80 -40.01 27.48
CA PHE D 395 -24.55 -41.04 26.48
C PHE D 395 -24.45 -42.44 27.06
N ASN D 396 -25.57 -42.98 27.59
CA ASN D 396 -25.64 -44.30 28.22
C ASN D 396 -26.81 -45.18 27.71
N SER D 397 -27.64 -44.69 26.73
CA SER D 397 -28.82 -45.43 26.24
C SER D 397 -28.51 -46.40 25.10
N THR D 398 -29.45 -47.32 24.92
CA THR D 398 -29.44 -48.28 23.82
C THR D 398 -30.81 -48.16 23.13
N TRP D 399 -30.82 -48.00 21.79
CA TRP D 399 -32.00 -47.79 20.96
C TRP D 399 -32.19 -48.97 20.03
N ASN D 414 -36.02 -35.73 38.35
CA ASN D 414 -37.39 -35.64 37.86
C ASN D 414 -37.41 -35.53 36.31
N ASP D 415 -37.29 -34.29 35.78
CA ASP D 415 -37.32 -33.94 34.37
C ASP D 415 -36.02 -33.32 33.85
N SER D 416 -34.93 -33.49 34.59
CA SER D 416 -33.64 -32.93 34.18
C SER D 416 -32.46 -33.79 34.62
N ILE D 417 -31.35 -33.62 33.90
CA ILE D 417 -30.09 -34.27 34.24
C ILE D 417 -29.03 -33.24 34.52
N THR D 418 -28.23 -33.48 35.54
CA THR D 418 -27.16 -32.54 35.82
C THR D 418 -25.83 -33.18 35.54
N LEU D 419 -24.93 -32.37 35.04
CA LEU D 419 -23.59 -32.79 34.73
C LEU D 419 -22.62 -32.04 35.63
N PRO D 420 -21.68 -32.69 36.31
CA PRO D 420 -20.69 -32.03 37.15
C PRO D 420 -19.69 -31.37 36.22
N CYS D 421 -19.07 -30.24 36.65
CA CYS D 421 -18.03 -29.51 35.90
C CYS D 421 -16.83 -29.12 36.76
N ARG D 422 -15.66 -29.11 36.14
CA ARG D 422 -14.44 -28.70 36.80
C ARG D 422 -13.93 -27.41 36.17
N ILE D 423 -13.21 -26.61 36.94
CA ILE D 423 -12.70 -25.34 36.44
C ILE D 423 -11.18 -25.33 36.31
N LYS D 424 -10.69 -24.90 35.16
CA LYS D 424 -9.24 -24.84 34.96
C LYS D 424 -8.86 -23.40 34.61
N GLN D 425 -7.70 -22.90 35.09
CA GLN D 425 -7.27 -21.54 34.77
C GLN D 425 -6.07 -21.48 33.83
N ILE D 426 -5.19 -22.47 33.87
CA ILE D 426 -4.07 -22.41 32.94
C ILE D 426 -4.45 -23.23 31.73
N ILE D 427 -4.64 -22.54 30.63
CA ILE D 427 -5.21 -23.15 29.46
C ILE D 427 -4.24 -23.32 28.32
N ASN D 428 -4.22 -24.52 27.77
CA ASN D 428 -3.41 -24.80 26.58
C ASN D 428 -4.40 -24.94 25.44
N MET D 429 -4.47 -23.94 24.58
CA MET D 429 -5.47 -23.98 23.54
C MET D 429 -5.00 -24.51 22.21
N TRP D 430 -5.97 -24.95 21.43
CA TRP D 430 -5.83 -25.37 20.05
C TRP D 430 -4.90 -26.54 19.90
N GLN D 431 -4.90 -27.43 20.89
CA GLN D 431 -4.06 -28.62 20.93
C GLN D 431 -2.55 -28.31 20.87
N ARG D 432 -2.14 -27.08 21.20
CA ARG D 432 -0.73 -26.74 21.20
C ARG D 432 -0.15 -26.95 22.57
N ILE D 433 1.15 -27.19 22.65
CA ILE D 433 1.78 -27.36 23.95
C ILE D 433 2.88 -26.35 24.30
N GLY D 434 3.30 -25.50 23.35
CA GLY D 434 4.38 -24.56 23.63
C GLY D 434 3.91 -23.21 24.16
N GLN D 435 2.61 -23.08 24.32
CA GLN D 435 1.97 -21.87 24.78
C GLN D 435 1.00 -22.19 25.87
N ALA D 436 0.78 -21.23 26.74
CA ALA D 436 -0.22 -21.37 27.78
C ALA D 436 -0.75 -20.00 28.11
N MET D 437 -2.00 -19.97 28.53
CA MET D 437 -2.64 -18.74 28.93
C MET D 437 -3.19 -18.83 30.34
N TYR D 438 -3.05 -17.78 31.13
CA TYR D 438 -3.68 -17.81 32.44
C TYR D 438 -4.95 -17.02 32.43
N ALA D 439 -6.05 -17.67 32.71
CA ALA D 439 -7.32 -16.99 32.73
C ALA D 439 -7.52 -16.38 34.12
N PRO D 440 -7.62 -15.06 34.25
CA PRO D 440 -7.76 -14.39 35.52
C PRO D 440 -9.15 -14.73 36.01
N PRO D 441 -9.41 -14.68 37.30
CA PRO D 441 -10.66 -14.96 37.96
C PRO D 441 -11.72 -13.90 37.74
N ILE D 442 -12.96 -14.34 37.85
CA ILE D 442 -14.16 -13.52 37.82
C ILE D 442 -14.84 -13.54 39.16
N GLN D 443 -15.12 -12.35 39.66
CA GLN D 443 -15.74 -12.17 40.96
C GLN D 443 -17.23 -12.42 40.87
N GLY D 444 -17.85 -12.81 41.96
CA GLY D 444 -19.28 -13.07 41.93
C GLY D 444 -19.54 -14.46 41.37
N VAL D 445 -20.75 -14.66 40.85
CA VAL D 445 -21.19 -15.97 40.38
C VAL D 445 -21.58 -15.98 38.92
N ILE D 446 -21.04 -16.95 38.21
CA ILE D 446 -21.30 -17.13 36.79
C ILE D 446 -22.45 -18.05 36.48
N ARG D 447 -23.35 -17.57 35.65
CA ARG D 447 -24.46 -18.35 35.15
C ARG D 447 -24.52 -18.14 33.62
N CYS D 448 -24.34 -19.23 32.84
CA CYS D 448 -24.28 -19.24 31.37
C CYS D 448 -25.46 -20.04 30.83
N VAL D 449 -26.19 -19.46 29.88
CA VAL D 449 -27.31 -20.17 29.28
C VAL D 449 -27.05 -20.28 27.79
N SER D 450 -27.09 -21.47 27.23
CA SER D 450 -26.79 -21.61 25.81
C SER D 450 -27.60 -22.72 25.11
N ASN D 451 -27.60 -22.68 23.76
CA ASN D 451 -28.30 -23.65 22.91
C ASN D 451 -27.33 -24.69 22.33
N ILE D 452 -27.67 -25.99 22.48
CA ILE D 452 -26.94 -27.10 21.87
C ILE D 452 -27.56 -27.24 20.48
N THR D 453 -26.73 -27.19 19.47
CA THR D 453 -27.19 -27.28 18.09
C THR D 453 -26.74 -28.54 17.43
N GLY D 454 -25.80 -29.24 18.03
CA GLY D 454 -25.31 -30.44 17.40
C GLY D 454 -24.31 -31.22 18.22
N LEU D 455 -23.90 -32.32 17.64
CA LEU D 455 -22.99 -33.24 18.27
C LEU D 455 -21.83 -33.61 17.38
N ILE D 456 -20.68 -33.91 17.98
CA ILE D 456 -19.62 -34.50 17.20
C ILE D 456 -19.49 -35.92 17.68
N LEU D 457 -19.82 -36.85 16.82
CA LEU D 457 -19.79 -38.25 17.22
C LEU D 457 -18.86 -39.08 16.40
N THR D 458 -18.37 -40.14 17.00
CA THR D 458 -17.58 -41.09 16.25
C THR D 458 -18.26 -42.43 16.39
N ARG D 459 -17.93 -43.35 15.49
CA ARG D 459 -18.52 -44.68 15.50
C ARG D 459 -17.42 -45.72 15.67
N ASP D 460 -17.73 -46.84 16.38
CA ASP D 460 -16.88 -48.03 16.54
C ASP D 460 -17.66 -49.09 17.31
N SER D 466 -20.71 -56.11 12.86
CA SER D 466 -21.52 -56.78 13.86
C SER D 466 -23.01 -56.37 13.65
N THR D 467 -23.83 -56.46 14.74
CA THR D 467 -25.27 -56.15 14.76
C THR D 467 -25.58 -54.87 15.54
N THR D 468 -24.60 -54.43 16.32
CA THR D 468 -24.72 -53.27 17.19
C THR D 468 -23.57 -52.34 16.94
N GLU D 469 -23.87 -51.05 16.85
CA GLU D 469 -22.89 -50.00 16.66
C GLU D 469 -22.83 -49.11 17.90
N THR D 470 -21.63 -48.67 18.27
CA THR D 470 -21.50 -47.76 19.39
C THR D 470 -21.03 -46.40 18.96
N PHE D 471 -21.75 -45.39 19.44
CA PHE D 471 -21.40 -44.02 19.14
C PHE D 471 -20.92 -43.31 20.38
N ARG D 472 -19.86 -42.53 20.21
CA ARG D 472 -19.26 -41.81 21.32
C ARG D 472 -19.02 -40.35 20.97
N PRO D 473 -19.02 -39.43 21.93
CA PRO D 473 -18.61 -38.06 21.75
C PRO D 473 -17.17 -38.02 21.28
N GLY D 474 -16.86 -37.06 20.42
CA GLY D 474 -15.50 -36.91 19.93
C GLY D 474 -15.22 -35.52 19.40
N GLY D 475 -14.30 -35.42 18.45
CA GLY D 475 -13.92 -34.12 17.94
C GLY D 475 -12.69 -33.61 18.67
N GLY D 476 -12.58 -32.29 18.79
CA GLY D 476 -11.41 -31.64 19.36
C GLY D 476 -10.63 -30.92 18.29
N ASP D 477 -10.91 -31.27 17.04
CA ASP D 477 -10.29 -30.61 15.91
C ASP D 477 -11.19 -29.45 15.63
N MET D 478 -10.72 -28.25 15.87
CA MET D 478 -11.55 -27.08 15.78
C MET D 478 -12.14 -26.85 14.43
N ARG D 479 -11.57 -27.44 13.40
CA ARG D 479 -12.15 -27.25 12.09
C ARG D 479 -13.56 -27.81 12.06
N ASP D 480 -13.84 -28.84 12.86
CA ASP D 480 -15.14 -29.46 12.87
C ASP D 480 -16.21 -28.52 13.40
N ASN D 481 -15.82 -27.50 14.17
CA ASN D 481 -16.80 -26.62 14.73
C ASN D 481 -17.12 -25.50 13.78
N TRP D 482 -16.39 -25.44 12.68
CA TRP D 482 -16.55 -24.39 11.71
C TRP D 482 -17.11 -24.96 10.42
N ARG D 483 -16.81 -26.23 10.14
CA ARG D 483 -17.37 -26.85 8.96
C ARG D 483 -18.89 -26.85 9.07
N SER D 484 -19.40 -27.00 10.28
CA SER D 484 -20.82 -27.05 10.53
C SER D 484 -21.57 -25.78 10.17
N GLU D 485 -20.89 -24.66 10.02
CA GLU D 485 -21.54 -23.42 9.60
C GLU D 485 -21.12 -23.04 8.17
N LEU D 486 -19.89 -23.38 7.79
CA LEU D 486 -19.36 -23.02 6.50
C LEU D 486 -19.62 -24.02 5.38
N TYR D 487 -20.25 -25.14 5.67
CA TYR D 487 -20.53 -26.17 4.69
C TYR D 487 -21.32 -25.73 3.49
N LYS D 488 -22.11 -24.69 3.62
CA LYS D 488 -22.93 -24.28 2.52
C LYS D 488 -22.30 -23.22 1.65
N TYR D 489 -21.07 -22.82 1.96
CA TYR D 489 -20.48 -21.77 1.14
C TYR D 489 -19.31 -22.23 0.30
N LYS D 490 -19.21 -21.65 -0.89
CA LYS D 490 -18.08 -21.91 -1.78
C LYS D 490 -17.54 -20.61 -2.36
N VAL D 491 -16.22 -20.50 -2.51
CA VAL D 491 -15.65 -19.30 -3.10
C VAL D 491 -15.31 -19.49 -4.56
N VAL D 492 -15.80 -18.59 -5.41
CA VAL D 492 -15.49 -18.70 -6.81
C VAL D 492 -14.92 -17.41 -7.36
N LYS D 493 -14.06 -17.56 -8.34
CA LYS D 493 -13.40 -16.47 -9.02
C LYS D 493 -14.13 -16.09 -10.26
N ILE D 494 -14.44 -14.81 -10.42
CA ILE D 494 -15.17 -14.40 -11.59
C ILE D 494 -14.21 -14.16 -12.72
N GLU D 495 -14.53 -14.74 -13.88
CA GLU D 495 -13.72 -14.63 -15.09
C GLU D 495 -14.55 -14.02 -16.22
N PRO D 496 -14.62 -12.68 -16.30
CA PRO D 496 -15.51 -11.91 -17.15
C PRO D 496 -15.19 -11.92 -18.63
N LEU D 497 -14.04 -12.42 -19.03
CA LEU D 497 -13.70 -12.38 -20.45
C LEU D 497 -13.97 -13.72 -21.14
N GLY D 498 -14.56 -13.69 -22.32
CA GLY D 498 -14.77 -14.93 -23.05
C GLY D 498 -15.03 -14.72 -24.54
N VAL D 499 -15.01 -15.83 -25.27
CA VAL D 499 -15.13 -15.84 -26.72
C VAL D 499 -16.20 -16.77 -27.24
N ALA D 500 -16.92 -16.34 -28.28
CA ALA D 500 -17.95 -17.15 -28.94
C ALA D 500 -18.01 -16.76 -30.44
N PRO D 501 -18.49 -17.63 -31.34
CA PRO D 501 -18.75 -17.32 -32.75
C PRO D 501 -20.00 -16.50 -32.97
N THR D 502 -20.02 -15.71 -34.03
CA THR D 502 -21.23 -14.98 -34.43
C THR D 502 -21.27 -14.54 -35.89
N ARG D 503 -22.47 -14.24 -36.39
CA ARG D 503 -22.58 -13.69 -37.74
C ARG D 503 -22.38 -12.17 -37.74
N CYS D 504 -21.14 -11.73 -37.45
CA CYS D 504 -20.69 -10.34 -37.33
C CYS D 504 -19.20 -10.25 -37.54
N LYS D 505 -18.79 -9.47 -38.52
CA LYS D 505 -17.39 -9.31 -38.84
C LYS D 505 -16.99 -7.87 -38.58
N ARG D 506 -15.76 -7.65 -38.16
CA ARG D 506 -15.31 -6.29 -37.97
C ARG D 506 -15.33 -5.52 -39.28
N ARG D 507 -15.75 -4.22 -39.24
CA ARG D 507 -15.81 -3.30 -40.40
C ARG D 507 -16.60 -3.89 -41.56
N PHE E 11 10.86 -8.47 -22.58
CA PHE E 11 11.33 -8.94 -23.87
C PHE E 11 11.79 -7.73 -24.69
N LEU E 12 13.03 -7.76 -25.19
CA LEU E 12 13.67 -6.73 -26.02
C LEU E 12 14.26 -7.33 -27.26
N GLY E 13 13.68 -8.41 -27.73
CA GLY E 13 14.23 -9.19 -28.84
C GLY E 13 14.45 -8.43 -30.14
N ALA E 14 13.65 -7.42 -30.43
CA ALA E 14 13.83 -6.68 -31.66
C ALA E 14 14.90 -5.59 -31.52
N ALA E 15 15.42 -5.41 -30.32
CA ALA E 15 16.38 -4.34 -30.13
C ALA E 15 17.57 -4.56 -31.02
N GLY E 16 18.06 -3.50 -31.59
CA GLY E 16 19.23 -3.56 -32.46
C GLY E 16 18.81 -3.65 -33.93
N SER E 17 17.56 -4.03 -34.17
CA SER E 17 17.06 -4.13 -35.53
C SER E 17 16.70 -2.71 -35.91
N THR E 18 16.41 -2.45 -37.16
CA THR E 18 16.11 -1.07 -37.48
C THR E 18 14.71 -0.68 -37.06
N MET E 19 14.45 0.62 -36.99
CA MET E 19 13.16 1.11 -36.53
C MET E 19 12.00 0.57 -37.35
N GLY E 20 12.20 0.46 -38.65
CA GLY E 20 11.16 -0.02 -39.53
C GLY E 20 10.94 -1.53 -39.43
N ALA E 21 11.83 -2.21 -38.74
CA ALA E 21 11.70 -3.64 -38.54
C ALA E 21 11.13 -3.90 -37.16
N ALA E 22 11.60 -3.14 -36.20
CA ALA E 22 11.26 -3.29 -34.80
C ALA E 22 9.79 -3.06 -34.55
N SER E 23 9.14 -2.20 -35.31
CA SER E 23 7.74 -1.91 -35.07
C SER E 23 6.85 -3.15 -35.31
N MET E 24 7.39 -4.19 -35.94
CA MET E 24 6.64 -5.39 -36.21
C MET E 24 6.31 -6.15 -34.93
N THR E 25 7.03 -5.88 -33.84
CA THR E 25 6.88 -6.60 -32.58
C THR E 25 6.31 -5.74 -31.47
N LEU E 26 5.64 -4.63 -31.79
CA LEU E 26 5.17 -3.78 -30.70
C LEU E 26 4.24 -4.50 -29.71
N THR E 27 3.46 -5.51 -30.16
CA THR E 27 2.57 -6.23 -29.23
C THR E 27 3.32 -7.15 -28.31
N VAL E 28 4.55 -7.51 -28.67
CA VAL E 28 5.29 -8.42 -27.85
C VAL E 28 5.79 -7.62 -26.68
N GLN E 29 6.32 -6.44 -26.99
CA GLN E 29 6.84 -5.66 -25.91
C GLN E 29 5.72 -5.15 -25.05
N ALA E 30 4.59 -4.74 -25.64
CA ALA E 30 3.53 -4.23 -24.79
C ALA E 30 2.97 -5.27 -23.83
N ARG E 31 2.78 -6.51 -24.27
CA ARG E 31 2.19 -7.51 -23.40
C ARG E 31 3.04 -7.81 -22.19
N ASN E 32 4.34 -7.85 -22.41
CA ASN E 32 5.26 -8.24 -21.39
C ASN E 32 5.52 -7.14 -20.37
N LEU E 33 4.94 -5.96 -20.57
CA LEU E 33 5.14 -4.89 -19.62
C LEU E 33 4.27 -5.06 -18.42
N LEU E 34 3.13 -5.72 -18.57
CA LEU E 34 2.24 -5.83 -17.44
C LEU E 34 2.26 -7.22 -16.87
N SER E 35 2.33 -8.23 -17.74
CA SER E 35 2.23 -9.61 -17.29
C SER E 35 3.33 -10.11 -16.34
N GLY E 36 4.63 -9.77 -16.60
CA GLY E 36 5.78 -10.19 -15.81
C GLY E 36 6.01 -11.71 -15.90
N TRP E 60 8.67 -8.03 5.78
CA TRP E 60 9.55 -8.21 4.64
C TRP E 60 8.81 -8.10 3.29
N GLY E 61 7.63 -8.78 3.18
CA GLY E 61 6.80 -8.94 1.97
C GLY E 61 6.31 -7.63 1.36
N ILE E 62 6.46 -6.55 2.12
CA ILE E 62 6.12 -5.22 1.67
C ILE E 62 6.98 -4.92 0.46
N LYS E 63 8.17 -5.52 0.41
CA LYS E 63 9.09 -5.37 -0.68
C LYS E 63 8.46 -5.77 -2.00
N GLN E 64 7.65 -6.83 -2.00
CA GLN E 64 7.10 -7.28 -3.26
C GLN E 64 5.89 -6.45 -3.60
N LEU E 65 5.17 -5.99 -2.59
CA LEU E 65 4.03 -5.15 -2.90
C LEU E 65 4.52 -3.87 -3.51
N GLN E 66 5.63 -3.34 -3.03
CA GLN E 66 6.13 -2.11 -3.58
C GLN E 66 6.55 -2.33 -5.02
N ALA E 67 7.17 -3.46 -5.33
CA ALA E 67 7.57 -3.72 -6.70
C ALA E 67 6.35 -3.86 -7.62
N ARG E 68 5.29 -4.49 -7.11
CA ARG E 68 4.10 -4.71 -7.93
C ARG E 68 3.32 -3.44 -8.13
N VAL E 69 3.23 -2.61 -7.11
CA VAL E 69 2.51 -1.37 -7.24
C VAL E 69 3.23 -0.49 -8.22
N LEU E 70 4.56 -0.45 -8.15
CA LEU E 70 5.25 0.39 -9.11
C LEU E 70 5.01 -0.10 -10.52
N ALA E 71 5.04 -1.40 -10.76
CA ALA E 71 4.83 -1.85 -12.12
C ALA E 71 3.47 -1.38 -12.64
N VAL E 72 2.45 -1.42 -11.78
CA VAL E 72 1.15 -0.94 -12.19
C VAL E 72 1.16 0.53 -12.46
N GLU E 73 1.78 1.32 -11.60
CA GLU E 73 1.78 2.74 -11.82
C GLU E 73 2.49 3.10 -13.09
N ARG E 74 3.60 2.44 -13.41
CA ARG E 74 4.30 2.81 -14.62
C ARG E 74 3.44 2.51 -15.84
N TYR E 75 2.76 1.37 -15.80
CA TYR E 75 1.88 0.98 -16.89
C TYR E 75 0.81 2.01 -17.10
N LEU E 76 0.16 2.42 -16.02
CA LEU E 76 -0.91 3.36 -16.15
C LEU E 76 -0.44 4.71 -16.61
N ARG E 77 0.75 5.16 -16.21
CA ARG E 77 1.19 6.46 -16.68
C ARG E 77 1.27 6.47 -18.19
N ASP E 78 1.78 5.39 -18.78
CA ASP E 78 1.87 5.37 -20.23
C ASP E 78 0.51 5.29 -20.86
N GLN E 79 -0.40 4.54 -20.24
CA GLN E 79 -1.71 4.47 -20.85
C GLN E 79 -2.42 5.80 -20.75
N GLN E 80 -2.23 6.54 -19.66
CA GLN E 80 -2.89 7.82 -19.59
C GLN E 80 -2.36 8.74 -20.65
N LEU E 81 -1.06 8.73 -20.91
CA LEU E 81 -0.56 9.64 -21.93
C LEU E 81 -1.11 9.28 -23.29
N LEU E 82 -1.18 8.02 -23.61
CA LEU E 82 -1.70 7.70 -24.90
C LEU E 82 -3.14 8.12 -24.99
N GLY E 83 -3.88 7.94 -23.91
CA GLY E 83 -5.27 8.34 -23.95
C GLY E 83 -5.44 9.84 -24.09
N ILE E 84 -4.69 10.63 -23.33
CA ILE E 84 -4.86 12.07 -23.32
C ILE E 84 -4.43 12.68 -24.64
N TRP E 85 -3.56 12.01 -25.40
CA TRP E 85 -3.13 12.46 -26.72
C TRP E 85 -4.04 11.97 -27.84
N GLY E 86 -5.09 11.22 -27.50
CA GLY E 86 -6.02 10.67 -28.50
C GLY E 86 -5.55 9.37 -29.20
N CYS E 87 -4.65 8.60 -28.56
CA CYS E 87 -4.05 7.37 -29.07
C CYS E 87 -4.51 6.16 -28.27
N SER E 88 -5.61 6.30 -27.55
CA SER E 88 -6.06 5.19 -26.76
C SER E 88 -6.34 3.99 -27.60
N GLY E 89 -5.87 2.84 -27.15
CA GLY E 89 -6.16 1.60 -27.84
C GLY E 89 -5.27 1.29 -29.03
N LYS E 90 -4.27 2.14 -29.30
CA LYS E 90 -3.44 1.89 -30.46
C LYS E 90 -1.97 1.74 -30.09
N LEU E 91 -1.22 0.94 -30.84
CA LEU E 91 0.20 0.88 -30.58
C LEU E 91 0.89 1.87 -31.51
N ILE E 92 0.26 2.12 -32.65
CA ILE E 92 0.76 3.10 -33.60
C ILE E 92 -0.37 4.11 -33.82
N CYS E 93 -0.14 5.41 -33.58
CA CYS E 93 -1.15 6.45 -33.82
C CYS E 93 -0.52 7.63 -34.54
N CYS E 94 -1.28 8.18 -35.45
CA CYS E 94 -0.79 9.31 -36.20
C CYS E 94 -1.47 10.56 -35.68
N THR E 95 -0.70 11.61 -35.50
CA THR E 95 -1.20 12.86 -34.96
C THR E 95 -1.19 13.93 -36.01
N ASN E 96 -1.64 15.11 -35.64
CA ASN E 96 -1.65 16.26 -36.52
C ASN E 96 -0.59 17.28 -36.13
N VAL E 97 0.42 16.84 -35.41
CA VAL E 97 1.51 17.73 -35.04
C VAL E 97 2.62 17.50 -36.05
N PRO E 98 3.06 18.52 -36.79
CA PRO E 98 4.05 18.43 -37.84
C PRO E 98 5.39 18.17 -37.24
N TRP E 99 6.27 17.54 -37.98
CA TRP E 99 7.61 17.34 -37.47
C TRP E 99 8.45 18.61 -37.68
N ASN E 100 9.12 19.05 -36.61
CA ASN E 100 10.03 20.20 -36.53
C ASN E 100 11.45 19.76 -36.91
N SER E 101 12.06 20.37 -37.95
CA SER E 101 13.41 20.07 -38.46
C SER E 101 14.46 20.38 -37.41
N THR E 102 14.04 21.16 -36.43
CA THR E 102 14.81 21.54 -35.26
C THR E 102 15.12 20.33 -34.43
N TRP E 103 14.14 19.42 -34.28
CA TRP E 103 14.30 18.24 -33.45
C TRP E 103 15.20 17.27 -34.18
N SER E 104 14.98 17.18 -35.47
CA SER E 104 15.79 16.34 -36.35
C SER E 104 15.66 16.77 -37.78
N ASN E 105 16.80 16.92 -38.44
CA ASN E 105 16.83 17.29 -39.83
C ASN E 105 17.22 16.13 -40.73
N ARG E 106 17.07 14.90 -40.23
CA ARG E 106 17.36 13.72 -41.03
C ARG E 106 16.11 13.51 -41.91
N ASN E 107 16.27 12.81 -43.05
CA ASN E 107 15.18 12.48 -43.97
C ASN E 107 14.38 11.30 -43.40
N LEU E 108 13.28 10.82 -44.10
CA LEU E 108 12.51 9.66 -43.61
C LEU E 108 13.46 8.44 -43.71
N SER E 109 14.12 8.37 -44.86
CA SER E 109 15.17 7.41 -45.08
C SER E 109 16.25 7.95 -44.19
N GLU E 110 17.11 7.08 -43.68
CA GLU E 110 18.16 7.40 -42.73
C GLU E 110 17.62 7.51 -41.31
N ILE E 111 16.30 7.33 -41.13
CA ILE E 111 15.73 7.19 -39.80
C ILE E 111 15.19 5.79 -39.68
N TRP E 112 14.31 5.44 -40.59
CA TRP E 112 13.63 4.17 -40.50
C TRP E 112 14.40 2.95 -40.99
N ASP E 113 15.38 3.14 -41.87
CA ASP E 113 16.13 2.04 -42.43
C ASP E 113 17.56 1.85 -41.90
N ASN E 114 18.22 2.94 -41.53
CA ASN E 114 19.60 2.88 -41.04
C ASN E 114 19.79 3.12 -39.55
N MET E 115 18.72 3.09 -38.78
CA MET E 115 18.84 3.30 -37.34
C MET E 115 17.98 2.36 -36.56
N THR E 116 18.39 2.09 -35.33
CA THR E 116 17.56 1.33 -34.39
C THR E 116 16.90 2.30 -33.44
N TRP E 117 16.00 1.80 -32.60
CA TRP E 117 15.28 2.71 -31.72
C TRP E 117 16.12 3.31 -30.63
N LEU E 118 17.14 2.61 -30.18
CA LEU E 118 17.98 3.15 -29.13
C LEU E 118 18.72 4.37 -29.62
N GLN E 119 19.14 4.32 -30.88
CA GLN E 119 19.89 5.42 -31.44
C GLN E 119 18.99 6.60 -31.62
N TRP E 120 17.78 6.32 -32.08
CA TRP E 120 16.82 7.38 -32.29
C TRP E 120 16.48 8.05 -31.01
N ASP E 121 16.24 7.25 -29.98
CA ASP E 121 15.85 7.79 -28.71
C ASP E 121 16.93 8.71 -28.18
N LYS E 122 18.20 8.34 -28.34
CA LYS E 122 19.21 9.25 -27.87
C LYS E 122 19.26 10.53 -28.70
N GLU E 123 19.15 10.45 -30.02
CA GLU E 123 19.28 11.67 -30.81
C GLU E 123 18.25 12.74 -30.49
N ILE E 124 17.02 12.34 -30.18
CA ILE E 124 16.02 13.36 -29.89
C ILE E 124 15.61 13.40 -28.43
N SER E 125 16.44 12.88 -27.53
CA SER E 125 16.06 12.82 -26.13
C SER E 125 15.79 14.17 -25.43
N ASN E 126 16.31 15.31 -25.94
CA ASN E 126 16.14 16.64 -25.36
C ASN E 126 14.82 17.34 -25.78
N TYR E 127 13.99 16.71 -26.67
CA TYR E 127 12.76 17.31 -27.20
C TYR E 127 11.51 16.56 -26.77
N THR E 128 11.68 15.51 -25.98
CA THR E 128 10.56 14.68 -25.63
C THR E 128 9.45 15.44 -24.92
N GLN E 129 9.82 16.30 -23.99
CA GLN E 129 8.83 17.06 -23.23
C GLN E 129 8.16 18.13 -24.07
N ILE E 130 8.74 18.50 -25.20
CA ILE E 130 8.18 19.51 -26.04
C ILE E 130 7.14 18.85 -26.88
N ILE E 131 7.50 17.70 -27.43
CA ILE E 131 6.58 17.00 -28.28
C ILE E 131 5.39 16.61 -27.46
N TYR E 132 5.60 16.09 -26.25
CA TYR E 132 4.47 15.70 -25.47
C TYR E 132 3.55 16.86 -25.17
N GLY E 133 4.09 18.04 -24.84
CA GLY E 133 3.21 19.16 -24.59
C GLY E 133 2.39 19.53 -25.81
N LEU E 134 3.00 19.48 -27.00
CA LEU E 134 2.30 19.82 -28.22
C LEU E 134 1.20 18.83 -28.52
N LEU E 135 1.44 17.56 -28.24
CA LEU E 135 0.44 16.56 -28.51
C LEU E 135 -0.79 16.79 -27.65
N GLU E 136 -0.59 17.18 -26.39
CA GLU E 136 -1.74 17.42 -25.53
C GLU E 136 -2.55 18.62 -26.01
N GLU E 137 -1.88 19.67 -26.48
CA GLU E 137 -2.61 20.84 -26.94
C GLU E 137 -3.44 20.50 -28.17
N SER E 138 -2.88 19.69 -29.05
CA SER E 138 -3.59 19.31 -30.24
C SER E 138 -4.84 18.54 -29.91
N GLN E 139 -4.74 17.58 -29.00
CA GLN E 139 -5.93 16.79 -28.71
C GLN E 139 -7.00 17.65 -28.11
N ASN E 140 -6.65 18.60 -27.26
CA ASN E 140 -7.70 19.42 -26.71
C ASN E 140 -8.43 20.19 -27.81
N GLN E 141 -7.68 20.71 -28.77
CA GLN E 141 -8.32 21.44 -29.84
C GLN E 141 -9.20 20.53 -30.67
N GLN E 142 -8.74 19.32 -30.93
CA GLN E 142 -9.54 18.42 -31.72
C GLN E 142 -10.83 18.07 -31.05
N GLU E 143 -10.81 17.80 -29.75
CA GLU E 143 -12.05 17.41 -29.13
C GLU E 143 -13.04 18.54 -29.13
N LYS E 144 -12.56 19.77 -28.96
CA LYS E 144 -13.48 20.88 -28.99
C LYS E 144 -14.12 20.97 -30.36
N ASN E 145 -13.35 20.77 -31.42
CA ASN E 145 -13.94 20.85 -32.73
C ASN E 145 -14.95 19.74 -32.95
N GLU E 146 -14.70 18.54 -32.41
CA GLU E 146 -15.65 17.47 -32.61
C GLU E 146 -16.97 17.81 -31.95
N GLN E 147 -16.91 18.38 -30.74
CA GLN E 147 -18.15 18.69 -30.05
C GLN E 147 -18.96 19.72 -30.81
N ASP E 148 -18.29 20.72 -31.36
CA ASP E 148 -19.00 21.73 -32.12
C ASP E 148 -19.54 21.20 -33.44
N LEU E 149 -18.87 20.22 -34.04
CA LEU E 149 -19.40 19.64 -35.26
C LEU E 149 -20.67 18.86 -34.98
N LEU E 150 -20.66 18.10 -33.88
CA LEU E 150 -21.81 17.29 -33.52
C LEU E 150 -23.01 18.17 -33.24
N ALA E 151 -22.74 19.39 -32.79
CA ALA E 151 -23.80 20.36 -32.52
C ALA E 151 -24.71 20.66 -33.74
N LEU E 152 -24.23 20.53 -34.99
CA LEU E 152 -25.01 20.82 -36.20
C LEU E 152 -26.04 19.69 -36.40
N GLU F 37 9.31 18.39 -44.52
CA GLU F 37 8.30 19.11 -45.29
C GLU F 37 6.88 18.55 -45.02
N ASN F 38 6.72 17.22 -45.24
CA ASN F 38 5.48 16.46 -45.10
C ASN F 38 5.55 15.41 -44.02
N LEU F 39 6.42 15.60 -43.04
CA LEU F 39 6.51 14.63 -41.98
C LEU F 39 5.73 15.11 -40.77
N TRP F 40 5.09 14.15 -40.12
CA TRP F 40 4.23 14.32 -38.95
C TRP F 40 4.67 13.43 -37.81
N VAL F 41 4.35 13.83 -36.60
CA VAL F 41 4.72 12.99 -35.47
C VAL F 41 3.79 11.78 -35.35
N THR F 42 4.40 10.61 -35.29
CA THR F 42 3.70 9.34 -35.04
C THR F 42 4.17 8.86 -33.70
N VAL F 43 3.24 8.47 -32.87
CA VAL F 43 3.57 8.02 -31.54
C VAL F 43 3.50 6.51 -31.52
N TYR F 44 4.52 5.87 -30.98
CA TYR F 44 4.58 4.42 -30.92
C TYR F 44 4.69 3.90 -29.51
N TYR F 45 4.00 2.81 -29.23
CA TYR F 45 4.08 2.17 -27.94
C TYR F 45 4.46 0.71 -28.09
N GLY F 46 5.46 0.28 -27.32
CA GLY F 46 5.98 -1.08 -27.40
C GLY F 46 7.35 -1.01 -28.05
N VAL F 47 7.96 0.14 -27.95
CA VAL F 47 9.27 0.38 -28.52
C VAL F 47 10.37 -0.30 -27.70
N PRO F 48 11.24 -1.14 -28.29
CA PRO F 48 12.27 -1.90 -27.61
C PRO F 48 13.49 -1.09 -27.19
N VAL F 49 13.30 -0.17 -26.27
CA VAL F 49 14.39 0.65 -25.74
C VAL F 49 14.44 0.64 -24.23
N TRP F 50 15.58 1.04 -23.68
CA TRP F 50 15.76 1.05 -22.24
C TRP F 50 16.78 2.04 -21.73
N LYS F 51 16.75 2.20 -20.42
CA LYS F 51 17.70 3.01 -19.67
C LYS F 51 18.31 2.23 -18.51
N ASP F 52 19.51 2.58 -18.11
CA ASP F 52 20.11 1.92 -16.95
C ASP F 52 19.21 2.18 -15.77
N ALA F 53 18.98 1.20 -14.90
CA ALA F 53 18.10 1.51 -13.78
C ALA F 53 18.37 0.71 -12.54
N GLU F 54 17.97 1.27 -11.42
CA GLU F 54 18.12 0.59 -10.16
C GLU F 54 16.77 0.27 -9.56
N THR F 55 16.40 -0.99 -9.58
CA THR F 55 15.12 -1.40 -9.04
C THR F 55 15.28 -2.55 -8.12
N THR F 56 14.17 -2.99 -7.59
CA THR F 56 14.11 -4.11 -6.67
C THR F 56 13.97 -5.43 -7.38
N LEU F 57 14.87 -6.37 -7.08
CA LEU F 57 14.79 -7.70 -7.67
C LEU F 57 14.22 -8.67 -6.68
N PHE F 58 13.64 -9.75 -7.17
CA PHE F 58 13.14 -10.79 -6.28
C PHE F 58 13.84 -12.08 -6.64
N CYS F 59 13.88 -13.08 -5.72
CA CYS F 59 14.52 -14.37 -5.98
C CYS F 59 13.51 -15.46 -6.30
N ALA F 60 14.03 -16.50 -6.93
CA ALA F 60 13.32 -17.71 -7.28
C ALA F 60 14.27 -18.90 -7.16
N SER F 61 13.72 -20.10 -7.08
CA SER F 61 14.55 -21.31 -6.93
C SER F 61 14.06 -22.57 -7.69
N ASP F 62 14.95 -23.59 -7.82
CA ASP F 62 14.74 -24.91 -8.45
C ASP F 62 13.95 -24.84 -9.76
N HIS F 71 14.31 -27.34 5.68
CA HIS F 71 14.31 -26.21 6.61
C HIS F 71 15.46 -25.19 6.31
N ASN F 72 15.88 -25.11 5.02
CA ASN F 72 16.88 -24.19 4.49
C ASN F 72 16.36 -22.77 4.44
N VAL F 73 17.14 -21.84 4.96
CA VAL F 73 16.65 -20.46 5.03
C VAL F 73 16.34 -19.88 3.66
N TRP F 74 17.05 -20.30 2.63
CA TRP F 74 16.77 -19.73 1.34
C TRP F 74 15.64 -20.43 0.64
N ALA F 75 15.33 -21.67 1.04
CA ALA F 75 14.25 -22.39 0.40
C ALA F 75 12.96 -21.81 0.89
N THR F 76 12.99 -21.37 2.14
CA THR F 76 11.85 -20.75 2.78
C THR F 76 11.65 -19.38 2.17
N HIS F 77 12.75 -18.65 2.01
CA HIS F 77 12.72 -17.31 1.47
C HIS F 77 12.27 -17.24 -0.02
N CYS F 78 12.92 -18.02 -0.91
CA CYS F 78 12.68 -17.99 -2.35
C CYS F 78 11.54 -18.94 -2.70
N CYS F 79 10.34 -18.51 -2.33
CA CYS F 79 9.13 -19.30 -2.53
C CYS F 79 8.68 -19.40 -3.98
N VAL F 80 9.21 -18.52 -4.82
CA VAL F 80 8.86 -18.49 -6.22
C VAL F 80 9.69 -19.51 -6.98
N PRO F 81 9.09 -20.44 -7.73
CA PRO F 81 9.78 -21.41 -8.52
C PRO F 81 10.34 -20.75 -9.76
N THR F 82 11.43 -21.25 -10.28
CA THR F 82 11.93 -20.80 -11.56
C THR F 82 11.29 -21.54 -12.68
N ASP F 83 11.38 -20.95 -13.86
CA ASP F 83 10.99 -21.57 -15.11
C ASP F 83 12.15 -22.45 -15.57
N PRO F 84 12.00 -23.78 -15.69
CA PRO F 84 13.06 -24.68 -16.12
C PRO F 84 13.70 -24.21 -17.45
N ASN F 85 12.92 -23.48 -18.26
CA ASN F 85 13.37 -22.95 -19.53
C ASN F 85 14.05 -21.60 -19.24
N PRO F 86 15.34 -21.40 -19.48
CA PRO F 86 16.05 -20.15 -19.22
C PRO F 86 15.43 -18.93 -19.93
N GLN F 87 14.70 -19.17 -21.02
CA GLN F 87 14.05 -18.12 -21.81
C GLN F 87 15.04 -17.03 -22.18
N GLU F 88 16.20 -17.41 -22.68
CA GLU F 88 17.20 -16.41 -23.03
C GLU F 88 17.04 -15.91 -24.45
N ILE F 89 16.93 -14.59 -24.60
CA ILE F 89 16.75 -13.98 -25.90
C ILE F 89 17.97 -13.26 -26.41
N HIS F 90 18.58 -13.76 -27.46
CA HIS F 90 19.79 -13.12 -27.97
C HIS F 90 19.47 -11.80 -28.64
N LEU F 91 20.23 -10.74 -28.35
CA LEU F 91 19.99 -9.48 -29.02
C LEU F 91 21.05 -9.28 -30.09
N GLU F 92 20.63 -9.20 -31.33
CA GLU F 92 21.56 -9.06 -32.43
C GLU F 92 21.91 -7.58 -32.64
N ASN F 93 23.14 -7.31 -33.10
CA ASN F 93 23.65 -5.97 -33.47
C ASN F 93 23.54 -4.93 -32.34
N VAL F 94 23.92 -5.30 -31.08
CA VAL F 94 23.94 -4.39 -29.90
C VAL F 94 25.32 -4.40 -29.25
N THR F 95 25.64 -3.30 -28.56
CA THR F 95 26.90 -3.14 -27.82
C THR F 95 26.59 -2.49 -26.49
N GLU F 96 26.31 -3.29 -25.48
CA GLU F 96 25.88 -2.76 -24.19
C GLU F 96 27.06 -2.50 -23.29
N GLU F 97 27.06 -1.38 -22.57
CA GLU F 97 28.15 -1.13 -21.62
C GLU F 97 27.84 -1.60 -20.21
N PHE F 98 28.77 -2.37 -19.66
CA PHE F 98 28.68 -2.95 -18.34
C PHE F 98 29.77 -2.43 -17.40
N ASN F 99 29.51 -2.44 -16.08
CA ASN F 99 30.53 -2.12 -15.09
C ASN F 99 30.26 -2.84 -13.79
N MET F 100 31.01 -3.90 -13.53
CA MET F 100 30.78 -4.76 -12.39
C MET F 100 31.01 -4.10 -11.03
N TRP F 101 31.71 -2.97 -11.01
CA TRP F 101 31.96 -2.34 -9.73
C TRP F 101 30.96 -1.24 -9.41
N LYS F 102 30.01 -1.02 -10.32
CA LYS F 102 28.97 -0.01 -10.16
C LYS F 102 27.60 -0.67 -10.20
N ASN F 103 27.60 -1.98 -10.10
CA ASN F 103 26.43 -2.81 -10.24
C ASN F 103 25.61 -2.93 -8.96
N ASN F 104 24.40 -2.38 -8.94
CA ASN F 104 23.59 -2.34 -7.72
C ASN F 104 22.98 -3.69 -7.36
N MET F 105 23.19 -4.69 -8.20
CA MET F 105 22.69 -6.02 -7.91
C MET F 105 23.53 -6.57 -6.78
N VAL F 106 24.75 -6.05 -6.64
CA VAL F 106 25.65 -6.52 -5.61
C VAL F 106 25.12 -6.06 -4.29
N GLU F 107 24.69 -4.82 -4.20
CA GLU F 107 24.19 -4.31 -2.96
C GLU F 107 22.93 -5.04 -2.57
N GLN F 108 22.08 -5.39 -3.53
CA GLN F 108 20.92 -6.13 -3.10
C GLN F 108 21.29 -7.51 -2.65
N MET F 109 22.22 -8.19 -3.31
CA MET F 109 22.52 -9.53 -2.83
C MET F 109 23.09 -9.45 -1.42
N HIS F 110 23.92 -8.45 -1.16
CA HIS F 110 24.48 -8.30 0.16
C HIS F 110 23.40 -7.98 1.17
N THR F 111 22.53 -7.05 0.84
CA THR F 111 21.50 -6.66 1.77
C THR F 111 20.60 -7.84 2.07
N ASP F 112 20.23 -8.61 1.05
CA ASP F 112 19.36 -9.74 1.24
C ASP F 112 20.00 -10.80 2.10
N ILE F 113 21.30 -11.05 1.95
CA ILE F 113 21.84 -12.09 2.78
C ILE F 113 21.92 -11.64 4.22
N ILE F 114 22.20 -10.36 4.46
CA ILE F 114 22.26 -9.93 5.84
C ILE F 114 20.90 -10.01 6.46
N SER F 115 19.90 -9.52 5.75
CA SER F 115 18.58 -9.51 6.29
C SER F 115 18.07 -10.90 6.54
N LEU F 116 18.27 -11.82 5.60
CA LEU F 116 17.78 -13.17 5.81
C LEU F 116 18.50 -13.82 6.94
N TRP F 117 19.81 -13.65 7.00
CA TRP F 117 20.58 -14.27 8.04
C TRP F 117 20.05 -13.85 9.38
N ASP F 118 19.84 -12.55 9.57
CA ASP F 118 19.37 -12.09 10.85
C ASP F 118 17.97 -12.50 11.14
N GLN F 119 17.09 -12.50 10.15
CA GLN F 119 15.70 -12.84 10.45
C GLN F 119 15.58 -14.25 10.97
N SER F 120 16.39 -15.15 10.43
CA SER F 120 16.36 -16.54 10.82
C SER F 120 16.86 -16.80 12.23
N LEU F 121 17.54 -15.84 12.83
CA LEU F 121 18.04 -16.01 14.17
C LEU F 121 17.19 -15.31 15.19
N LYS F 122 16.12 -14.66 14.76
CA LYS F 122 15.33 -13.96 15.75
C LYS F 122 14.60 -14.90 16.71
N PRO F 123 13.81 -15.88 16.25
CA PRO F 123 13.05 -16.74 17.12
C PRO F 123 13.89 -17.89 17.68
N CYS F 124 14.95 -17.57 18.44
CA CYS F 124 15.91 -18.53 18.97
C CYS F 124 16.29 -18.20 20.40
N VAL F 125 16.93 -19.14 21.06
CA VAL F 125 17.35 -19.02 22.45
C VAL F 125 18.56 -18.14 22.63
N LYS F 126 18.46 -17.21 23.56
CA LYS F 126 19.57 -16.33 23.88
C LYS F 126 20.46 -17.03 24.88
N LEU F 127 21.75 -16.79 24.82
CA LEU F 127 22.67 -17.39 25.76
C LEU F 127 23.16 -16.38 26.76
N THR F 128 22.40 -15.32 26.95
CA THR F 128 22.75 -14.33 27.96
C THR F 128 23.01 -15.01 29.32
N PRO F 129 22.19 -15.99 29.78
CA PRO F 129 22.34 -16.72 31.02
C PRO F 129 23.66 -17.49 31.12
N LEU F 130 24.39 -17.63 30.02
CA LEU F 130 25.67 -18.34 30.10
C LEU F 130 26.87 -17.40 30.37
N CYS F 131 26.66 -16.05 30.45
CA CYS F 131 27.72 -15.08 30.73
C CYS F 131 28.00 -15.01 32.23
N VAL F 132 28.62 -16.08 32.69
CA VAL F 132 29.02 -16.27 34.07
C VAL F 132 30.46 -16.69 34.08
N THR F 133 31.12 -16.60 35.21
CA THR F 133 32.51 -17.03 35.27
C THR F 133 32.60 -18.52 35.03
N LEU F 134 33.48 -18.94 34.16
CA LEU F 134 33.69 -20.34 33.89
C LEU F 134 34.96 -20.81 34.59
N GLN F 135 34.97 -22.07 35.03
CA GLN F 135 36.16 -22.69 35.60
C GLN F 135 36.69 -23.71 34.60
N CYS F 136 37.81 -23.38 33.88
CA CYS F 136 38.27 -24.20 32.75
C CYS F 136 39.68 -24.74 32.94
N THR F 137 39.83 -25.99 32.57
CA THR F 137 41.14 -26.65 32.56
C THR F 137 41.40 -27.27 31.19
N ASN F 138 42.64 -27.62 30.91
CA ASN F 138 42.93 -28.23 29.62
C ASN F 138 42.37 -29.62 29.54
N VAL F 139 41.94 -30.00 28.36
CA VAL F 139 41.45 -31.34 28.18
C VAL F 139 42.60 -32.33 28.19
N THR F 140 42.46 -33.37 28.99
CA THR F 140 43.44 -34.43 29.06
C THR F 140 42.77 -35.63 28.44
N ASN F 141 43.32 -36.07 27.34
CA ASN F 141 42.72 -37.11 26.55
C ASN F 141 43.75 -37.60 25.58
N ASN F 142 43.39 -38.54 24.73
CA ASN F 142 44.36 -38.98 23.75
C ASN F 142 44.41 -37.93 22.66
N ILE F 143 45.24 -36.93 22.88
CA ILE F 143 45.35 -35.79 21.99
C ILE F 143 46.65 -35.81 21.25
N THR F 144 46.55 -35.78 19.94
CA THR F 144 47.71 -35.82 19.07
C THR F 144 47.95 -34.50 18.38
N ASP F 145 48.90 -34.53 17.45
CA ASP F 145 49.32 -33.36 16.71
C ASP F 145 49.73 -32.28 17.70
N ASP F 146 49.24 -31.08 17.50
CA ASP F 146 49.49 -29.95 18.35
C ASP F 146 48.18 -29.44 18.93
N MET F 147 47.21 -30.34 19.11
CA MET F 147 45.89 -29.99 19.65
C MET F 147 45.90 -29.90 21.16
N ARG F 148 47.04 -30.18 21.77
CA ARG F 148 47.09 -30.13 23.19
C ARG F 148 47.03 -28.69 23.60
N GLY F 149 46.09 -28.38 24.47
CA GLY F 149 45.88 -27.02 24.94
C GLY F 149 44.85 -26.26 24.08
N GLU F 150 44.43 -26.85 22.96
CA GLU F 150 43.47 -26.20 22.06
C GLU F 150 42.07 -26.22 22.67
N LEU F 151 41.76 -27.31 23.36
CA LEU F 151 40.44 -27.50 23.95
C LEU F 151 40.48 -27.40 25.45
N LYS F 152 39.41 -26.83 26.01
CA LYS F 152 39.28 -26.77 27.46
C LYS F 152 37.93 -27.34 27.95
N ASN F 153 37.97 -27.97 29.14
CA ASN F 153 36.84 -28.54 29.88
C ASN F 153 36.37 -27.52 30.92
N CYS F 154 35.22 -26.86 30.67
CA CYS F 154 34.71 -25.74 31.49
C CYS F 154 33.48 -26.12 32.27
N SER F 155 33.50 -25.86 33.57
CA SER F 155 32.33 -26.09 34.38
C SER F 155 31.82 -24.77 34.88
N PHE F 156 30.51 -24.70 35.05
CA PHE F 156 29.89 -23.47 35.52
C PHE F 156 28.51 -23.71 36.11
N ASN F 157 27.96 -22.70 36.83
CA ASN F 157 26.61 -22.72 37.41
C ASN F 157 25.70 -21.74 36.64
N MET F 158 24.67 -22.31 35.96
CA MET F 158 23.67 -21.60 35.14
C MET F 158 22.28 -21.79 35.72
N THR F 159 21.29 -21.11 35.14
CA THR F 159 19.91 -21.19 35.59
C THR F 159 19.27 -22.49 35.20
N THR F 160 18.11 -22.72 35.79
CA THR F 160 17.27 -23.90 35.59
C THR F 160 15.85 -23.46 35.29
N GLU F 161 14.97 -24.42 35.07
CA GLU F 161 13.55 -24.15 34.83
C GLU F 161 12.90 -23.52 36.07
N LEU F 162 13.51 -23.73 37.24
CA LEU F 162 13.02 -23.20 38.50
C LEU F 162 13.81 -21.95 38.87
N ARG F 163 13.12 -20.84 39.04
CA ARG F 163 13.78 -19.58 39.32
C ARG F 163 14.64 -19.59 40.58
N ASP F 164 14.27 -20.42 41.53
CA ASP F 164 14.98 -20.52 42.78
C ASP F 164 16.22 -21.42 42.72
N LYS F 165 16.48 -22.08 41.58
CA LYS F 165 17.64 -22.96 41.53
C LYS F 165 18.59 -22.78 40.35
N LYS F 166 19.85 -23.08 40.66
CA LYS F 166 20.95 -23.11 39.72
C LYS F 166 21.40 -24.56 39.54
N GLN F 167 22.11 -24.82 38.45
CA GLN F 167 22.65 -26.15 38.21
C GLN F 167 24.09 -26.09 37.79
N LYS F 168 24.86 -27.11 38.17
CA LYS F 168 26.23 -27.21 37.75
C LYS F 168 26.34 -28.10 36.54
N VAL F 169 26.86 -27.53 35.48
CA VAL F 169 26.99 -28.19 34.19
C VAL F 169 28.39 -28.01 33.64
N TYR F 170 28.75 -28.78 32.64
CA TYR F 170 30.04 -28.53 32.02
C TYR F 170 29.91 -28.73 30.54
N SER F 171 30.85 -28.15 29.81
CA SER F 171 30.92 -28.28 28.36
C SER F 171 32.33 -28.12 27.84
N LEU F 172 32.56 -28.52 26.61
CA LEU F 172 33.87 -28.28 26.04
C LEU F 172 33.83 -27.06 25.16
N PHE F 173 34.93 -26.31 25.15
CA PHE F 173 35.09 -25.15 24.29
C PHE F 173 36.42 -25.13 23.58
N TYR F 174 36.44 -24.48 22.43
CA TYR F 174 37.68 -24.28 21.72
C TYR F 174 38.30 -23.03 22.30
N ARG F 175 39.62 -22.95 22.32
CA ARG F 175 40.29 -21.76 22.82
C ARG F 175 39.77 -20.46 22.22
N LEU F 176 39.41 -20.46 20.94
CA LEU F 176 38.98 -19.25 20.25
C LEU F 176 37.62 -18.71 20.68
N ASP F 177 36.92 -19.43 21.52
CA ASP F 177 35.62 -19.01 22.02
C ASP F 177 35.70 -18.40 23.43
N VAL F 178 36.82 -18.65 24.12
CA VAL F 178 36.91 -18.34 25.54
C VAL F 178 38.09 -17.42 25.93
N VAL F 179 37.81 -16.41 26.75
CA VAL F 179 38.84 -15.47 27.20
C VAL F 179 39.21 -15.62 28.66
N GLN F 180 40.51 -15.69 28.93
CA GLN F 180 40.96 -15.83 30.30
C GLN F 180 40.96 -14.54 31.05
N ILE F 181 40.46 -14.57 32.27
CA ILE F 181 40.51 -13.38 33.11
C ILE F 181 41.43 -13.51 34.36
N ASN F 182 41.81 -14.75 34.79
CA ASN F 182 42.70 -15.01 35.93
C ASN F 182 44.14 -14.56 35.56
N LYS F 194 42.25 -20.38 36.64
CA LYS F 194 41.22 -21.18 35.95
C LYS F 194 39.93 -20.37 35.60
N GLU F 195 39.91 -19.04 35.82
CA GLU F 195 38.75 -18.15 35.55
C GLU F 195 38.72 -17.62 34.12
N TYR F 196 37.61 -17.93 33.46
CA TYR F 196 37.33 -17.57 32.06
C TYR F 196 35.94 -16.97 31.82
N ARG F 197 35.80 -16.23 30.73
CA ARG F 197 34.52 -15.70 30.27
C ARG F 197 34.35 -16.04 28.80
N LEU F 198 33.13 -16.00 28.30
CA LEU F 198 33.00 -16.18 26.86
C LEU F 198 33.42 -14.87 26.24
N ILE F 199 34.04 -14.94 25.07
CA ILE F 199 34.59 -13.74 24.46
C ILE F 199 33.67 -12.59 24.19
N ASN F 200 32.48 -12.85 23.73
CA ASN F 200 31.63 -11.71 23.39
C ASN F 200 30.69 -11.14 24.46
N CYS F 201 30.79 -11.59 25.75
CA CYS F 201 29.91 -11.13 26.84
C CYS F 201 30.16 -9.66 27.22
N ASN F 202 31.25 -9.08 26.76
CA ASN F 202 31.49 -7.68 27.07
C ASN F 202 30.90 -6.72 26.01
N THR F 203 30.44 -7.20 24.80
CA THR F 203 29.89 -6.32 23.75
C THR F 203 28.48 -6.68 23.28
N SER F 204 28.08 -7.94 23.41
CA SER F 204 26.79 -8.33 22.85
C SER F 204 26.19 -9.60 23.43
N ALA F 205 24.89 -9.78 23.23
CA ALA F 205 24.29 -11.04 23.61
C ALA F 205 24.64 -12.04 22.52
N ILE F 206 24.84 -13.28 22.91
CA ILE F 206 25.12 -14.29 21.94
C ILE F 206 23.86 -15.08 21.70
N THR F 207 23.42 -15.19 20.46
CA THR F 207 22.20 -15.91 20.17
C THR F 207 22.53 -17.29 19.67
N GLN F 208 21.90 -18.31 20.21
CA GLN F 208 22.15 -19.64 19.73
C GLN F 208 21.41 -19.81 18.45
N ALA F 209 22.09 -20.29 17.43
CA ALA F 209 21.35 -20.49 16.21
C ALA F 209 20.39 -21.63 16.44
N CYS F 210 19.19 -21.58 15.86
CA CYS F 210 18.19 -22.64 15.94
C CYS F 210 18.74 -23.87 15.20
N PRO F 211 18.80 -25.04 15.86
CA PRO F 211 19.41 -26.28 15.40
C PRO F 211 18.79 -26.90 14.16
N LYS F 212 17.56 -26.51 13.86
CA LYS F 212 16.88 -27.07 12.70
C LYS F 212 17.07 -26.22 11.48
N VAL F 213 17.71 -25.08 11.64
CA VAL F 213 17.83 -24.18 10.52
C VAL F 213 19.05 -24.48 9.69
N SER F 214 18.82 -24.69 8.41
CA SER F 214 19.93 -24.96 7.54
C SER F 214 20.38 -23.75 6.79
N PHE F 215 21.67 -23.53 6.85
CA PHE F 215 22.28 -22.40 6.17
C PHE F 215 23.08 -22.89 4.99
N GLU F 216 22.81 -24.10 4.54
CA GLU F 216 23.50 -24.63 3.39
C GLU F 216 23.18 -23.73 2.19
N PRO F 217 24.14 -23.21 1.46
CA PRO F 217 23.87 -22.45 0.27
C PRO F 217 23.17 -23.31 -0.77
N ILE F 218 22.14 -22.77 -1.40
CA ILE F 218 21.47 -23.46 -2.49
C ILE F 218 21.49 -22.44 -3.60
N PRO F 219 21.37 -22.79 -4.88
CA PRO F 219 21.34 -21.82 -5.96
C PRO F 219 20.18 -20.86 -5.81
N ILE F 220 20.44 -19.58 -5.98
CA ILE F 220 19.42 -18.56 -5.93
C ILE F 220 19.36 -17.85 -7.26
N HIS F 221 18.19 -17.70 -7.84
CA HIS F 221 18.10 -17.02 -9.11
C HIS F 221 17.47 -15.65 -8.92
N TYR F 222 18.11 -14.58 -9.37
CA TYR F 222 17.48 -13.27 -9.23
C TYR F 222 16.71 -12.95 -10.48
N CYS F 223 15.45 -12.48 -10.31
CA CYS F 223 14.50 -12.22 -11.39
C CYS F 223 14.00 -10.78 -11.40
N ALA F 224 13.85 -10.24 -12.60
CA ALA F 224 13.35 -8.88 -12.78
C ALA F 224 11.85 -8.79 -12.55
N PRO F 225 11.33 -7.68 -12.00
CA PRO F 225 9.93 -7.35 -11.89
C PRO F 225 9.41 -6.92 -13.24
N ALA F 226 8.10 -6.95 -13.43
CA ALA F 226 7.57 -6.52 -14.71
C ALA F 226 7.99 -5.09 -15.01
N GLY F 227 8.36 -4.85 -16.27
CA GLY F 227 8.79 -3.55 -16.75
C GLY F 227 10.32 -3.45 -16.79
N PHE F 228 10.97 -4.43 -16.20
CA PHE F 228 12.42 -4.51 -16.14
C PHE F 228 12.97 -5.75 -16.79
N ALA F 229 14.22 -5.68 -17.14
CA ALA F 229 14.88 -6.82 -17.75
C ALA F 229 16.32 -6.88 -17.34
N ILE F 230 16.91 -8.06 -17.40
CA ILE F 230 18.31 -8.18 -17.07
C ILE F 230 19.11 -8.50 -18.30
N LEU F 231 20.13 -7.72 -18.57
CA LEU F 231 20.93 -7.99 -19.73
C LEU F 231 22.14 -8.78 -19.29
N LYS F 232 22.49 -9.79 -20.07
CA LYS F 232 23.61 -10.66 -19.78
C LYS F 232 24.72 -10.59 -20.83
N CYS F 233 25.97 -10.38 -20.38
CA CYS F 233 27.17 -10.32 -21.22
C CYS F 233 27.73 -11.73 -21.43
N LYS F 234 27.85 -12.15 -22.69
CA LYS F 234 28.34 -13.47 -23.00
C LYS F 234 29.75 -13.48 -23.53
N ASP F 235 30.43 -12.36 -23.43
CA ASP F 235 31.79 -12.30 -23.91
C ASP F 235 32.68 -13.09 -22.97
N LYS F 236 33.27 -14.17 -23.49
CA LYS F 236 34.08 -15.10 -22.72
C LYS F 236 35.34 -14.44 -22.16
N LYS F 237 35.71 -13.29 -22.71
CA LYS F 237 36.86 -12.54 -22.27
C LYS F 237 36.47 -11.25 -21.56
N PHE F 238 35.21 -11.13 -21.14
CA PHE F 238 34.80 -9.87 -20.56
C PHE F 238 35.70 -9.35 -19.42
N ASN F 239 36.15 -8.10 -19.64
CA ASN F 239 37.06 -7.20 -18.91
C ASN F 239 36.58 -6.85 -17.49
N GLY F 240 35.26 -6.70 -17.28
CA GLY F 240 34.59 -6.29 -16.04
C GLY F 240 33.94 -4.93 -16.27
N THR F 241 34.46 -4.20 -17.23
CA THR F 241 33.91 -2.92 -17.62
C THR F 241 33.88 -2.77 -19.13
N GLY F 242 33.05 -1.87 -19.61
CA GLY F 242 33.09 -1.49 -21.01
C GLY F 242 32.03 -2.21 -21.84
N PRO F 243 32.03 -1.99 -23.16
CA PRO F 243 31.05 -2.49 -24.08
C PRO F 243 31.19 -3.99 -24.19
N CYS F 244 30.07 -4.68 -24.43
CA CYS F 244 29.98 -6.12 -24.63
C CYS F 244 29.03 -6.41 -25.79
N THR F 245 29.53 -7.25 -26.67
CA THR F 245 28.80 -7.71 -27.83
C THR F 245 28.18 -9.03 -27.37
N ASN F 246 27.29 -9.65 -28.19
CA ASN F 246 26.63 -10.92 -27.86
C ASN F 246 25.86 -10.86 -26.53
N VAL F 247 25.14 -9.75 -26.31
CA VAL F 247 24.32 -9.48 -25.14
C VAL F 247 22.96 -10.09 -25.32
N SER F 248 22.49 -10.78 -24.32
CA SER F 248 21.17 -11.40 -24.38
C SER F 248 20.32 -10.95 -23.24
N THR F 249 19.03 -11.04 -23.40
CA THR F 249 18.13 -10.65 -22.33
C THR F 249 17.56 -11.83 -21.62
N VAL F 250 17.57 -11.76 -20.30
CA VAL F 250 17.01 -12.83 -19.52
C VAL F 250 16.00 -12.30 -18.53
N GLN F 251 15.15 -13.19 -18.09
CA GLN F 251 14.21 -12.86 -17.02
C GLN F 251 14.85 -13.04 -15.63
N CYS F 252 15.63 -14.15 -15.45
CA CYS F 252 16.26 -14.57 -14.22
C CYS F 252 17.73 -14.85 -14.49
N THR F 253 18.56 -14.68 -13.48
CA THR F 253 19.97 -14.99 -13.55
C THR F 253 20.15 -16.47 -13.41
N HIS F 254 21.37 -16.93 -13.66
CA HIS F 254 21.72 -18.31 -13.44
C HIS F 254 21.67 -18.49 -11.94
N GLY F 255 21.67 -19.71 -11.47
CA GLY F 255 21.63 -19.84 -10.03
C GLY F 255 22.98 -19.52 -9.45
N ILE F 256 22.97 -18.74 -8.39
CA ILE F 256 24.17 -18.38 -7.67
C ILE F 256 24.11 -18.94 -6.28
N LYS F 257 25.12 -19.67 -5.87
CA LYS F 257 25.09 -20.19 -4.52
C LYS F 257 25.67 -19.14 -3.58
N PRO F 258 25.00 -18.74 -2.50
CA PRO F 258 25.42 -17.74 -1.55
C PRO F 258 26.45 -18.31 -0.59
N VAL F 259 27.61 -18.66 -1.14
CA VAL F 259 28.69 -19.24 -0.37
C VAL F 259 29.48 -18.13 0.27
N VAL F 260 29.76 -18.26 1.55
CA VAL F 260 30.51 -17.25 2.27
C VAL F 260 31.91 -17.71 2.60
N SER F 261 32.92 -17.03 2.06
CA SER F 261 34.32 -17.39 2.27
C SER F 261 35.25 -16.22 2.07
N THR F 262 36.51 -16.41 2.48
CA THR F 262 37.55 -15.42 2.23
C THR F 262 38.75 -16.10 1.61
N GLN F 263 39.65 -15.33 0.98
CA GLN F 263 40.86 -15.83 0.30
C GLN F 263 40.54 -16.68 -0.93
N LEU F 264 39.87 -17.80 -0.73
CA LEU F 264 39.47 -18.66 -1.84
C LEU F 264 37.97 -18.68 -1.98
N LEU F 265 37.53 -18.59 -3.22
CA LEU F 265 36.14 -18.62 -3.58
C LEU F 265 35.77 -20.00 -4.01
N LEU F 266 34.82 -20.56 -3.31
CA LEU F 266 34.40 -21.92 -3.54
C LEU F 266 33.04 -22.00 -4.24
N ASN F 267 32.87 -23.07 -5.05
CA ASN F 267 31.67 -23.52 -5.77
C ASN F 267 31.03 -22.44 -6.68
N GLY F 268 31.83 -21.62 -7.38
CA GLY F 268 31.37 -20.57 -8.31
C GLY F 268 31.46 -21.04 -9.76
N SER F 269 31.40 -20.09 -10.68
CA SER F 269 31.46 -20.40 -12.09
C SER F 269 32.90 -20.42 -12.57
N LEU F 270 33.16 -21.21 -13.60
CA LEU F 270 34.49 -21.22 -14.21
C LEU F 270 34.54 -20.39 -15.48
N ALA F 271 35.72 -19.93 -15.79
CA ALA F 271 36.00 -19.20 -17.02
C ALA F 271 35.94 -20.19 -18.16
N GLU F 272 35.62 -19.75 -19.36
CA GLU F 272 35.64 -20.71 -20.47
C GLU F 272 37.07 -21.05 -20.89
N GLU F 273 37.95 -20.06 -20.85
CA GLU F 273 39.34 -20.25 -21.26
C GLU F 273 40.29 -19.50 -20.34
N GLU F 274 41.47 -20.05 -20.09
CA GLU F 274 42.53 -19.42 -19.30
C GLU F 274 42.07 -18.97 -17.90
N VAL F 275 42.49 -17.76 -17.53
CA VAL F 275 42.17 -17.14 -16.28
C VAL F 275 41.74 -15.73 -16.58
N ILE F 276 40.65 -15.30 -16.03
CA ILE F 276 40.24 -13.94 -16.29
C ILE F 276 40.54 -13.15 -15.05
N ILE F 277 41.37 -12.14 -15.18
CA ILE F 277 41.74 -11.38 -14.00
C ILE F 277 41.06 -10.03 -14.03
N ARG F 278 40.21 -9.77 -13.05
CA ARG F 278 39.45 -8.53 -13.07
C ARG F 278 39.65 -7.68 -11.83
N SER F 279 39.96 -6.42 -12.02
CA SER F 279 40.10 -5.51 -10.90
C SER F 279 39.70 -4.14 -11.36
N GLU F 280 39.26 -3.28 -10.45
CA GLU F 280 38.83 -1.97 -10.89
C GLU F 280 39.89 -1.09 -11.56
N ASN F 281 41.16 -1.04 -11.02
CA ASN F 281 42.24 -0.20 -11.56
C ASN F 281 43.51 -0.98 -11.96
N ILE F 282 43.85 -2.09 -11.27
CA ILE F 282 45.10 -2.90 -11.36
C ILE F 282 46.29 -2.14 -10.79
N THR F 283 46.52 -0.94 -11.34
CA THR F 283 47.59 -0.02 -10.99
C THR F 283 47.50 0.39 -9.54
N ASN F 284 46.31 0.65 -9.06
CA ASN F 284 46.12 1.01 -7.68
C ASN F 284 46.02 -0.29 -6.92
N ASN F 285 47.04 -0.58 -6.13
CA ASN F 285 47.15 -1.86 -5.48
C ASN F 285 46.22 -2.01 -4.30
N ALA F 286 45.47 -0.96 -3.99
CA ALA F 286 44.53 -0.98 -2.90
C ALA F 286 43.25 -1.73 -3.28
N LYS F 287 43.06 -2.00 -4.56
CA LYS F 287 41.85 -2.68 -4.99
C LYS F 287 42.05 -4.19 -4.96
N ASN F 288 40.99 -4.94 -4.67
CA ASN F 288 41.08 -6.40 -4.72
C ASN F 288 41.04 -6.89 -6.15
N ILE F 289 41.79 -7.94 -6.41
CA ILE F 289 41.82 -8.58 -7.70
C ILE F 289 41.04 -9.87 -7.65
N LEU F 290 40.05 -9.99 -8.51
CA LEU F 290 39.24 -11.19 -8.51
C LEU F 290 39.72 -12.07 -9.65
N VAL F 291 40.17 -13.24 -9.31
CA VAL F 291 40.72 -14.13 -10.31
C VAL F 291 39.82 -15.31 -10.56
N GLN F 292 39.33 -15.44 -11.79
CA GLN F 292 38.44 -16.54 -12.15
C GLN F 292 39.18 -17.57 -12.99
N LEU F 293 39.14 -18.81 -12.55
CA LEU F 293 39.87 -19.89 -13.23
C LEU F 293 38.98 -20.63 -14.23
N ASN F 294 39.55 -21.21 -15.34
CA ASN F 294 38.79 -22.09 -16.25
C ASN F 294 38.75 -23.57 -15.81
N GLU F 295 39.47 -23.94 -14.73
CA GLU F 295 39.53 -25.28 -14.17
C GLU F 295 39.36 -25.16 -12.68
N SER F 296 38.62 -26.07 -12.10
CA SER F 296 38.44 -26.06 -10.67
C SER F 296 39.56 -26.81 -9.99
N VAL F 297 39.81 -26.48 -8.73
CA VAL F 297 40.77 -27.24 -7.95
C VAL F 297 40.00 -27.89 -6.81
N GLN F 298 40.09 -29.19 -6.70
CA GLN F 298 39.31 -29.83 -5.66
C GLN F 298 40.02 -29.77 -4.34
N ILE F 299 39.29 -29.41 -3.30
CA ILE F 299 39.84 -29.36 -1.94
C ILE F 299 38.99 -30.26 -1.00
N ASN F 300 39.64 -31.21 -0.27
CA ASN F 300 39.04 -32.18 0.66
C ASN F 300 39.26 -31.74 2.12
N CYS F 301 38.20 -31.30 2.83
CA CYS F 301 38.27 -30.76 4.20
C CYS F 301 37.56 -31.64 5.21
N THR F 302 38.15 -31.70 6.41
CA THR F 302 37.51 -32.46 7.46
C THR F 302 37.78 -32.00 8.88
N ARG F 303 36.83 -32.34 9.74
CA ARG F 303 36.94 -32.19 11.17
C ARG F 303 36.83 -33.63 11.67
N PRO F 304 37.96 -34.31 11.95
CA PRO F 304 38.11 -35.74 12.21
C PRO F 304 37.56 -36.31 13.52
N ASN F 305 37.26 -35.44 14.46
CA ASN F 305 36.82 -35.89 15.77
C ASN F 305 35.35 -36.30 15.72
N ASN F 306 34.97 -37.36 16.47
CA ASN F 306 33.58 -37.85 16.57
C ASN F 306 32.90 -37.18 17.77
N ASN F 307 32.09 -36.14 17.51
CA ASN F 307 31.47 -35.32 18.56
C ASN F 307 30.04 -35.70 18.88
N THR F 308 29.65 -35.34 20.09
CA THR F 308 28.28 -35.53 20.51
C THR F 308 27.77 -34.25 21.11
N ARG F 309 26.52 -34.26 21.53
CA ARG F 309 25.94 -33.06 22.11
C ARG F 309 25.35 -33.28 23.46
N LYS F 310 25.50 -32.28 24.29
CA LYS F 310 24.95 -32.32 25.62
C LYS F 310 23.86 -31.28 25.74
N SER F 311 22.62 -31.73 25.80
CA SER F 311 21.49 -30.82 25.81
C SER F 311 21.16 -30.37 27.21
N ILE F 312 21.28 -29.08 27.43
CA ILE F 312 21.06 -28.51 28.75
C ILE F 312 19.85 -27.61 28.76
N ARG F 313 18.92 -27.88 29.64
CA ARG F 313 17.75 -27.02 29.69
C ARG F 313 18.15 -25.82 30.52
N ILE F 314 17.83 -24.61 30.07
CA ILE F 314 18.27 -23.44 30.80
C ILE F 314 17.09 -22.65 31.35
N GLY F 315 15.89 -22.98 30.88
CA GLY F 315 14.72 -22.27 31.32
C GLY F 315 13.43 -22.91 30.80
N PRO F 316 12.28 -22.28 31.03
CA PRO F 316 10.96 -22.77 30.75
C PRO F 316 10.66 -22.76 29.27
N GLY F 317 11.19 -23.77 28.58
CA GLY F 317 11.06 -23.84 27.14
C GLY F 317 12.32 -23.40 26.41
N GLN F 318 13.43 -23.27 27.13
CA GLN F 318 14.66 -22.85 26.49
C GLN F 318 15.79 -23.80 26.80
N TRP F 319 16.65 -24.03 25.82
CA TRP F 319 17.76 -24.92 26.02
C TRP F 319 18.97 -24.57 25.19
N PHE F 320 20.10 -25.03 25.67
CA PHE F 320 21.41 -24.86 25.10
C PHE F 320 22.08 -26.13 24.63
N TYR F 321 22.72 -26.07 23.48
CA TYR F 321 23.45 -27.24 23.04
C TYR F 321 24.92 -27.10 23.29
N ALA F 322 25.42 -27.88 24.22
CA ALA F 322 26.79 -27.84 24.59
C ALA F 322 27.60 -28.82 23.79
N THR F 323 28.86 -28.50 23.55
CA THR F 323 29.72 -29.49 22.92
C THR F 323 29.89 -30.57 23.96
N GLY F 324 29.64 -31.82 23.58
CA GLY F 324 29.73 -32.90 24.53
C GLY F 324 31.11 -33.53 24.50
N ASP F 325 31.26 -34.67 25.15
CA ASP F 325 32.53 -35.35 25.22
C ASP F 325 32.94 -35.82 23.84
N ILE F 326 34.23 -35.87 23.57
CA ILE F 326 34.70 -36.38 22.30
C ILE F 326 34.85 -37.88 22.38
N ILE F 327 34.34 -38.57 21.38
CA ILE F 327 34.41 -39.98 21.31
C ILE F 327 35.62 -40.36 20.49
N GLY F 328 36.50 -41.15 21.07
CA GLY F 328 37.70 -41.52 20.36
C GLY F 328 38.78 -40.46 20.55
N ASP F 329 39.82 -40.58 19.76
CA ASP F 329 41.01 -39.73 19.85
C ASP F 329 40.75 -38.34 19.28
N ILE F 330 41.55 -37.38 19.73
CA ILE F 330 41.45 -36.00 19.25
C ILE F 330 42.55 -35.64 18.27
N ARG F 331 42.13 -35.22 17.08
CA ARG F 331 43.00 -34.88 15.96
C ARG F 331 42.74 -33.48 15.42
N GLN F 332 43.72 -32.90 14.74
CA GLN F 332 43.56 -31.58 14.14
C GLN F 332 42.73 -31.58 12.84
N ALA F 333 41.84 -30.58 12.70
CA ALA F 333 41.04 -30.39 11.48
C ALA F 333 41.96 -29.92 10.36
N HIS F 334 41.66 -30.31 9.14
CA HIS F 334 42.52 -29.95 8.02
C HIS F 334 41.87 -30.04 6.63
N CYS F 335 42.52 -29.43 5.59
CA CYS F 335 42.14 -29.50 4.17
C CYS F 335 43.29 -29.96 3.25
N ASN F 336 42.97 -30.84 2.30
CA ASN F 336 43.92 -31.41 1.34
C ASN F 336 43.70 -30.87 -0.08
N VAL F 337 44.74 -30.21 -0.65
CA VAL F 337 44.77 -29.65 -2.01
C VAL F 337 45.85 -30.37 -2.84
N SER F 338 45.49 -30.97 -3.97
CA SER F 338 46.50 -31.71 -4.72
C SER F 338 47.61 -30.76 -5.10
N LYS F 339 48.86 -31.18 -4.92
CA LYS F 339 49.96 -30.26 -5.18
C LYS F 339 50.17 -29.97 -6.65
N ALA F 340 50.06 -31.00 -7.49
CA ALA F 340 50.33 -30.73 -8.89
C ALA F 340 49.30 -29.79 -9.47
N THR F 341 48.03 -29.99 -9.08
CA THR F 341 46.97 -29.18 -9.60
C THR F 341 47.16 -27.76 -9.16
N TRP F 342 47.48 -27.58 -7.89
CA TRP F 342 47.67 -26.24 -7.39
C TRP F 342 48.83 -25.51 -8.08
N ASN F 343 49.99 -26.18 -8.30
CA ASN F 343 51.15 -25.56 -8.95
C ASN F 343 50.83 -25.14 -10.40
N GLU F 344 50.04 -25.99 -11.15
CA GLU F 344 49.61 -25.70 -12.51
C GLU F 344 48.65 -24.52 -12.52
N THR F 345 47.78 -24.46 -11.51
CA THR F 345 46.82 -23.40 -11.39
C THR F 345 47.53 -22.09 -11.16
N LEU F 346 48.53 -22.06 -10.29
CA LEU F 346 49.22 -20.80 -10.14
C LEU F 346 49.95 -20.46 -11.40
N GLY F 347 50.52 -21.44 -12.08
CA GLY F 347 51.23 -21.10 -13.30
C GLY F 347 50.28 -20.43 -14.29
N LYS F 348 49.03 -20.91 -14.38
CA LYS F 348 48.07 -20.30 -15.28
C LYS F 348 47.75 -18.86 -14.88
N VAL F 349 47.62 -18.63 -13.57
CA VAL F 349 47.30 -17.30 -13.08
C VAL F 349 48.43 -16.35 -13.32
N VAL F 350 49.64 -16.78 -13.03
CA VAL F 350 50.78 -15.92 -13.17
C VAL F 350 50.98 -15.56 -14.63
N LYS F 351 50.87 -16.53 -15.52
CA LYS F 351 51.06 -16.22 -16.92
C LYS F 351 50.10 -15.13 -17.38
N GLN F 352 48.83 -15.20 -16.96
CA GLN F 352 47.90 -14.16 -17.36
C GLN F 352 48.13 -12.86 -16.60
N LEU F 353 48.58 -12.96 -15.36
CA LEU F 353 48.80 -11.79 -14.52
C LEU F 353 49.90 -10.94 -15.14
N ARG F 354 50.91 -11.59 -15.69
CA ARG F 354 52.04 -10.91 -16.33
C ARG F 354 51.59 -9.96 -17.44
N LYS F 355 50.44 -10.19 -18.05
CA LYS F 355 50.01 -9.33 -19.14
C LYS F 355 49.84 -7.88 -18.71
N HIS F 356 49.66 -7.65 -17.41
CA HIS F 356 49.46 -6.31 -16.90
C HIS F 356 50.70 -5.73 -16.24
N PHE F 357 51.75 -6.54 -16.12
CA PHE F 357 52.97 -6.11 -15.44
C PHE F 357 54.23 -6.17 -16.31
N GLY F 358 54.19 -7.00 -17.34
CA GLY F 358 55.32 -7.22 -18.23
C GLY F 358 55.78 -8.67 -18.19
N ASN F 359 56.41 -9.12 -19.27
CA ASN F 359 56.89 -10.49 -19.35
C ASN F 359 58.36 -10.59 -19.00
N ASN F 360 58.87 -9.51 -18.43
CA ASN F 360 60.24 -9.36 -17.98
C ASN F 360 60.29 -9.07 -16.48
N THR F 361 59.30 -9.57 -15.75
CA THR F 361 59.26 -9.32 -14.32
C THR F 361 59.18 -10.58 -13.51
N ILE F 362 59.11 -10.41 -12.22
CA ILE F 362 59.00 -11.51 -11.28
C ILE F 362 57.75 -11.40 -10.44
N ILE F 363 57.03 -12.50 -10.33
CA ILE F 363 55.83 -12.54 -9.52
C ILE F 363 55.98 -13.45 -8.32
N ARG F 364 55.79 -12.86 -7.15
CA ARG F 364 55.94 -13.58 -5.89
C ARG F 364 54.67 -13.64 -5.09
N PHE F 365 54.48 -14.72 -4.34
CA PHE F 365 53.33 -14.79 -3.47
C PHE F 365 53.71 -14.72 -2.00
N ALA F 366 52.84 -14.08 -1.23
CA ALA F 366 52.96 -13.94 0.21
C ALA F 366 51.82 -14.64 0.94
N ASN F 367 52.05 -14.92 2.22
CA ASN F 367 51.07 -15.58 3.08
C ASN F 367 50.09 -14.62 3.74
N SER F 368 50.18 -13.38 3.34
CA SER F 368 49.35 -12.27 3.77
C SER F 368 49.48 -11.89 5.22
N SER F 369 48.63 -10.97 5.63
CA SER F 369 48.66 -10.44 6.98
C SER F 369 47.36 -9.75 7.35
N GLY F 370 47.18 -9.50 8.64
CA GLY F 370 46.02 -8.77 9.12
C GLY F 370 45.83 -9.04 10.60
N GLY F 371 44.88 -8.34 11.21
CA GLY F 371 44.56 -8.46 12.64
C GLY F 371 43.29 -9.25 12.91
N ASP F 372 42.78 -9.95 11.91
CA ASP F 372 41.50 -10.64 12.00
C ASP F 372 41.47 -12.00 11.30
N LEU F 373 41.10 -13.05 12.02
CA LEU F 373 41.08 -14.40 11.45
C LEU F 373 40.20 -14.47 10.22
N GLU F 374 39.18 -13.63 10.14
CA GLU F 374 38.30 -13.68 8.99
C GLU F 374 39.06 -13.44 7.70
N VAL F 375 40.14 -12.66 7.75
CA VAL F 375 40.88 -12.37 6.54
C VAL F 375 42.29 -12.96 6.53
N THR F 376 42.85 -13.30 7.69
CA THR F 376 44.20 -13.84 7.69
C THR F 376 44.19 -15.33 7.41
N THR F 377 43.07 -15.97 7.67
CA THR F 377 42.96 -17.38 7.39
C THR F 377 41.90 -17.55 6.35
N HIS F 378 41.79 -18.74 5.83
CA HIS F 378 40.74 -19.02 4.88
C HIS F 378 39.48 -19.33 5.61
N SER F 379 38.53 -18.39 5.55
CA SER F 379 37.26 -18.57 6.23
C SER F 379 36.42 -19.47 5.40
N PHE F 380 36.02 -20.57 5.99
CA PHE F 380 35.27 -21.62 5.35
C PHE F 380 34.16 -22.24 6.20
N ASN F 381 32.94 -22.25 5.69
CA ASN F 381 31.83 -22.83 6.44
C ASN F 381 31.50 -24.23 5.91
N CYS F 382 31.88 -25.29 6.65
CA CYS F 382 31.78 -26.70 6.28
C CYS F 382 30.65 -27.38 7.06
N GLY F 383 29.62 -27.82 6.38
CA GLY F 383 28.56 -28.41 7.16
C GLY F 383 28.04 -27.33 8.10
N GLY F 384 28.03 -27.64 9.40
CA GLY F 384 27.56 -26.69 10.40
C GLY F 384 28.66 -25.99 11.20
N GLU F 385 29.94 -26.13 10.82
CA GLU F 385 31.02 -25.53 11.61
C GLU F 385 31.98 -24.64 10.81
N PHE F 386 32.47 -23.61 11.48
CA PHE F 386 33.34 -22.63 10.85
C PHE F 386 34.82 -22.89 11.02
N PHE F 387 35.48 -23.08 9.89
CA PHE F 387 36.89 -23.37 9.77
C PHE F 387 37.69 -22.14 9.45
N TYR F 388 38.87 -22.09 10.03
CA TYR F 388 39.85 -21.04 9.78
C TYR F 388 41.19 -21.70 9.38
N CYS F 389 41.39 -21.92 8.06
CA CYS F 389 42.50 -22.72 7.53
C CYS F 389 43.73 -21.89 7.18
N ASN F 390 44.90 -22.47 7.48
CA ASN F 390 46.20 -21.87 7.24
C ASN F 390 46.70 -22.18 5.82
N THR F 391 46.71 -21.15 4.95
CA THR F 391 47.07 -21.15 3.53
C THR F 391 48.47 -20.61 3.28
N SER F 392 49.23 -20.40 4.34
CA SER F 392 50.55 -19.81 4.15
C SER F 392 51.47 -20.68 3.32
N GLY F 393 51.26 -21.99 3.30
CA GLY F 393 52.11 -22.85 2.50
C GLY F 393 51.53 -23.07 1.12
N LEU F 394 50.42 -22.40 0.83
CA LEU F 394 49.72 -22.55 -0.42
C LEU F 394 50.14 -21.39 -1.33
N PHE F 395 50.46 -20.25 -0.71
CA PHE F 395 50.84 -19.03 -1.39
C PHE F 395 52.24 -18.50 -1.10
N ASN F 396 53.25 -19.35 -1.11
CA ASN F 396 54.60 -18.87 -0.83
C ASN F 396 55.61 -19.07 -1.96
N SER F 397 55.17 -19.31 -3.18
CA SER F 397 56.09 -19.51 -4.30
C SER F 397 56.55 -18.22 -4.97
N THR F 398 57.62 -18.32 -5.78
CA THR F 398 58.10 -17.21 -6.59
C THR F 398 58.21 -17.71 -8.03
N TRP F 399 57.63 -16.99 -8.95
CA TRP F 399 57.62 -17.37 -10.34
C TRP F 399 58.50 -16.51 -11.24
N ILE F 400 59.54 -17.14 -11.76
CA ILE F 400 60.55 -16.49 -12.60
C ILE F 400 60.67 -17.23 -13.94
N SER F 401 60.62 -16.51 -15.08
CA SER F 401 60.76 -17.07 -16.43
C SER F 401 61.21 -15.98 -17.40
N ASN F 414 50.43 -37.01 -7.34
CA ASN F 414 50.66 -37.92 -6.22
C ASN F 414 50.75 -37.17 -4.88
N ASP F 415 51.54 -36.08 -4.84
CA ASP F 415 51.80 -35.23 -3.68
C ASP F 415 50.66 -34.27 -3.38
N SER F 416 50.59 -33.80 -2.15
CA SER F 416 49.55 -32.86 -1.73
C SER F 416 49.97 -31.96 -0.59
N ILE F 417 49.25 -30.86 -0.46
CA ILE F 417 49.48 -29.98 0.66
C ILE F 417 48.34 -30.03 1.64
N THR F 418 48.70 -30.16 2.91
CA THR F 418 47.69 -30.20 3.95
C THR F 418 47.68 -28.89 4.69
N LEU F 419 46.52 -28.29 4.75
CA LEU F 419 46.32 -27.03 5.42
C LEU F 419 45.68 -27.34 6.76
N PRO F 420 46.30 -27.04 7.91
CA PRO F 420 45.71 -27.27 9.20
C PRO F 420 44.60 -26.26 9.32
N CYS F 421 43.51 -26.57 10.06
CA CYS F 421 42.37 -25.68 10.26
C CYS F 421 41.95 -25.59 11.73
N ARG F 422 41.64 -24.38 12.16
CA ARG F 422 41.14 -24.18 13.51
C ARG F 422 39.63 -24.06 13.46
N ILE F 423 38.97 -24.47 14.53
CA ILE F 423 37.51 -24.39 14.57
C ILE F 423 37.07 -23.37 15.60
N LYS F 424 36.14 -22.53 15.21
CA LYS F 424 35.60 -21.50 16.10
C LYS F 424 34.11 -21.73 16.24
N GLN F 425 33.55 -21.54 17.44
CA GLN F 425 32.13 -21.79 17.68
C GLN F 425 31.32 -20.51 17.90
N ILE F 426 31.92 -19.47 18.49
CA ILE F 426 31.17 -18.22 18.66
C ILE F 426 31.58 -17.31 17.51
N ILE F 427 30.62 -17.03 16.66
CA ILE F 427 30.86 -16.37 15.39
C ILE F 427 30.31 -14.96 15.33
N ASN F 428 31.11 -14.04 14.78
CA ASN F 428 30.69 -12.65 14.62
C ASN F 428 30.72 -12.32 13.14
N MET F 429 29.64 -12.62 12.46
CA MET F 429 29.62 -12.51 11.01
C MET F 429 29.47 -11.11 10.49
N TRP F 430 29.85 -10.97 9.22
CA TRP F 430 29.70 -9.78 8.40
C TRP F 430 30.47 -8.60 8.95
N GLN F 431 31.49 -8.92 9.72
CA GLN F 431 32.39 -7.98 10.39
C GLN F 431 31.64 -7.05 11.34
N ARG F 432 30.55 -7.53 11.94
CA ARG F 432 29.82 -6.71 12.89
C ARG F 432 30.31 -6.97 14.30
N ILE F 433 30.17 -5.99 15.17
CA ILE F 433 30.57 -6.14 16.56
C ILE F 433 29.42 -6.43 17.52
N GLY F 434 28.28 -5.78 17.32
CA GLY F 434 27.16 -5.82 18.26
C GLY F 434 26.32 -7.08 18.25
N GLN F 435 26.61 -8.02 17.36
CA GLN F 435 25.89 -9.27 17.29
C GLN F 435 26.84 -10.42 17.39
N ALA F 436 26.36 -11.55 17.91
CA ALA F 436 27.16 -12.76 17.99
C ALA F 436 26.26 -13.96 17.89
N MET F 437 26.76 -15.01 17.27
CA MET F 437 26.02 -16.24 17.14
C MET F 437 26.74 -17.42 17.73
N TYR F 438 26.02 -18.28 18.39
CA TYR F 438 26.63 -19.50 18.86
C TYR F 438 26.29 -20.60 17.91
N ALA F 439 27.29 -21.18 17.31
CA ALA F 439 27.07 -22.25 16.38
C ALA F 439 26.89 -23.53 17.18
N PRO F 440 25.76 -24.23 17.11
CA PRO F 440 25.56 -25.44 17.84
C PRO F 440 26.63 -26.36 17.33
N PRO F 441 27.14 -27.27 18.14
CA PRO F 441 28.11 -28.27 17.78
C PRO F 441 27.45 -29.27 16.89
N ILE F 442 28.21 -29.86 15.99
CA ILE F 442 27.66 -30.90 15.12
C ILE F 442 28.10 -32.30 15.51
N GLN F 443 27.14 -33.21 15.59
CA GLN F 443 27.40 -34.59 15.97
C GLN F 443 28.12 -35.33 14.86
N GLY F 444 28.95 -36.29 15.25
CA GLY F 444 29.64 -37.12 14.27
C GLY F 444 30.90 -36.46 13.78
N VAL F 445 31.33 -36.86 12.58
CA VAL F 445 32.59 -36.44 11.96
C VAL F 445 32.23 -35.69 10.69
N ILE F 446 32.87 -34.55 10.44
CA ILE F 446 32.52 -33.72 9.28
C ILE F 446 33.48 -33.82 8.11
N ARG F 447 32.93 -34.04 6.93
CA ARG F 447 33.73 -34.03 5.71
C ARG F 447 33.02 -33.18 4.63
N CYS F 448 33.79 -32.30 3.93
CA CYS F 448 33.34 -31.46 2.81
C CYS F 448 34.33 -31.57 1.66
N VAL F 449 33.80 -31.63 0.44
CA VAL F 449 34.65 -31.56 -0.73
C VAL F 449 34.16 -30.39 -1.52
N SER F 450 35.03 -29.44 -1.74
CA SER F 450 34.63 -28.23 -2.44
C SER F 450 35.48 -27.97 -3.67
N ASN F 451 34.94 -27.12 -4.58
CA ASN F 451 35.59 -26.67 -5.81
C ASN F 451 36.15 -25.25 -5.64
N ILE F 452 37.47 -25.05 -5.82
CA ILE F 452 38.07 -23.71 -5.80
C ILE F 452 37.90 -23.20 -7.21
N THR F 453 37.14 -22.13 -7.35
CA THR F 453 36.82 -21.59 -8.66
C THR F 453 37.47 -20.24 -8.87
N GLY F 454 37.93 -19.63 -7.79
CA GLY F 454 38.59 -18.35 -7.92
C GLY F 454 39.27 -17.91 -6.66
N LEU F 455 40.05 -16.85 -6.79
CA LEU F 455 40.85 -16.30 -5.71
C LEU F 455 40.64 -14.81 -5.49
N ILE F 456 40.81 -14.34 -4.26
CA ILE F 456 40.87 -12.91 -4.07
C ILE F 456 42.25 -12.52 -3.63
N LEU F 457 42.92 -11.75 -4.47
CA LEU F 457 44.29 -11.36 -4.20
C LEU F 457 44.47 -9.86 -4.12
N THR F 458 45.46 -9.42 -3.37
CA THR F 458 45.81 -8.01 -3.34
C THR F 458 47.28 -7.90 -3.68
N ARG F 459 47.74 -6.70 -4.00
CA ARG F 459 49.13 -6.50 -4.36
C ARG F 459 49.82 -5.52 -3.41
N ASP F 460 51.14 -5.74 -3.15
CA ASP F 460 51.99 -4.88 -2.31
C ASP F 460 52.13 -3.49 -2.94
N THR F 467 62.45 -4.59 -9.93
CA THR F 467 61.31 -4.39 -9.05
C THR F 467 60.30 -5.56 -9.23
N THR F 468 60.28 -6.48 -8.23
CA THR F 468 59.41 -7.68 -8.15
C THR F 468 58.06 -7.33 -7.55
N GLU F 469 56.99 -7.86 -8.13
CA GLU F 469 55.66 -7.63 -7.59
C GLU F 469 55.27 -8.80 -6.70
N THR F 470 54.64 -8.50 -5.59
CA THR F 470 54.20 -9.53 -4.65
C THR F 470 52.70 -9.45 -4.41
N PHE F 471 52.07 -10.62 -4.45
CA PHE F 471 50.63 -10.78 -4.29
C PHE F 471 50.28 -11.62 -3.08
N ARG F 472 49.17 -11.30 -2.45
CA ARG F 472 48.74 -12.03 -1.26
C ARG F 472 47.25 -12.28 -1.22
N PRO F 473 46.76 -13.32 -0.55
CA PRO F 473 45.37 -13.55 -0.26
C PRO F 473 44.72 -12.42 0.53
N GLY F 474 43.47 -12.10 0.17
CA GLY F 474 42.70 -11.06 0.85
C GLY F 474 41.18 -11.25 0.75
N GLY F 475 40.47 -10.13 0.69
CA GLY F 475 39.01 -10.15 0.66
C GLY F 475 38.43 -9.93 2.06
N GLY F 476 37.22 -10.42 2.28
CA GLY F 476 36.49 -10.20 3.55
C GLY F 476 35.37 -9.17 3.50
N ASP F 477 35.32 -8.34 2.45
CA ASP F 477 34.24 -7.34 2.34
C ASP F 477 32.91 -7.98 1.99
N MET F 478 32.94 -9.23 1.55
CA MET F 478 31.79 -10.00 1.10
C MET F 478 31.25 -9.60 -0.25
N ARG F 479 31.12 -8.33 -0.51
CA ARG F 479 30.57 -7.91 -1.78
C ARG F 479 31.33 -8.53 -2.93
N ASP F 480 32.63 -8.64 -2.78
CA ASP F 480 33.51 -9.17 -3.79
C ASP F 480 33.28 -10.63 -4.09
N ASN F 481 32.62 -11.34 -3.19
CA ASN F 481 32.33 -12.74 -3.40
C ASN F 481 31.13 -12.91 -4.29
N TRP F 482 30.41 -11.82 -4.54
CA TRP F 482 29.24 -11.87 -5.36
C TRP F 482 29.48 -11.18 -6.67
N ARG F 483 30.43 -10.24 -6.68
CA ARG F 483 30.73 -9.55 -7.92
C ARG F 483 31.21 -10.58 -8.92
N SER F 484 31.88 -11.61 -8.43
CA SER F 484 32.42 -12.67 -9.25
C SER F 484 31.36 -13.48 -10.00
N GLU F 485 30.11 -13.42 -9.57
CA GLU F 485 29.02 -14.10 -10.26
C GLU F 485 28.11 -13.10 -10.96
N LEU F 486 27.95 -11.92 -10.38
CA LEU F 486 27.05 -10.91 -10.91
C LEU F 486 27.67 -9.98 -11.94
N TYR F 487 28.95 -10.07 -12.19
CA TYR F 487 29.63 -9.20 -13.14
C TYR F 487 29.06 -9.22 -14.54
N LYS F 488 28.39 -10.30 -14.92
CA LYS F 488 27.87 -10.38 -16.26
C LYS F 488 26.44 -9.86 -16.38
N TYR F 489 25.83 -9.41 -15.28
CA TYR F 489 24.45 -8.97 -15.39
C TYR F 489 24.25 -7.48 -15.15
N LYS F 490 23.34 -6.91 -15.91
CA LYS F 490 22.96 -5.52 -15.75
C LYS F 490 21.45 -5.36 -15.70
N VAL F 491 20.95 -4.47 -14.85
CA VAL F 491 19.51 -4.26 -14.82
C VAL F 491 19.12 -3.02 -15.59
N VAL F 492 18.15 -3.18 -16.49
CA VAL F 492 17.68 -2.04 -17.24
C VAL F 492 16.19 -1.89 -17.12
N LYS F 493 15.72 -0.67 -17.36
CA LYS F 493 14.31 -0.32 -17.33
C LYS F 493 13.78 -0.14 -18.72
N ILE F 494 12.68 -0.78 -19.00
CA ILE F 494 12.10 -0.68 -20.32
C ILE F 494 11.29 0.60 -20.42
N GLU F 495 11.51 1.34 -21.49
CA GLU F 495 10.82 2.60 -21.78
C GLU F 495 10.08 2.49 -23.11
N PRO F 496 8.88 1.90 -23.14
CA PRO F 496 8.14 1.51 -24.30
C PRO F 496 7.52 2.62 -25.12
N LEU F 497 7.48 3.84 -24.60
CA LEU F 497 6.81 4.90 -25.33
C LEU F 497 7.79 5.83 -26.02
N GLY F 498 7.52 6.18 -27.27
CA GLY F 498 8.39 7.13 -27.97
C GLY F 498 7.79 7.63 -29.27
N VAL F 499 8.46 8.57 -29.92
CA VAL F 499 7.95 9.16 -31.14
C VAL F 499 8.98 9.19 -32.25
N ALA F 500 8.51 9.32 -33.49
CA ALA F 500 9.36 9.48 -34.68
C ALA F 500 8.55 10.12 -35.81
N PRO F 501 9.16 10.85 -36.77
CA PRO F 501 8.50 11.39 -37.94
C PRO F 501 8.11 10.34 -38.94
N THR F 502 6.91 10.48 -39.50
CA THR F 502 6.37 9.61 -40.54
C THR F 502 5.61 10.42 -41.59
N ARG F 503 5.25 9.77 -42.69
CA ARG F 503 4.40 10.44 -43.70
C ARG F 503 2.87 10.41 -43.43
N CYS F 504 2.45 9.68 -42.37
CA CYS F 504 1.09 9.43 -41.91
C CYS F 504 0.53 10.59 -41.10
N LYS F 505 -0.63 11.09 -41.51
CA LYS F 505 -1.24 12.19 -40.78
C LYS F 505 -2.57 11.76 -40.19
N ARG F 506 -2.89 12.30 -39.02
CA ARG F 506 -4.19 11.98 -38.44
C ARG F 506 -5.30 12.45 -39.37
N ARG F 507 -6.36 11.61 -39.55
CA ARG F 507 -7.55 11.88 -40.38
C ARG F 507 -7.16 12.23 -41.83
N UNK G 1 -21.72 43.30 -38.09
CA UNK G 1 -22.41 44.56 -38.31
C UNK G 1 -22.43 45.03 -39.79
N UNK G 2 -21.43 44.60 -40.58
CA UNK G 2 -21.22 44.96 -41.99
C UNK G 2 -20.33 43.92 -42.63
N UNK G 3 -20.43 43.76 -43.96
CA UNK G 3 -19.49 42.86 -44.61
C UNK G 3 -19.14 43.29 -46.03
N UNK G 4 -17.91 43.02 -46.39
CA UNK G 4 -17.34 43.22 -47.69
C UNK G 4 -17.63 42.01 -48.52
N UNK G 5 -17.80 42.19 -49.84
CA UNK G 5 -18.00 41.07 -50.74
C UNK G 5 -17.16 41.17 -52.01
N UNK G 6 -15.93 41.66 -51.91
CA UNK G 6 -14.99 41.77 -53.03
C UNK G 6 -15.43 42.57 -54.26
N UNK G 7 -16.09 43.71 -54.05
CA UNK G 7 -16.45 44.62 -55.14
C UNK G 7 -17.16 43.96 -56.32
N UNK G 8 -16.55 44.00 -57.51
CA UNK G 8 -17.14 43.47 -58.75
C UNK G 8 -16.73 42.02 -59.02
N UNK G 9 -15.94 41.45 -58.13
CA UNK G 9 -15.42 40.10 -58.29
C UNK G 9 -14.86 39.92 -59.70
N UNK G 10 -15.08 38.75 -60.32
CA UNK G 10 -14.61 38.52 -61.67
C UNK G 10 -15.34 37.35 -62.31
N UNK G 11 -15.45 37.36 -63.64
CA UNK G 11 -15.97 36.21 -64.37
C UNK G 11 -15.62 36.32 -65.84
N UNK G 12 -15.57 35.18 -66.50
CA UNK G 12 -15.39 35.09 -67.95
C UNK G 12 -15.86 33.70 -68.36
N UNK G 13 -16.11 33.48 -69.64
CA UNK G 13 -16.52 32.14 -70.02
C UNK G 13 -15.44 31.16 -69.62
N UNK G 14 -15.85 30.06 -69.01
CA UNK G 14 -15.00 28.95 -68.54
C UNK G 14 -13.84 29.38 -67.61
N UNK G 15 -13.98 30.54 -66.96
CA UNK G 15 -12.96 31.07 -66.07
C UNK G 15 -13.19 30.93 -64.59
N UNK G 16 -12.17 30.38 -63.92
CA UNK G 16 -12.18 30.21 -62.47
C UNK G 16 -12.07 31.56 -61.82
N UNK G 17 -12.69 31.74 -60.66
CA UNK G 17 -12.57 33.03 -60.02
C UNK G 17 -12.65 32.97 -58.51
N UNK G 18 -11.89 33.86 -57.87
CA UNK G 18 -11.88 34.01 -56.43
C UNK G 18 -12.64 35.22 -55.93
N UNK G 19 -13.57 34.96 -55.03
CA UNK G 19 -14.37 35.93 -54.33
C UNK G 19 -13.80 36.05 -52.94
N UNK G 20 -14.05 37.17 -52.29
CA UNK G 20 -13.55 37.34 -50.94
C UNK G 20 -14.49 38.17 -50.11
N UNK G 21 -14.33 38.05 -48.82
CA UNK G 21 -15.17 38.73 -47.87
C UNK G 21 -14.45 39.13 -46.61
N UNK G 22 -15.04 40.09 -45.91
CA UNK G 22 -14.54 40.49 -44.61
C UNK G 22 -15.67 41.08 -43.79
N UNK G 23 -15.59 41.03 -42.47
CA UNK G 23 -16.70 41.62 -41.72
C UNK G 23 -16.39 42.24 -40.38
N UNK G 24 -17.26 43.19 -40.02
CA UNK G 24 -17.24 43.90 -38.75
C UNK G 24 -17.99 43.10 -37.69
N UNK G 25 -17.47 41.92 -37.41
CA UNK G 25 -18.09 40.99 -36.47
C UNK G 25 -17.07 39.99 -35.94
N UNK G 26 -17.35 39.35 -34.81
CA UNK G 26 -16.43 38.30 -34.37
C UNK G 26 -16.42 37.19 -35.41
N UNK G 27 -15.23 36.80 -35.85
CA UNK G 27 -15.12 35.82 -36.92
C UNK G 27 -15.42 34.38 -36.55
N UNK G 28 -14.94 33.93 -35.41
CA UNK G 28 -15.14 32.53 -35.07
C UNK G 28 -16.46 32.30 -34.37
N UNK G 29 -17.17 33.36 -34.09
CA UNK G 29 -18.41 33.21 -33.35
C UNK G 29 -19.48 32.44 -34.09
N UNK G 30 -19.59 32.63 -35.41
CA UNK G 30 -20.65 31.99 -36.16
C UNK G 30 -20.21 31.39 -37.48
N UNK G 31 -20.92 30.36 -37.89
CA UNK G 31 -20.67 29.75 -39.19
C UNK G 31 -20.92 30.70 -40.32
N UNK G 32 -20.01 30.67 -41.28
CA UNK G 32 -20.09 31.53 -42.45
C UNK G 32 -20.72 30.78 -43.59
N UNK G 33 -21.97 31.10 -43.84
CA UNK G 33 -22.71 30.40 -44.84
C UNK G 33 -22.60 31.17 -46.14
N UNK G 34 -22.64 30.44 -47.24
CA UNK G 34 -22.61 31.10 -48.54
C UNK G 34 -23.64 30.53 -49.47
N UNK G 35 -24.16 31.42 -50.31
CA UNK G 35 -25.11 31.10 -51.35
C UNK G 35 -25.02 32.15 -52.44
N UNK G 36 -25.40 31.82 -53.67
CA UNK G 36 -25.38 32.85 -54.69
C UNK G 36 -26.67 32.85 -55.46
N UNK G 37 -27.12 34.06 -55.80
CA UNK G 37 -28.35 34.22 -56.54
C UNK G 37 -28.15 34.45 -58.01
N UNK G 38 -28.90 33.71 -58.81
CA UNK G 38 -28.84 33.78 -60.25
C UNK G 38 -30.24 34.05 -60.77
N UNK G 39 -30.57 33.51 -61.93
CA UNK G 39 -31.88 33.74 -62.50
C UNK G 39 -32.97 33.09 -61.67
N UNK G 40 -34.11 33.75 -61.58
CA UNK G 40 -35.30 33.27 -60.89
C UNK G 40 -35.01 32.85 -59.44
N UNK G 41 -35.53 31.69 -59.02
CA UNK G 41 -35.30 31.25 -57.66
C UNK G 41 -33.85 30.85 -57.54
N UNK G 42 -33.18 31.26 -56.48
CA UNK G 42 -31.80 30.85 -56.40
C UNK G 42 -31.24 30.94 -54.99
N UNK G 43 -30.18 30.17 -54.78
CA UNK G 43 -29.38 30.22 -53.56
C UNK G 43 -29.58 29.03 -52.64
N UNK G 44 -28.47 28.40 -52.28
CA UNK G 44 -28.45 27.23 -51.41
C UNK G 44 -27.19 27.30 -50.61
N UNK G 45 -27.16 26.64 -49.46
CA UNK G 45 -25.97 26.67 -48.62
C UNK G 45 -24.82 25.92 -49.26
N UNK G 46 -24.12 26.65 -50.12
CA UNK G 46 -22.96 26.24 -50.89
C UNK G 46 -21.81 26.00 -49.93
N UNK G 47 -21.83 26.72 -48.83
CA UNK G 47 -20.83 26.57 -47.81
C UNK G 47 -21.41 26.89 -46.46
N UNK G 48 -20.76 26.35 -45.45
CA UNK G 48 -21.02 26.61 -44.05
C UNK G 48 -19.69 26.48 -43.35
N UNK G 49 -18.80 27.40 -43.69
CA UNK G 49 -17.45 27.35 -43.20
C UNK G 49 -17.45 27.54 -41.71
N UNK G 50 -16.56 26.83 -41.05
CA UNK G 50 -16.47 26.88 -39.60
C UNK G 50 -15.88 28.15 -39.05
N UNK G 51 -15.22 28.92 -39.89
CA UNK G 51 -14.53 30.16 -39.50
C UNK G 51 -13.26 29.76 -38.76
N UNK G 52 -13.44 29.16 -37.59
CA UNK G 52 -12.34 28.51 -36.92
C UNK G 52 -12.13 27.20 -37.67
N UNK G 53 -10.90 26.76 -37.86
CA UNK G 53 -10.67 25.50 -38.57
C UNK G 53 -11.39 25.52 -39.94
N UNK G 54 -12.13 24.44 -40.27
CA UNK G 54 -12.81 24.39 -41.57
C UNK G 54 -14.01 23.46 -41.54
N UNK G 55 -14.97 23.70 -42.44
CA UNK G 55 -16.15 22.83 -42.56
C UNK G 55 -16.93 23.04 -43.85
N UNK G 56 -17.76 22.04 -44.15
CA UNK G 56 -18.80 22.04 -45.18
C UNK G 56 -18.36 22.01 -46.63
N UNK G 57 -19.35 21.74 -47.47
CA UNK G 57 -19.21 21.68 -48.92
C UNK G 57 -20.57 21.92 -49.54
N UNK G 58 -20.57 22.34 -50.78
CA UNK G 58 -21.78 22.55 -51.56
C UNK G 58 -22.44 21.25 -51.94
N UNK G 59 -23.74 21.29 -52.21
CA UNK G 59 -24.45 20.10 -52.67
C UNK G 59 -23.83 19.53 -53.94
N UNK G 60 -23.33 20.43 -54.80
CA UNK G 60 -22.66 20.05 -56.04
C UNK G 60 -21.43 19.22 -55.74
N UNK G 61 -20.83 19.50 -54.59
CA UNK G 61 -19.63 18.90 -54.06
C UNK G 61 -18.46 19.01 -55.01
N UNK G 62 -18.36 20.12 -55.72
CA UNK G 62 -17.28 20.30 -56.65
C UNK G 62 -17.07 21.75 -56.97
N UNK G 63 -15.84 22.08 -57.35
CA UNK G 63 -15.54 23.41 -57.85
C UNK G 63 -15.96 24.52 -56.90
N UNK G 64 -15.80 24.33 -55.60
CA UNK G 64 -16.21 25.32 -54.62
C UNK G 64 -15.31 25.33 -53.40
N UNK G 65 -14.14 25.93 -53.56
CA UNK G 65 -13.14 25.98 -52.50
C UNK G 65 -13.48 27.10 -51.54
N UNK G 66 -13.14 26.94 -50.28
CA UNK G 66 -13.37 28.04 -49.36
C UNK G 66 -12.35 28.01 -48.25
N UNK G 67 -12.08 29.17 -47.68
CA UNK G 67 -11.13 29.25 -46.57
C UNK G 67 -11.35 30.45 -45.68
N UNK G 68 -10.95 30.31 -44.42
CA UNK G 68 -10.95 31.42 -43.48
C UNK G 68 -9.71 32.27 -43.76
N UNK G 69 -9.76 33.54 -43.38
CA UNK G 69 -8.58 34.37 -43.54
C UNK G 69 -8.45 35.39 -42.39
N UNK G 70 -7.23 35.89 -42.25
CA UNK G 70 -6.87 36.80 -41.17
C UNK G 70 -7.66 38.08 -41.15
N UNK G 71 -7.83 38.64 -39.96
CA UNK G 71 -8.55 39.89 -39.74
C UNK G 71 -9.99 39.83 -40.18
N UNK G 72 -10.68 38.76 -39.78
CA UNK G 72 -12.10 38.56 -40.09
C UNK G 72 -12.33 38.64 -41.57
N UNK G 73 -11.51 37.90 -42.30
CA UNK G 73 -11.58 37.84 -43.74
C UNK G 73 -11.87 36.40 -44.17
N UNK G 74 -12.35 36.23 -45.40
CA UNK G 74 -12.63 34.91 -45.93
C UNK G 74 -12.49 34.83 -47.45
N UNK G 75 -12.23 33.62 -47.93
CA UNK G 75 -12.07 33.30 -49.35
C UNK G 75 -13.08 32.27 -49.89
N UNK G 76 -13.45 32.41 -51.16
CA UNK G 76 -14.34 31.50 -51.89
C UNK G 76 -14.00 31.37 -53.38
N UNK G 77 -13.68 30.17 -53.87
CA UNK G 77 -13.30 30.11 -55.28
C UNK G 77 -13.99 29.03 -56.09
N UNK G 78 -14.43 29.48 -57.26
CA UNK G 78 -15.08 28.63 -58.22
C UNK G 78 -14.09 28.06 -59.19
N UNK G 79 -14.27 26.80 -59.55
CA UNK G 79 -13.40 26.22 -60.57
C UNK G 79 -14.07 26.32 -61.93
N UNK G 80 -13.39 27.00 -62.82
CA UNK G 80 -13.82 27.32 -64.16
C UNK G 80 -15.21 27.96 -64.11
N UNK G 81 -16.03 27.67 -65.10
CA UNK G 81 -17.36 28.25 -65.18
C UNK G 81 -18.19 27.42 -66.11
N UNK G 82 -19.51 27.58 -66.05
CA UNK G 82 -20.39 26.84 -66.94
C UNK G 82 -21.55 27.66 -67.46
N UNK G 83 -21.27 28.75 -68.19
CA UNK G 83 -22.34 29.57 -68.74
C UNK G 83 -23.35 29.96 -67.68
N UNK G 84 -22.86 30.52 -66.59
CA UNK G 84 -23.71 30.89 -65.48
C UNK G 84 -23.23 32.20 -64.86
N UNK G 85 -24.15 32.85 -64.13
CA UNK G 85 -23.86 34.11 -63.47
C UNK G 85 -24.59 34.20 -62.14
N UNK G 86 -23.98 34.87 -61.16
CA UNK G 86 -24.67 35.03 -59.88
C UNK G 86 -24.07 36.07 -58.94
N UNK G 87 -24.91 36.53 -58.01
CA UNK G 87 -24.54 37.39 -56.89
C UNK G 87 -24.23 36.56 -55.67
N UNK G 88 -22.96 36.54 -55.27
CA UNK G 88 -22.52 35.71 -54.16
C UNK G 88 -22.65 36.39 -52.83
N UNK G 89 -23.51 35.86 -51.97
CA UNK G 89 -23.82 36.43 -50.67
C UNK G 89 -23.17 35.69 -49.53
N UNK G 90 -22.94 36.46 -48.48
CA UNK G 90 -22.34 36.08 -47.22
C UNK G 90 -23.44 36.06 -46.15
N UNK G 91 -23.53 35.01 -45.32
CA UNK G 91 -24.54 35.03 -44.25
C UNK G 91 -24.00 34.45 -42.92
N UNK G 92 -24.44 35.03 -41.78
CA UNK G 92 -24.02 34.56 -40.45
C UNK G 92 -25.05 33.67 -39.79
N UNK G 93 -24.70 32.39 -39.58
CA UNK G 93 -25.68 31.42 -39.10
C UNK G 93 -25.50 30.86 -37.67
N UNK G 94 -25.17 29.57 -37.55
CA UNK G 94 -25.10 28.82 -36.30
C UNK G 94 -23.90 29.12 -35.40
N UNK G 95 -24.10 28.85 -34.11
CA UNK G 95 -23.13 28.98 -33.02
C UNK G 95 -22.55 27.64 -32.54
N UNK G 96 -21.59 27.72 -31.61
CA UNK G 96 -20.92 26.59 -30.92
C UNK G 96 -21.85 25.86 -29.93
N UNK G 97 -21.50 24.63 -29.54
CA UNK G 97 -22.31 23.74 -28.67
C UNK G 97 -22.69 24.33 -27.30
N UNK G 98 -21.88 25.24 -26.78
CA UNK G 98 -22.18 25.83 -25.48
C UNK G 98 -23.14 27.02 -25.60
N UNK G 99 -23.58 27.33 -26.83
CA UNK G 99 -24.47 28.45 -27.08
C UNK G 99 -25.69 28.04 -27.90
N UNK G 100 -26.81 28.71 -27.69
CA UNK G 100 -27.99 28.48 -28.50
C UNK G 100 -27.95 29.31 -29.76
N UNK G 101 -28.60 28.86 -30.83
CA UNK G 101 -28.70 29.69 -32.03
C UNK G 101 -29.94 29.33 -32.85
N UNK G 102 -30.55 30.34 -33.50
CA UNK G 102 -31.65 30.08 -34.44
C UNK G 102 -31.12 29.82 -35.84
N UNK G 103 -30.00 30.48 -36.15
CA UNK G 103 -29.30 30.46 -37.43
C UNK G 103 -30.15 30.95 -38.61
N UNK G 104 -31.12 31.83 -38.33
CA UNK G 104 -31.93 32.46 -39.39
C UNK G 104 -31.17 33.65 -39.92
N UNK G 105 -30.10 33.35 -40.61
CA UNK G 105 -29.13 34.33 -41.08
C UNK G 105 -29.66 35.35 -42.07
N UNK G 106 -29.21 36.59 -41.90
CA UNK G 106 -29.51 37.66 -42.84
C UNK G 106 -28.40 37.73 -43.86
N UNK G 107 -28.71 38.07 -45.11
CA UNK G 107 -27.68 38.14 -46.13
C UNK G 107 -26.98 39.49 -46.19
N UNK G 108 -25.73 39.42 -46.60
CA UNK G 108 -24.86 40.55 -46.91
C UNK G 108 -25.17 41.11 -48.29
N UNK G 109 -24.53 42.24 -48.60
CA UNK G 109 -24.67 42.94 -49.87
C UNK G 109 -24.33 42.11 -51.10
N UNK G 110 -23.36 41.20 -50.97
CA UNK G 110 -22.90 40.33 -52.06
C UNK G 110 -22.21 41.08 -53.17
N UNK G 111 -21.74 40.30 -54.14
CA UNK G 111 -21.11 40.82 -55.35
C UNK G 111 -21.44 39.91 -56.50
N UNK G 112 -21.46 40.42 -57.72
CA UNK G 112 -21.84 39.58 -58.83
C UNK G 112 -20.96 39.73 -60.03
N UNK G 113 -20.86 38.62 -60.75
CA UNK G 113 -20.11 38.56 -61.98
C UNK G 113 -20.74 37.48 -62.87
N UNK G 114 -20.50 37.56 -64.19
CA UNK G 114 -21.07 36.60 -65.13
C UNK G 114 -20.09 36.05 -66.16
N UNK G 115 -20.18 34.72 -66.46
CA UNK G 115 -19.35 33.99 -67.42
C UNK G 115 -20.08 33.91 -68.77
N UNK H 1 -35.65 23.92 -53.32
CA UNK H 1 -36.33 23.50 -54.57
C UNK H 1 -37.86 23.35 -54.41
N UNK H 2 -38.37 23.20 -53.16
CA UNK H 2 -39.80 22.98 -52.85
C UNK H 2 -40.57 24.30 -52.88
N UNK H 3 -40.65 24.83 -54.09
CA UNK H 3 -41.21 26.14 -54.42
C UNK H 3 -42.71 26.19 -54.38
N UNK H 4 -43.19 27.36 -54.00
CA UNK H 4 -44.59 27.73 -54.02
C UNK H 4 -44.64 29.25 -53.95
N UNK H 5 -45.77 29.84 -54.29
CA UNK H 5 -46.01 31.29 -54.21
C UNK H 5 -45.18 32.08 -55.24
N UNK H 6 -45.10 33.40 -55.06
CA UNK H 6 -44.45 34.28 -56.03
C UNK H 6 -43.99 35.59 -55.37
N UNK H 7 -43.12 36.33 -56.06
CA UNK H 7 -42.66 37.63 -55.56
C UNK H 7 -43.70 38.72 -55.83
N UNK H 8 -44.78 38.65 -55.08
CA UNK H 8 -45.93 39.53 -55.23
C UNK H 8 -46.60 39.73 -53.88
N UNK H 9 -47.31 40.84 -53.71
CA UNK H 9 -48.01 41.09 -52.45
C UNK H 9 -49.52 41.10 -52.68
N UNK H 10 -50.25 40.68 -51.64
CA UNK H 10 -51.71 40.60 -51.60
C UNK H 10 -52.41 41.95 -51.48
N UNK H 11 -53.64 42.02 -52.02
CA UNK H 11 -54.44 43.24 -51.88
C UNK H 11 -54.62 43.57 -50.42
N UNK H 12 -54.71 42.54 -49.59
CA UNK H 12 -54.80 42.71 -48.17
C UNK H 12 -53.99 41.58 -47.53
N UNK H 13 -53.29 41.92 -46.48
CA UNK H 13 -52.45 41.03 -45.70
C UNK H 13 -51.45 40.28 -46.56
N UNK H 14 -51.34 38.95 -46.36
CA UNK H 14 -50.36 38.15 -47.09
C UNK H 14 -50.60 36.66 -46.96
N UNK H 15 -49.91 35.92 -47.80
CA UNK H 15 -49.87 34.46 -47.78
C UNK H 15 -48.42 34.10 -48.07
N UNK H 16 -47.98 32.93 -47.62
CA UNK H 16 -46.59 32.52 -47.83
C UNK H 16 -46.45 31.04 -48.10
N UNK H 17 -47.05 30.57 -49.17
CA UNK H 17 -47.05 29.14 -49.45
C UNK H 17 -45.64 28.60 -49.66
N UNK H 18 -45.45 27.35 -49.27
CA UNK H 18 -44.21 26.60 -49.42
C UNK H 18 -44.56 25.15 -49.50
N UNK H 19 -43.68 24.35 -50.07
CA UNK H 19 -43.88 22.91 -50.12
C UNK H 19 -42.79 22.24 -49.29
N UNK H 20 -43.01 21.03 -48.80
CA UNK H 20 -41.93 20.36 -48.09
C UNK H 20 -42.28 19.00 -47.52
N UNK H 21 -41.29 18.35 -46.91
CA UNK H 21 -41.47 17.04 -46.28
C UNK H 21 -40.33 16.76 -45.31
N UNK H 22 -40.19 17.56 -44.26
CA UNK H 22 -39.04 17.37 -43.38
C UNK H 22 -39.27 17.86 -41.97
N UNK H 23 -38.47 17.32 -41.06
CA UNK H 23 -38.43 17.70 -39.66
C UNK H 23 -37.65 18.98 -39.45
N UNK H 24 -37.95 19.66 -38.34
CA UNK H 24 -37.34 20.90 -37.82
C UNK H 24 -38.14 22.11 -38.22
N UNK H 25 -38.81 22.73 -37.26
CA UNK H 25 -39.66 23.87 -37.57
C UNK H 25 -38.87 25.16 -37.67
N UNK H 26 -37.99 25.22 -38.64
CA UNK H 26 -37.18 26.38 -38.89
C UNK H 26 -37.89 27.20 -39.94
N UNK H 27 -37.62 28.49 -40.02
CA UNK H 27 -38.27 29.25 -41.07
C UNK H 27 -37.27 30.03 -41.86
N UNK H 28 -36.51 30.90 -41.21
CA UNK H 28 -35.62 31.77 -41.96
C UNK H 28 -36.42 32.42 -43.08
N UNK H 29 -37.58 32.95 -42.72
CA UNK H 29 -38.48 33.51 -43.70
C UNK H 29 -37.96 34.87 -43.99
N UNK H 30 -37.53 35.10 -45.21
CA UNK H 30 -36.85 36.33 -45.58
C UNK H 30 -37.29 36.87 -46.90
N UNK H 31 -37.08 38.15 -47.07
CA UNK H 31 -37.47 38.78 -48.31
C UNK H 31 -36.60 39.94 -48.68
N UNK H 32 -36.64 40.29 -49.96
CA UNK H 32 -35.83 41.41 -50.44
C UNK H 32 -36.48 42.27 -51.51
N UNK H 33 -36.16 43.53 -51.39
CA UNK H 33 -36.50 44.55 -52.35
C UNK H 33 -35.63 44.33 -53.55
N UNK H 34 -36.01 44.87 -54.69
CA UNK H 34 -35.13 44.69 -55.81
C UNK H 34 -33.79 45.32 -55.47
N UNK H 35 -32.71 44.69 -55.91
CA UNK H 35 -31.35 45.17 -55.68
C UNK H 35 -31.06 45.38 -54.20
N UNK H 36 -31.44 44.39 -53.40
CA UNK H 36 -31.21 44.44 -51.97
C UNK H 36 -30.99 43.04 -51.41
N UNK H 37 -30.23 42.96 -50.34
CA UNK H 37 -30.02 41.68 -49.67
C UNK H 37 -31.28 41.30 -48.91
N UNK H 38 -31.59 40.02 -48.87
CA UNK H 38 -32.74 39.55 -48.11
C UNK H 38 -32.44 39.47 -46.63
N UNK H 39 -33.48 39.66 -45.83
CA UNK H 39 -33.35 39.51 -44.39
C UNK H 39 -34.62 38.91 -43.84
N UNK H 40 -34.47 38.20 -42.71
CA UNK H 40 -35.62 37.52 -42.16
C UNK H 40 -36.68 38.43 -41.58
N UNK H 41 -37.91 38.03 -41.86
CA UNK H 41 -39.13 38.56 -41.29
C UNK H 41 -39.44 37.74 -40.06
N UNK H 42 -39.10 36.44 -40.13
CA UNK H 42 -39.34 35.52 -39.01
C UNK H 42 -38.28 34.43 -38.96
N UNK H 43 -37.87 34.08 -37.75
CA UNK H 43 -36.80 33.09 -37.60
C UNK H 43 -37.20 31.62 -37.65
N UNK H 44 -38.36 31.27 -37.10
CA UNK H 44 -38.72 29.86 -36.97
C UNK H 44 -40.19 29.65 -36.90
N UNK H 45 -40.62 28.44 -37.24
CA UNK H 45 -42.01 28.02 -37.16
C UNK H 45 -42.97 29.12 -37.57
N UNK H 46 -43.89 29.42 -36.65
CA UNK H 46 -44.89 30.46 -36.76
C UNK H 46 -44.48 31.62 -35.85
N UNK H 47 -45.05 32.79 -36.06
CA UNK H 47 -44.71 33.96 -35.30
C UNK H 47 -43.21 34.21 -35.50
N UNK H 48 -42.43 34.17 -34.42
CA UNK H 48 -40.99 34.37 -34.45
C UNK H 48 -40.57 35.61 -35.19
N UNK H 49 -41.32 36.70 -35.07
CA UNK H 49 -40.95 37.84 -35.86
C UNK H 49 -39.54 38.21 -35.53
N UNK H 50 -38.76 38.42 -36.56
CA UNK H 50 -37.35 38.75 -36.43
C UNK H 50 -37.16 40.24 -36.25
N UNK H 51 -37.71 40.79 -35.18
CA UNK H 51 -37.65 42.25 -34.97
C UNK H 51 -38.13 42.92 -36.26
N UNK H 52 -39.28 42.47 -36.74
CA UNK H 52 -39.86 42.85 -38.03
C UNK H 52 -40.61 44.18 -38.03
N UNK H 53 -40.72 44.82 -36.89
CA UNK H 53 -41.40 46.12 -36.73
C UNK H 53 -42.89 46.13 -37.13
N UNK H 54 -43.61 45.08 -36.74
CA UNK H 54 -45.07 44.90 -36.93
C UNK H 54 -45.51 44.64 -38.36
N UNK H 55 -46.78 44.23 -38.48
CA UNK H 55 -47.37 43.85 -39.76
C UNK H 55 -46.53 42.78 -40.40
N UNK H 56 -46.04 41.87 -39.59
CA UNK H 56 -45.23 40.78 -40.08
C UNK H 56 -45.12 39.67 -39.06
N UNK H 57 -45.47 38.47 -39.47
CA UNK H 57 -45.34 37.29 -38.62
C UNK H 57 -45.46 36.03 -39.47
N UNK H 58 -44.81 34.94 -39.04
CA UNK H 58 -44.91 33.63 -39.72
C UNK H 58 -46.12 32.82 -39.33
N UNK H 59 -46.48 31.90 -40.19
CA UNK H 59 -47.45 30.89 -39.88
C UNK H 59 -46.88 29.62 -40.51
N UNK H 60 -47.28 28.48 -40.01
CA UNK H 60 -46.71 27.25 -40.50
C UNK H 60 -47.64 26.08 -40.32
N UNK H 61 -47.38 25.02 -41.08
CA UNK H 61 -48.14 23.79 -40.98
C UNK H 61 -47.23 22.63 -41.34
N UNK H 62 -47.60 21.42 -40.98
CA UNK H 62 -46.71 20.34 -41.37
C UNK H 62 -46.57 20.36 -42.88
N UNK H 63 -45.32 20.27 -43.35
CA UNK H 63 -44.99 20.27 -44.77
C UNK H 63 -45.52 21.49 -45.52
N UNK H 64 -45.64 22.65 -44.85
CA UNK H 64 -46.13 23.84 -45.51
C UNK H 64 -45.77 25.12 -44.75
N UNK H 65 -45.84 26.24 -45.45
CA UNK H 65 -45.63 27.55 -44.84
C UNK H 65 -46.84 28.42 -45.02
N UNK H 66 -46.96 29.41 -44.16
CA UNK H 66 -48.05 30.35 -44.23
C UNK H 66 -47.61 31.68 -43.63
N UNK H 67 -48.39 32.73 -43.87
CA UNK H 67 -48.12 34.04 -43.27
C UNK H 67 -49.12 34.27 -42.14
N UNK H 68 -48.66 34.80 -41.00
CA UNK H 68 -49.57 35.11 -39.89
C UNK H 68 -49.93 36.58 -39.88
N UNK H 69 -49.01 37.42 -40.31
CA UNK H 69 -49.32 38.84 -40.28
C UNK H 69 -48.65 39.56 -41.38
N UNK H 70 -49.39 40.52 -41.89
CA UNK H 70 -49.02 41.44 -42.93
C UNK H 70 -50.05 42.54 -42.95
N UNK H 71 -49.73 43.66 -43.57
CA UNK H 71 -50.71 44.73 -43.74
C UNK H 71 -51.47 44.60 -45.07
N UNK H 72 -50.84 45.07 -46.15
CA UNK H 72 -51.40 45.06 -47.51
C UNK H 72 -50.27 45.30 -48.49
N UNK H 73 -50.51 45.07 -49.79
CA UNK H 73 -49.52 45.33 -50.83
C UNK H 73 -49.33 46.80 -51.13
N UNK H 74 -48.83 47.53 -50.15
CA UNK H 74 -48.58 48.95 -50.26
C UNK H 74 -47.24 49.16 -50.89
N UNK H 75 -47.14 48.77 -52.16
CA UNK H 75 -45.87 48.76 -52.90
C UNK H 75 -44.87 47.95 -52.10
N UNK H 76 -45.34 46.82 -51.58
CA UNK H 76 -44.57 45.95 -50.73
C UNK H 76 -44.29 44.57 -51.32
N UNK H 77 -44.35 44.44 -52.63
CA UNK H 77 -44.01 43.15 -53.22
C UNK H 77 -42.53 42.97 -53.04
N UNK H 78 -42.09 41.76 -52.75
CA UNK H 78 -40.67 41.49 -52.59
C UNK H 78 -40.38 40.05 -52.92
N UNK H 79 -39.14 39.79 -53.28
CA UNK H 79 -38.78 38.42 -53.48
C UNK H 79 -38.85 37.80 -52.12
N UNK H 80 -39.34 36.57 -52.01
CA UNK H 80 -39.37 35.99 -50.69
C UNK H 80 -39.21 34.49 -50.75
N UNK H 81 -38.63 33.95 -49.69
CA UNK H 81 -38.37 32.53 -49.55
C UNK H 81 -38.19 32.17 -48.08
N UNK H 82 -38.17 30.88 -47.80
CA UNK H 82 -37.94 30.35 -46.45
C UNK H 82 -37.12 29.08 -46.65
N UNK H 83 -36.39 28.66 -45.63
CA UNK H 83 -35.54 27.47 -45.79
C UNK H 83 -35.24 26.77 -44.47
N UNK H 84 -34.92 25.48 -44.56
CA UNK H 84 -34.58 24.71 -43.39
C UNK H 84 -33.64 23.57 -43.73
N UNK H 85 -32.91 23.10 -42.72
CA UNK H 85 -31.98 21.97 -42.75
C UNK H 85 -30.72 22.42 -42.08
N UNK H 86 -30.46 21.98 -40.85
CA UNK H 86 -29.26 22.45 -40.15
C UNK H 86 -28.01 22.13 -40.94
N UNK H 87 -28.01 20.99 -41.61
CA UNK H 87 -26.88 20.57 -42.42
C UNK H 87 -26.61 21.48 -43.62
N UNK H 88 -27.67 22.01 -44.25
CA UNK H 88 -27.56 22.81 -45.46
C UNK H 88 -28.92 23.30 -45.91
N UNK H 89 -29.39 24.40 -45.36
CA UNK H 89 -30.67 24.93 -45.77
C UNK H 89 -30.57 25.48 -47.19
N UNK H 90 -31.68 25.48 -47.93
CA UNK H 90 -31.69 26.07 -49.27
C UNK H 90 -33.03 26.68 -49.59
N UNK H 91 -33.02 27.70 -50.45
CA UNK H 91 -34.20 28.43 -50.88
C UNK H 91 -34.99 27.71 -51.96
N UNK H 92 -36.24 28.12 -52.11
CA UNK H 92 -37.12 27.69 -53.17
C UNK H 92 -38.03 28.87 -53.52
N UNK H 93 -38.46 29.01 -54.80
CA UNK H 93 -39.36 30.08 -55.29
C UNK H 93 -38.67 31.45 -55.16
C1 NAG I . -13.05 36.16 -11.65
C2 NAG I . -12.65 35.59 -13.08
C3 NAG I . -12.34 36.81 -14.02
C4 NAG I . -13.64 37.71 -14.12
C5 NAG I . -14.01 38.20 -12.67
C6 NAG I . -15.28 39.04 -12.62
C7 NAG I . -11.27 33.62 -13.70
C8 NAG I . -10.15 32.66 -13.41
N2 NAG I . -11.49 34.68 -12.92
O3 NAG I . -11.93 36.33 -15.31
O4 NAG I . -13.43 38.86 -14.98
O5 NAG I . -14.23 37.03 -11.79
O6 NAG I . -15.76 39.16 -11.29
O7 NAG I . -12.00 33.40 -14.70
C1 NAG I . -13.89 38.72 -16.42
C2 NAG I . -14.32 40.15 -16.95
C3 NAG I . -14.79 39.99 -18.44
C4 NAG I . -13.64 39.38 -19.31
C5 NAG I . -13.24 37.99 -18.70
C6 NAG I . -12.05 37.35 -19.40
C7 NAG I . -15.41 41.74 -15.35
C8 NAG I . -16.61 42.15 -14.55
N2 NAG I . -15.47 40.65 -16.12
O3 NAG I . -15.14 41.27 -18.98
O4 NAG I . -14.08 39.22 -20.65
O5 NAG I . -12.85 38.15 -17.27
O6 NAG I . -12.30 37.10 -20.78
O7 NAG I . -14.38 42.42 -15.26
C1 NAG J . 29.92 12.26 45.93
C2 NAG J . 30.94 13.46 45.78
C3 NAG J . 32.35 12.84 45.42
C4 NAG J . 32.83 11.84 46.52
C5 NAG J . 31.73 10.72 46.68
C6 NAG J . 31.98 9.75 47.82
C7 NAG J . 29.80 15.47 44.84
C8 NAG J . 29.39 16.30 43.66
N2 NAG J . 30.50 14.33 44.66
O3 NAG J . 33.30 13.91 45.31
O4 NAG J . 34.06 11.28 45.98
O5 NAG J . 30.40 11.34 46.98
O6 NAG J . 30.92 8.82 47.96
O7 NAG J . 29.48 15.85 45.98
C1 NAG J . 35.21 11.02 46.92
C2 NAG J . 36.03 9.81 46.31
C3 NAG J . 37.25 9.50 47.25
C4 NAG J . 38.14 10.78 47.40
C5 NAG J . 37.27 11.94 47.99
C6 NAG J . 38.03 13.26 48.11
C7 NAG J . 34.52 8.24 45.08
C8 NAG J . 33.55 7.10 45.10
N2 NAG J . 35.14 8.63 46.22
O3 NAG J . 38.04 8.44 46.69
O4 NAG J . 39.23 10.48 48.27
O5 NAG J . 36.08 12.19 47.09
O6 NAG J . 39.18 13.14 48.95
O7 NAG J . 34.75 8.81 44.00
C1 NAG K . 14.68 28.30 17.90
C2 NAG K . 14.92 27.04 18.84
C3 NAG K . 16.36 27.12 19.43
C4 NAG K . 17.41 27.14 18.29
C5 NAG K . 17.12 28.39 17.38
C6 NAG K . 18.02 28.49 16.14
C7 NAG K . 13.45 25.93 20.51
C8 NAG K . 12.43 26.02 21.60
N2 NAG K . 13.91 27.05 19.93
O3 NAG K . 16.60 25.98 20.26
O4 NAG K . 18.72 27.20 18.95
O5 NAG K . 15.73 28.30 16.86
O6 NAG K . 17.61 29.53 15.26
O7 NAG K . 13.86 24.82 20.16
C1 NAG K . 19.85 26.40 18.34
C2 NAG K . 21.22 27.09 18.69
C3 NAG K . 22.35 26.27 17.99
C4 NAG K . 22.33 24.78 18.49
C5 NAG K . 20.92 24.18 18.17
C6 NAG K . 20.69 22.80 18.78
C7 NAG K . 21.29 29.55 19.08
C8 NAG K . 21.14 30.95 18.58
N2 NAG K . 21.18 28.51 18.24
O3 NAG K . 23.62 26.86 18.30
O4 NAG K . 23.35 24.05 17.73
O5 NAG K . 19.85 25.01 18.78
O6 NAG K . 20.52 22.89 20.20
O7 NAG K . 21.53 29.39 20.29
C1 BMA K . 24.35 23.23 18.52
C2 BMA K . 24.59 21.85 17.76
C3 BMA K . 25.62 21.01 18.57
C4 BMA K . 26.96 21.82 18.73
C5 BMA K . 26.64 23.18 19.46
C6 BMA K . 27.85 24.11 19.56
O2 BMA K . 25.02 22.07 16.42
O3 BMA K . 25.89 19.79 17.87
O4 BMA K . 27.86 21.02 19.50
O5 BMA K . 25.62 23.93 18.68
O6 BMA K . 28.15 24.73 18.31
C1 NAG L . -4.94 -18.90 53.42
C2 NAG L . -6.33 -18.85 54.20
C3 NAG L . -6.45 -17.47 54.92
C4 NAG L . -5.24 -17.26 55.89
C5 NAG L . -3.91 -17.35 55.05
C6 NAG L . -2.63 -17.21 55.88
C7 NAG L . -8.17 -20.09 53.04
C8 NAG L . -9.20 -20.16 51.95
N2 NAG L . -7.41 -18.99 53.19
O3 NAG L . -7.67 -17.45 55.68
O4 NAG L . -5.39 -15.92 56.45
O5 NAG L . -3.84 -18.66 54.36
O6 NAG L . -1.47 -17.30 55.06
O7 NAG L . -8.03 -21.07 53.80
C1 NAG L . -5.22 -15.77 57.94
C2 NAG L . -4.88 -14.24 58.20
C3 NAG L . -4.70 -14.03 59.75
C4 NAG L . -6.01 -14.47 60.49
C5 NAG L . -6.29 -15.99 60.18
C6 NAG L . -7.57 -16.51 60.82
C7 NAG L . -3.50 -13.23 56.38
C8 NAG L . -2.16 -13.07 55.71
N2 NAG L . -3.59 -13.94 57.50
O3 NAG L . -4.48 -12.63 60.01
O4 NAG L . -5.81 -14.26 61.90
O5 NAG L . -6.41 -16.16 58.70
O6 NAG L . -7.68 -17.91 60.69
O7 NAG L . -4.49 -12.69 55.86
C1 NAG M . -24.93 -18.45 23.78
C2 NAG M . -23.61 -18.14 24.63
C3 NAG M . -24.04 -17.53 25.99
C4 NAG M . -24.89 -16.23 25.78
C5 NAG M . -26.16 -16.62 24.94
C6 NAG M . -27.07 -15.44 24.62
C7 NAG M . -21.65 -19.66 24.47
C8 NAG M . -20.98 -20.95 24.83
N2 NAG M . -22.88 -19.39 24.91
O3 NAG M . -22.85 -17.23 26.75
O4 NAG M . -25.32 -15.69 27.07
O5 NAG M . -25.72 -17.23 23.64
O6 NAG M . -26.40 -14.40 23.92
O7 NAG M . -21.03 -18.87 23.75
C1 NAG M . -24.64 -14.43 27.50
C2 NAG M . -25.48 -13.73 28.63
C3 NAG M . -24.77 -12.39 28.99
C4 NAG M . -23.30 -12.65 29.48
C5 NAG M . -22.54 -13.42 28.34
C6 NAG M . -21.13 -13.88 28.73
C7 NAG M . -27.96 -13.96 28.70
C8 NAG M . -29.30 -13.65 28.11
N2 NAG M . -26.85 -13.48 28.12
O3 NAG M . -25.55 -11.73 30.01
O4 NAG M . -22.61 -11.37 29.62
O5 NAG M . -23.27 -14.67 27.96
O6 NAG M . -21.14 -14.88 29.76
O7 NAG M . -27.91 -14.68 29.71
C1 BMA M . -22.48 -10.78 31.01
C2 BMA M . -21.37 -9.66 30.94
C3 BMA M . -21.23 -9.01 32.35
C4 BMA M . -22.61 -8.43 32.80
C5 BMA M . -23.66 -9.59 32.83
C6 BMA M . -25.07 -9.10 33.16
O2 BMA M . -21.69 -8.68 29.95
O3 BMA M . -20.25 -7.95 32.29
O4 BMA M . -22.45 -7.85 34.10
O5 BMA M . -23.74 -10.22 31.49
O6 BMA M . -25.14 -8.48 34.44
C1 NAG N . 30.37 -27.27 -2.51
C2 NAG N . 30.15 -26.95 -0.96
C3 NAG N . 30.27 -28.29 -0.17
C4 NAG N . 29.23 -29.33 -0.67
C5 NAG N . 29.50 -29.57 -2.21
C6 NAG N . 28.53 -30.52 -2.89
C7 NAG N . 30.99 -25.02 0.33
C8 NAG N . 32.11 -24.10 0.69
N2 NAG N . 31.20 -26.02 -0.53
O3 NAG N . 30.05 -28.04 1.22
O4 NAG N . 29.44 -30.54 0.13
O5 NAG N . 29.40 -28.27 -2.93
O6 NAG N . 27.18 -30.06 -2.83
O7 NAG N . 29.88 -24.81 0.85
C1 NAG N . 28.19 -31.26 0.59
C2 NAG N . 28.58 -32.75 0.92
C3 NAG N . 27.26 -33.50 1.33
C4 NAG N . 26.59 -32.81 2.57
C5 NAG N . 26.30 -31.31 2.18
C6 NAG N . 25.77 -30.48 3.34
C7 NAG N . 30.44 -33.84 -0.35
C8 NAG N . 31.01 -34.36 -1.63
N2 NAG N . 29.19 -33.36 -0.31
O3 NAG N . 27.59 -34.86 1.65
O4 NAG N . 25.32 -33.50 2.83
O5 NAG N . 27.56 -30.63 1.75
O6 NAG N . 26.72 -30.35 4.39
O7 NAG N . 31.15 -33.88 0.68
C1 BMA N . 25.17 -34.33 4.10
C2 BMA N . 24.23 -33.56 5.10
C3 BMA N . 24.06 -34.44 6.38
C4 BMA N . 23.48 -35.84 6.00
C5 BMA N . 24.46 -36.53 4.99
C6 BMA N . 23.95 -37.88 4.49
O2 BMA N . 22.95 -33.28 4.51
O3 BMA N . 23.15 -33.78 7.28
O4 BMA N . 23.35 -36.61 7.19
O5 BMA N . 24.63 -35.66 3.80
O6 BMA N . 24.75 -38.36 3.41
C1 NAG O . 19.23 18.26 52.12
C2 NAG O . 19.13 17.29 53.39
C3 NAG O . 17.64 17.31 53.88
C4 NAG O . 17.20 18.76 54.23
C5 NAG O . 17.36 19.67 52.96
C6 NAG O . 17.06 21.15 53.22
C7 NAG O . 20.37 15.13 53.66
C8 NAG O . 20.66 13.72 53.20
N2 NAG O . 19.51 15.90 52.98
O3 NAG O . 17.50 16.48 55.04
O4 NAG O . 15.83 18.74 54.64
O5 NAG O . 18.77 19.62 52.50
O6 NAG O . 15.67 21.36 53.49
O7 NAG O . 20.96 15.55 54.67
C1 NAG P . 35.25 26.74 45.91
C2 NAG P . 36.07 25.37 45.98
C3 NAG P . 37.44 25.65 46.69
C4 NAG P . 38.24 26.73 45.90
C5 NAG P . 37.38 28.05 45.82
C6 NAG P . 38.05 29.15 44.98
C7 NAG P . 34.74 23.27 46.24
C8 NAG P . 33.92 22.37 47.12
N2 NAG P . 35.29 24.37 46.77
O3 NAG P . 38.21 24.45 46.74
O4 NAG P . 39.47 26.96 46.59
O5 NAG P . 36.06 27.74 45.18
O6 NAG P . 37.24 30.32 44.92
O7 NAG P . 34.90 22.96 45.05
C1 NAG Q . 25.44 -2.46 48.52
C2 NAG Q . 25.41 -0.91 48.93
C3 NAG Q . 25.95 -0.78 50.39
C4 NAG Q . 25.05 -1.63 51.35
C5 NAG Q . 25.06 -3.13 50.88
C6 NAG Q . 24.13 -4.02 51.72
C7 NAG Q . 25.90 1.05 47.49
C8 NAG Q . 26.78 1.76 46.50
N2 NAG Q . 26.25 -0.16 47.97
O3 NAG Q . 25.92 0.59 50.81
O4 NAG Q . 25.58 -1.54 52.68
O5 NAG Q . 24.60 -3.22 49.46
O6 NAG Q . 24.51 -3.99 53.11
O7 NAG Q . 24.84 1.60 47.87
C1 NAG R . 3.58 5.69 42.71
C2 NAG R . 2.17 4.94 42.70
C3 NAG R . 1.03 6.00 42.52
C4 NAG R . 1.10 7.03 43.69
C5 NAG R . 2.51 7.73 43.70
C6 NAG R . 2.67 8.66 44.89
C7 NAG R . 1.56 2.71 41.78
C8 NAG R . 1.68 1.64 40.74
N2 NAG R . 2.17 3.90 41.64
O3 NAG R . -0.25 5.37 42.52
O4 NAG R . 0.07 8.01 43.51
O5 NAG R . 3.58 6.68 43.80
O6 NAG R . 1.63 9.65 44.95
O7 NAG R . 0.86 2.47 42.79
C1 NAG S . -14.43 35.12 12.27
C2 NAG S . -15.21 34.84 13.64
C3 NAG S . -16.68 34.43 13.28
C4 NAG S . -17.36 35.57 12.47
C5 NAG S . -16.54 35.84 11.17
C6 NAG S . -17.07 36.99 10.34
C7 NAG S . -13.63 33.93 15.33
C8 NAG S . -12.95 32.75 15.98
N2 NAG S . -14.55 33.73 14.37
O3 NAG S . -17.42 34.20 14.49
O4 NAG S . -18.69 35.16 12.16
O5 NAG S . -15.13 36.17 11.53
O6 NAG S . -16.28 37.19 9.16
O7 NAG S . -13.33 35.08 15.71
C1 NAG T . -6.06 39.73 -1.49
C2 NAG T . -6.36 40.62 -0.19
C3 NAG T . -6.57 42.10 -0.65
C4 NAG T . -5.31 42.62 -1.40
C5 NAG T . -5.02 41.70 -2.63
C6 NAG T . -3.76 42.08 -3.39
C7 NAG T . -7.64 39.76 1.77
C8 NAG T . -8.94 39.29 2.35
N2 NAG T . -7.59 40.13 0.48
O3 NAG T . -6.81 42.93 0.50
O4 NAG T . -5.53 43.97 -1.82
O5 NAG T . -4.86 40.28 -2.17
O6 NAG T . -3.84 43.39 -3.95
O7 NAG T . -6.62 39.82 2.50
C1 NAG U . -20.47 30.18 22.97
C2 NAG U . -21.39 28.88 22.92
C3 NAG U . -22.84 29.28 23.34
C4 NAG U . -22.84 29.93 24.76
C5 NAG U . -21.92 31.20 24.72
C6 NAG U . -21.79 31.88 26.08
C7 NAG U . -20.71 27.33 21.09
C8 NAG U . -20.79 26.94 19.64
N2 NAG U . -21.43 28.37 21.52
O3 NAG U . -23.68 28.11 23.36
O4 NAG U . -24.18 30.30 25.11
O5 NAG U . -20.55 30.81 24.30
O6 NAG U . -23.07 32.24 26.62
O7 NAG U . -19.96 26.69 21.85
C1 NAG V . 34.37 22.63 31.21
C2 NAG V . 35.77 23.33 31.47
C3 NAG V . 36.80 22.77 30.43
C4 NAG V . 36.91 21.22 30.60
C5 NAG V . 35.50 20.57 30.36
C6 NAG V . 35.48 19.07 30.61
C7 NAG V . 35.61 25.67 32.31
C8 NAG V . 35.36 27.12 32.04
N2 NAG V . 35.59 24.80 31.29
O3 NAG V . 38.09 23.35 30.66
O4 NAG V . 37.85 20.71 29.64
O5 NAG V . 34.53 21.17 31.33
O6 NAG V . 36.35 18.37 29.71
O7 NAG V . 35.84 25.32 33.47
C1 NAG W . 20.89 37.40 32.13
C2 NAG W . 22.12 36.62 31.51
C3 NAG W . 23.23 36.48 32.61
C4 NAG W . 23.66 37.89 33.11
C5 NAG W . 22.41 38.63 33.69
C6 NAG W . 22.73 40.05 34.15
C7 NAG W . 21.61 34.88 29.79
C8 NAG W . 20.96 33.58 29.41
N2 NAG W . 21.63 35.29 31.09
O3 NAG W . 24.37 35.81 32.05
O4 NAG W . 24.67 37.75 34.12
O5 NAG W . 21.36 38.72 32.63
O6 NAG W . 23.69 40.06 35.22
O7 NAG W . 22.13 35.56 28.90
C1 NAG X . -13.41 51.38 20.90
C2 NAG X . -14.83 51.74 20.24
C3 NAG X . -14.65 51.87 18.70
C4 NAG X . -13.59 52.97 18.37
C5 NAG X . -12.24 52.58 19.05
C6 NAG X . -11.14 53.64 18.85
C7 NAG X . -16.79 50.73 21.43
C8 NAG X . -17.69 49.55 21.66
N2 NAG X . -15.81 50.65 20.51
O3 NAG X . -15.90 52.24 18.09
O4 NAG X . -13.43 53.07 16.95
O5 NAG X . -12.44 52.42 20.52
O6 NAG X . -10.84 53.83 17.47
O7 NAG X . -16.96 51.76 22.10
C1 NAG Y . 1.03 32.57 41.42
C2 NAG Y . 1.76 31.32 42.09
C3 NAG Y . 1.64 31.42 43.65
C4 NAG Y . 2.25 32.77 44.14
C5 NAG Y . 1.49 33.96 43.46
C6 NAG Y . 2.09 35.32 43.83
C7 NAG Y . 1.78 29.12 40.91
C8 NAG Y . 1.15 27.79 40.60
N2 NAG Y . 1.14 30.04 41.65
O3 NAG Y . 2.34 30.33 44.26
O4 NAG Y . 2.14 32.82 45.57
O5 NAG Y . 1.61 33.81 41.98
O6 NAG Y . 1.28 36.38 43.33
O7 NAG Y . 2.90 29.33 40.45
C1 NAG Z . 7.76 31.69 40.61
C2 NAG Z . 6.87 30.53 41.26
C3 NAG Z . 5.97 31.16 42.38
C4 NAG Z . 6.86 31.88 43.45
C5 NAG Z . 7.71 32.99 42.74
C6 NAG Z . 8.63 33.73 43.70
C7 NAG Z . 6.25 28.80 39.56
C8 NAG Z . 5.39 28.34 38.41
N2 NAG Z . 6.01 29.97 40.18
O3 NAG Z . 5.21 30.12 43.02
O4 NAG Z . 6.01 32.48 44.44
O5 NAG Z . 8.54 32.36 41.67
O6 NAG Z . 7.90 34.35 44.76
O7 NAG Z . 7.19 28.07 39.92
C1 NAG AA . 13.68 35.94 15.26
C2 NAG AA . 13.99 34.94 14.05
C3 NAG AA . 15.07 35.59 13.12
C4 NAG AA . 14.54 36.96 12.61
C5 NAG AA . 14.24 37.89 13.84
C6 NAG AA . 13.65 39.24 13.41
C7 NAG AA . 13.81 32.51 14.57
C8 NAG AA . 14.35 31.30 15.29
N2 NAG AA . 14.50 33.65 14.60
O3 NAG AA . 15.33 34.73 12.00
O4 NAG AA . 15.54 37.55 11.77
O5 NAG AA . 13.24 37.23 14.73
O6 NAG AA . 14.52 39.97 12.54
O7 NAG AA . 12.74 32.41 13.95
C1 NAG BA . 20.25 38.30 24.68
C2 NAG BA . 20.83 37.88 23.26
C3 NAG BA . 21.29 39.18 22.51
C4 NAG BA . 20.06 40.15 22.37
C5 NAG BA . 19.49 40.48 23.80
C6 NAG BA . 18.21 41.32 23.73
C7 NAG BA . 22.29 36.00 22.59
C8 NAG BA . 23.37 35.01 22.94
N2 NAG BA . 21.94 36.93 23.48
O3 NAG BA . 21.75 38.88 21.19
O4 NAG BA . 20.50 41.33 21.72
O5 NAG BA . 19.12 39.22 24.50
O6 NAG BA . 17.69 41.56 25.03
O7 NAG BA . 21.75 35.94 21.48
C1 NAG CA . 3.39 44.72 12.59
C2 NAG CA . 3.05 46.15 13.17
C3 NAG CA . 3.13 47.19 12.00
C4 NAG CA . 4.57 47.16 11.36
C5 NAG CA . 4.87 45.70 10.85
C6 NAG CA . 6.30 45.55 10.33
C7 NAG CA . 1.35 46.72 14.90
C8 NAG CA . -0.03 46.52 15.47
N2 NAG CA . 1.69 46.09 13.77
O3 NAG CA . 2.88 48.52 12.49
O4 NAG CA . 4.60 48.07 10.26
O5 NAG CA . 4.73 44.74 11.98
O6 NAG CA . 6.59 44.18 10.06
O7 NAG CA . 2.15 47.45 15.51
C1 NAG DA . 5.07 49.41 30.88
C2 NAG DA . 4.58 48.87 32.30
C3 NAG DA . 3.68 49.97 32.96
C4 NAG DA . 4.50 51.29 33.13
C5 NAG DA . 4.99 51.76 31.72
C6 NAG DA . 5.86 53.00 31.78
C7 NAG DA . 4.29 46.39 32.23
C8 NAG DA . 3.47 45.16 31.99
N2 NAG DA . 3.77 47.62 32.13
O3 NAG DA . 3.25 49.51 34.25
O4 NAG DA . 3.65 52.28 33.71
O5 NAG DA . 5.81 50.68 31.08
O6 NAG DA . 5.18 54.11 32.39
O7 NAG DA . 5.50 46.23 32.52
C1 NAG EA . 4.91 41.35 39.83
C2 NAG EA . 4.35 42.44 40.83
C3 NAG EA . 5.54 43.36 41.28
C4 NAG EA . 6.64 42.48 41.96
C5 NAG EA . 7.13 41.39 40.94
C6 NAG EA . 8.15 40.42 41.54
C7 NAG EA . 1.99 42.99 40.21
C8 NAG EA . 1.00 43.76 39.38
N2 NAG EA . 3.32 43.25 40.12
O3 NAG EA . 5.08 44.34 42.23
O4 NAG EA . 7.72 43.33 42.35
O5 NAG EA . 5.97 40.57 40.48
O6 NAG EA . 8.53 39.43 40.59
O7 NAG EA . 1.56 42.11 40.97
C1 NAG FA . -37.94 13.80 -16.41
C2 NAG FA . -38.53 13.08 -17.71
C3 NAG FA . -40.02 12.71 -17.43
C4 NAG FA . -40.11 11.78 -16.18
C5 NAG FA . -39.49 12.52 -14.94
C6 NAG FA . -39.43 11.64 -13.69
C7 NAG FA . -37.42 13.95 -19.76
C8 NAG FA . -37.34 14.96 -20.87
N2 NAG FA . -38.43 14.01 -18.87
O3 NAG FA . -40.56 12.03 -18.57
O4 NAG FA . -41.48 11.47 -15.94
O5 NAG FA . -38.08 12.90 -15.25
O6 NAG FA . -38.84 12.34 -12.59
O7 NAG FA . -36.54 13.07 -19.68
C1 NAG GA . -33.69 31.90 -20.05
C2 NAG GA . -33.31 33.45 -20.11
C3 NAG GA . -34.50 34.27 -19.50
C4 NAG GA . -35.80 33.99 -20.33
C5 NAG GA . -36.12 32.45 -20.29
C6 NAG GA . -37.33 32.09 -21.14
C7 NAG GA . -30.89 33.96 -19.93
C8 NAG GA . -29.66 34.29 -19.12
N2 NAG GA . -32.07 33.69 -19.33
O3 NAG GA . -34.18 35.67 -19.57
O4 NAG GA . -36.87 34.74 -19.76
O5 NAG GA . -34.95 31.69 -20.81
O6 NAG GA . -38.52 32.75 -20.72
O7 NAG GA . -30.76 33.94 -21.16
C1 NAG HA . -30.76 17.15 -2.17
C2 NAG HA . -30.91 18.70 -2.55
C3 NAG HA . -30.67 19.54 -1.25
C4 NAG HA . -31.72 19.14 -0.16
C5 NAG HA . -31.59 17.60 0.13
C6 NAG HA . -32.66 17.11 1.12
C7 NAG HA . -30.26 19.28 -4.87
C8 NAG HA . -29.19 19.42 -5.93
N2 NAG HA . -29.91 19.03 -3.60
O3 NAG HA . -30.81 20.94 -1.54
O4 NAG HA . -31.49 19.89 1.03
O5 NAG HA . -31.76 16.82 -1.13
O6 NAG HA . -32.59 17.79 2.37
O7 NAG HA . -31.44 19.43 -5.21
C1 NAG IA . -8.49 -24.24 -39.07
C2 NAG IA . -8.18 -25.77 -38.68
C3 NAG IA . -7.16 -26.36 -39.71
C4 NAG IA . -7.77 -26.26 -41.15
C5 NAG IA . -8.11 -24.76 -41.47
C6 NAG IA . -8.79 -24.57 -42.83
C7 NAG IA . -6.66 -25.39 -36.71
C8 NAG IA . -6.37 -25.63 -35.25
N2 NAG IA . -7.74 -25.94 -37.27
O3 NAG IA . -6.90 -27.73 -39.39
O4 NAG IA . -6.82 -26.76 -42.10
O5 NAG IA . -9.04 -24.21 -40.43
O6 NAG IA . -7.95 -24.99 -43.90
O7 NAG IA . -5.88 -24.67 -37.36
C1 NAG JA . -9.35 -30.84 -24.17
C2 NAG JA . -8.92 -31.72 -22.92
C3 NAG JA . -9.92 -32.92 -22.81
C4 NAG JA . -11.38 -32.38 -22.64
C5 NAG JA . -11.73 -31.48 -23.88
C6 NAG JA . -13.11 -30.82 -23.78
C7 NAG JA . -6.67 -32.44 -22.12
C8 NAG JA . -5.29 -32.98 -22.43
N2 NAG JA . -7.53 -32.23 -23.13
O3 NAG JA . -9.59 -33.74 -21.67
O4 NAG JA . -12.28 -33.49 -22.56
O5 NAG JA . -10.74 -30.38 -23.98
O6 NAG JA . -14.15 -31.80 -23.83
O7 NAG JA . -6.98 -32.21 -20.94
C1 NAG KA . -34.53 -21.43 -16.49
C2 NAG KA . -34.44 -20.01 -17.21
C3 NAG KA . -35.89 -19.57 -17.60
C4 NAG KA . -36.54 -20.64 -18.53
C5 NAG KA . -36.57 -22.02 -17.78
C6 NAG KA . -37.12 -23.17 -18.65
C7 NAG KA . -32.93 -18.12 -16.62
C8 NAG KA . -32.29 -17.22 -15.59
N2 NAG KA . -33.84 -19.04 -16.24
O3 NAG KA . -35.85 -18.32 -18.31
O4 NAG KA . -37.87 -20.24 -18.87
O5 NAG KA . -35.18 -22.39 -17.39
O6 NAG KA . -38.47 -22.94 -19.05
O7 NAG KA . -32.60 -17.98 -17.80
C1 NAG LA . 11.04 -17.29 51.14
C2 NAG LA . 10.24 -18.56 51.69
C3 NAG LA . 10.75 -18.89 53.13
C4 NAG LA . 12.29 -19.17 53.09
C5 NAG LA . 13.02 -17.90 52.52
C6 NAG LA . 14.53 -18.11 52.37
C7 NAG LA . 7.85 -18.75 50.98
C8 NAG LA . 6.42 -18.32 51.15
N2 NAG LA . 8.79 -18.21 51.77
O3 NAG LA . 10.08 -20.06 53.62
O4 NAG LA . 12.73 -19.46 54.42
O5 NAG LA . 12.49 -17.59 51.18
O6 NAG LA . 15.15 -18.44 53.60
O7 NAG LA . 8.11 -19.59 50.11
C1 NAG MA . 7.85 -31.09 32.90
C2 NAG MA . 7.48 -32.31 33.88
C3 NAG MA . 7.18 -33.57 32.99
C4 NAG MA . 5.99 -33.27 32.03
C5 NAG MA . 6.37 -32.04 31.12
C6 NAG MA . 5.23 -31.63 30.19
C7 NAG MA . 8.47 -33.24 35.98
C8 NAG MA . 9.65 -33.46 36.89
N2 NAG MA . 8.61 -32.56 34.82
O3 NAG MA . 6.81 -34.71 33.79
O4 NAG MA . 5.76 -34.42 31.22
O5 NAG MA . 6.70 -30.86 31.99
O6 NAG MA . 5.01 -32.59 29.17
O7 NAG MA . 7.37 -33.70 36.33
C1 NAG NA . -23.93 -37.20 1.33
C2 NAG NA . -24.41 -38.69 1.65
C3 NAG NA . -23.95 -39.61 0.46
C4 NAG NA . -24.56 -39.09 -0.88
C5 NAG NA . -24.07 -37.62 -1.12
C6 NAG NA . -24.70 -36.98 -2.36
C7 NAG NA . -24.43 -39.32 4.07
C8 NAG NA . -23.70 -39.79 5.31
N2 NAG NA . -23.77 -39.17 2.91
O3 NAG NA . -24.40 -40.95 0.70
O4 NAG NA . -24.10 -39.94 -1.94
O5 NAG NA . -24.48 -36.78 0.04
O6 NAG NA . -24.46 -37.76 -3.54
O7 NAG NA . -25.65 -39.08 4.16
C1 NAG OA . -35.90 -24.83 -4.57
C2 NAG OA . -36.02 -26.24 -3.85
C3 NAG OA . -37.43 -26.85 -4.15
C4 NAG OA . -38.54 -25.87 -3.65
C5 NAG OA . -38.35 -24.48 -4.36
C6 NAG OA . -39.36 -23.44 -3.86
C7 NAG OA . -34.30 -28.00 -3.52
C8 NAG OA . -33.12 -28.76 -4.03
N2 NAG OA . -34.92 -27.12 -4.33
O3 NAG OA . -37.59 -28.12 -3.47
O4 NAG OA . -39.83 -26.42 -3.95
O5 NAG OA . -36.98 -23.96 -4.10
O6 NAG OA . -40.72 -23.84 -4.10
O7 NAG OA . -34.71 -28.21 -2.37
C1 NAG PA . -14.93 -45.61 2.72
C2 NAG PA . -13.55 -45.42 1.95
C3 NAG PA . -13.27 -46.70 1.09
C4 NAG PA . -13.22 -47.96 2.01
C5 NAG PA . -14.60 -48.08 2.77
C6 NAG PA . -14.65 -49.26 3.74
C7 NAG PA . -13.15 -43.04 1.32
C8 NAG PA . -13.43 -41.88 0.40
N2 NAG PA . -13.67 -44.25 1.04
O3 NAG PA . -12.01 -46.56 0.42
O4 NAG PA . -12.97 -49.12 1.21
O5 NAG PA . -14.86 -46.83 3.54
O6 NAG PA . -14.52 -50.51 3.09
O7 NAG PA . -12.42 -42.87 2.30
C1 NAG QA . -20.51 -11.48 47.16
C2 NAG QA . -21.92 -11.04 46.58
C3 NAG QA . -21.91 -9.47 46.44
C4 NAG QA . -21.65 -8.81 47.83
C5 NAG QA . -20.28 -9.33 48.39
C6 NAG QA . -19.96 -8.79 49.79
C7 NAG QA . -22.86 -12.80 45.08
C8 NAG QA . -23.01 -13.39 43.72
N2 NAG QA . -22.15 -11.66 45.24
O3 NAG QA . -23.19 -9.02 45.94
O4 NAG QA . -21.61 -7.39 47.68
O5 NAG QA . -20.31 -10.83 48.48
O6 NAG QA . -19.80 -7.37 49.77
O7 NAG QA . -23.39 -13.38 46.05
C1 NAG RA . -29.90 -28.03 38.51
C2 NAG RA . -29.88 -26.52 39.01
C3 NAG RA . -29.66 -26.50 40.56
C4 NAG RA . -30.80 -27.31 41.26
C5 NAG RA . -30.79 -28.78 40.72
C6 NAG RA . -31.91 -29.64 41.30
C7 NAG RA . -28.89 -24.87 37.40
C8 NAG RA . -27.71 -24.35 36.61
N2 NAG RA . -28.72 -25.82 38.34
O3 NAG RA . -29.70 -25.14 41.04
O4 NAG RA . -30.58 -27.30 42.67
O5 NAG RA . -30.97 -28.75 39.24
O6 NAG RA . -31.79 -29.79 42.71
O7 NAG RA . -30.01 -24.40 37.16
C1 NAG SA . -36.71 -42.35 25.54
C2 NAG SA . -37.29 -42.99 26.90
C3 NAG SA . -37.54 -44.50 26.64
C4 NAG SA . -38.56 -44.68 25.47
C5 NAG SA . -37.98 -44.00 24.18
C6 NAG SA . -38.96 -44.02 23.00
C7 NAG SA . -36.44 -41.89 28.97
C8 NAG SA . -35.37 -41.72 30.01
N2 NAG SA . -36.30 -42.80 27.99
O3 NAG SA . -38.08 -45.12 27.83
O4 NAG SA . -38.75 -46.08 25.24
O5 NAG SA . -37.69 -42.56 24.46
O6 NAG SA . -38.56 -43.15 21.95
O7 NAG SA . -37.46 -41.18 29.05
C1 NAG TA . -17.40 -44.01 31.43
C2 NAG TA . -18.39 -45.24 31.36
C3 NAG TA . -17.96 -46.29 32.44
C4 NAG TA . -16.48 -46.74 32.14
C5 NAG TA . -15.54 -45.48 32.16
C6 NAG TA . -14.10 -45.80 31.81
C7 NAG TA . -20.77 -44.83 30.70
C8 NAG TA . -22.08 -44.14 30.93
N2 NAG TA . -19.76 -44.70 31.59
O3 NAG TA . -18.82 -47.43 32.40
O4 NAG TA . -16.08 -47.68 33.14
O5 NAG TA . -16.03 -44.47 31.17
O6 NAG TA . -13.50 -46.71 32.73
O7 NAG TA . -20.64 -45.53 29.67
C1 NAG UA . -32.42 -21.11 21.53
C2 NAG UA . -32.06 -19.69 20.90
C3 NAG UA . -33.32 -18.77 20.97
C4 NAG UA . -34.50 -19.44 20.19
C5 NAG UA . -34.81 -20.84 20.84
C6 NAG UA . -35.87 -21.62 20.09
C7 NAG UA . -29.71 -18.91 21.24
C8 NAG UA . -28.63 -18.42 22.17
N2 NAG UA . -30.96 -19.09 21.70
O3 NAG UA . -33.03 -17.51 20.36
O4 NAG UA . -35.65 -18.59 20.27
O5 NAG UA . -33.57 -21.68 20.81
O6 NAG UA . -36.10 -22.90 20.67
O7 NAG UA . -29.42 -19.15 20.05
C1 NAG VA . -8.46 -32.40 53.06
C2 NAG VA . -8.07 -33.88 52.60
C3 NAG VA . -9.24 -34.84 52.98
C4 NAG VA . -9.49 -34.78 54.53
C5 NAG VA . -9.83 -33.30 54.94
C6 NAG VA . -9.99 -33.13 56.45
C7 NAG VA . -6.62 -33.91 50.57
C8 NAG VA . -6.46 -33.95 49.07
N2 NAG VA . -7.84 -33.94 51.13
O3 NAG VA . -8.93 -36.18 52.61
O4 NAG VA . -10.57 -35.64 54.85
O5 NAG VA . -8.71 -32.40 54.51
O6 NAG VA . -11.07 -33.90 56.98
O7 NAG VA . -5.59 -33.87 51.25
C1 NAG WA . -32.39 -23.95 32.74
C2 NAG WA . -33.62 -23.20 32.07
C3 NAG WA . -34.94 -23.84 32.61
C4 NAG WA . -34.96 -25.36 32.26
C5 NAG WA . -33.69 -26.06 32.88
C6 NAG WA . -33.53 -27.53 32.47
C7 NAG WA . -33.44 -20.78 31.47
C8 NAG WA . -33.28 -19.35 31.87
N2 NAG WA . -33.54 -21.75 32.41
O3 NAG WA . -36.09 -23.20 32.02
O4 NAG WA . -36.15 -25.94 32.79
O5 NAG WA . -32.47 -25.37 32.39
O6 NAG WA . -34.47 -28.37 33.14
O7 NAG WA . -33.48 -21.05 30.27
C1 NAG XA . -36.93 -48.29 7.02
C2 NAG XA . -37.39 -49.06 5.69
C3 NAG XA . -37.84 -48.00 4.63
C4 NAG XA . -39.02 -47.14 5.21
C5 NAG XA . -38.53 -46.43 6.51
C6 NAG XA . -39.63 -45.63 7.22
C7 NAG XA . -36.13 -51.17 5.28
C8 NAG XA . -34.91 -51.87 4.74
N2 NAG XA . -36.25 -49.85 5.14
O3 NAG XA . -38.28 -48.66 3.43
O4 NAG XA . -39.40 -46.18 4.22
O5 NAG XA . -38.07 -47.45 7.49
O6 NAG XA . -39.16 -45.05 8.43
O7 NAG XA . -37.01 -51.85 5.84
C1 NAG YA . -16.38 -38.50 34.54
C2 NAG YA . -17.38 -39.59 35.12
C3 NAG YA . -16.61 -40.93 35.28
C4 NAG YA . -16.04 -41.36 33.89
C5 NAG YA . -15.09 -40.23 33.35
C6 NAG YA . -14.56 -40.53 31.95
C7 NAG YA . -19.17 -38.85 36.68
C8 NAG YA . -19.56 -38.29 38.02
N2 NAG YA . -17.88 -39.11 36.44
O3 NAG YA . -17.51 -41.93 35.77
O4 NAG YA . -15.34 -42.59 34.04
O5 NAG YA . -15.84 -38.95 33.25
O6 NAG YA . -13.66 -41.64 31.96
O7 NAG YA . -20.05 -39.05 35.83
C1 NAG ZA . -25.49 -46.55 32.79
C2 NAG ZA . -25.40 -45.79 34.18
C3 NAG ZA . -24.92 -46.80 35.27
C4 NAG ZA . -25.90 -48.00 35.36
C5 NAG ZA . -25.98 -48.70 33.96
C6 NAG ZA . -26.98 -49.85 33.93
C7 NAG ZA . -24.79 -43.39 33.77
C8 NAG ZA . -23.75 -42.32 33.61
N2 NAG ZA . -24.43 -44.66 34.06
O3 NAG ZA . -24.87 -46.14 36.56
O4 NAG ZA . -25.42 -48.93 36.34
O5 NAG ZA . -26.41 -47.70 32.93
O6 NAG ZA . -26.66 -50.88 34.88
O7 NAG ZA . -25.98 -43.08 33.65
C1 NAG AB . 10.81 24.56 -35.93
C2 NAG AB . 9.38 25.14 -36.36
C3 NAG AB . 9.49 26.69 -36.48
C4 NAG AB . 9.93 27.29 -35.10
C5 NAG AB . 11.32 26.65 -34.68
C6 NAG AB . 11.75 27.09 -33.27
C7 NAG AB . 7.68 24.10 -37.85
C8 NAG AB . 7.34 23.32 -39.09
N2 NAG AB . 8.95 24.46 -37.62
O3 NAG AB . 8.22 27.25 -36.84
O4 NAG AB . 10.05 28.69 -35.23
O5 NAG AB . 11.20 25.17 -34.64
O6 NAG AB . 12.97 26.47 -32.89
O7 NAG AB . 6.77 24.40 -37.07
C1 NAG BB . 18.65 14.02 -47.25
C2 NAG BB . 19.04 13.13 -48.52
C3 NAG BB . 20.45 13.59 -49.03
C4 NAG BB . 20.41 15.11 -49.38
C5 NAG BB . 20.00 15.93 -48.11
C6 NAG BB . 19.89 17.43 -48.40
C7 NAG BB . 18.16 10.80 -48.40
C8 NAG BB . 18.26 9.42 -47.84
N2 NAG BB . 19.10 11.71 -48.10
O3 NAG BB . 20.81 12.84 -50.19
O4 NAG BB . 21.71 15.52 -49.83
O5 NAG BB . 18.67 15.45 -47.63
O6 NAG BB . 21.14 17.99 -48.79
O7 NAG BB . 17.20 11.08 -49.14
C1 NAG CB . 21.03 17.86 -24.54
C2 NAG CB . 21.95 17.35 -25.73
C3 NAG CB . 23.39 17.10 -25.19
C4 NAG CB . 23.95 18.42 -24.57
C5 NAG CB . 23.00 18.91 -23.41
C6 NAG CB . 23.41 20.24 -22.80
C7 NAG CB . 20.72 15.99 -27.44
C8 NAG CB . 20.04 14.70 -27.84
N2 NAG CB . 21.37 16.07 -26.26
O3 NAG CB . 24.25 16.68 -26.25
O4 NAG CB . 25.26 18.16 -24.06
O5 NAG CB . 21.61 19.09 -23.96
O6 NAG CB . 22.56 20.61 -21.73
O7 NAG CB . 20.68 16.95 -28.22
C1 NAG DB . 23.02 -6.85 -38.46
C2 NAG DB . 21.49 -7.04 -38.88
C3 NAG DB . 21.44 -8.00 -40.11
C4 NAG DB . 22.26 -7.37 -41.29
C5 NAG DB . 23.75 -7.15 -40.81
C6 NAG DB . 24.60 -6.44 -41.88
C7 NAG DB . 19.66 -7.00 -37.22
C8 NAG DB . 19.06 -7.50 -35.95
N2 NAG DB . 20.75 -7.59 -37.73
O3 NAG DB . 20.08 -8.18 -40.53
O4 NAG DB . 22.21 -8.27 -42.39
O5 NAG DB . 23.76 -6.28 -39.60
O6 NAG DB . 25.93 -6.24 -41.44
O7 NAG DB . 19.11 -6.05 -37.80
C1 NAG EB . 29.56 -21.82 41.41
C2 NAG EB . 28.92 -21.81 42.86
C3 NAG EB . 29.95 -21.15 43.85
C4 NAG EB . 31.28 -21.97 43.83
C5 NAG EB . 31.84 -21.99 42.36
C6 NAG EB . 33.12 -22.84 42.23
C7 NAG EB . 26.43 -21.60 42.81
C8 NAG EB . 25.20 -20.75 42.63
N2 NAG EB . 27.65 -21.03 42.82
O3 NAG EB . 29.41 -21.18 45.19
O4 NAG EB . 32.22 -21.35 44.71
O5 NAG EB . 30.82 -22.57 41.44
O6 NAG EB . 34.17 -22.37 43.07
O7 NAG EB . 26.29 -22.83 42.94
C1 NAG FB . 35.14 -32.82 32.16
C2 NAG FB . 35.69 -34.24 31.67
C3 NAG FB . 34.66 -35.35 32.06
C4 NAG FB . 34.41 -35.34 33.60
C5 NAG FB . 33.88 -33.93 34.02
C6 NAG FB . 33.63 -33.80 35.52
C7 NAG FB . 37.01 -33.98 29.58
C8 NAG FB . 37.10 -33.99 28.08
N2 NAG FB . 35.84 -34.22 30.19
O3 NAG FB . 35.20 -36.64 31.70
O4 NAG FB . 33.47 -36.36 33.93
O5 NAG FB . 34.87 -32.88 33.61
O6 NAG FB . 32.68 -34.75 35.99
O7 NAG FB . 38.03 -33.74 30.25
C1 NAG GB . 36.03 -6.55 25.00
C2 NAG GB . 36.30 -4.99 24.82
C3 NAG GB . 37.28 -4.78 23.61
C4 NAG GB . 38.62 -5.53 23.92
C5 NAG GB . 38.33 -7.06 24.15
C6 NAG GB . 39.58 -7.82 24.58
C7 NAG GB . 34.55 -3.32 25.41
C8 NAG GB . 33.19 -2.73 25.18
N2 NAG GB . 35.01 -4.30 24.60
O3 NAG GB . 37.54 -3.39 23.42
O4 NAG GB . 39.51 -5.35 22.83
O5 NAG GB . 37.33 -7.22 25.25
O6 NAG GB . 40.67 -7.62 23.67
O7 NAG GB . 35.23 -2.90 26.37
C1 NAG HB . 39.22 -2.61 -20.10
C2 NAG HB . 40.01 -2.48 -18.72
C3 NAG HB . 40.71 -1.08 -18.71
C4 NAG HB . 41.68 -0.96 -19.94
C5 NAG HB . 40.86 -1.18 -21.26
C6 NAG HB . 41.74 -1.15 -22.52
C7 NAG HB . 39.21 -3.43 -16.57
C8 NAG HB . 38.13 -3.57 -15.56
N2 NAG HB . 39.03 -2.61 -17.61
O3 NAG HB . 41.47 -0.92 -17.50
O4 NAG HB . 42.27 0.34 -19.93
O5 NAG HB . 40.16 -2.49 -21.22
O6 NAG HB . 42.38 0.11 -22.70
O7 NAG HB . 40.27 -4.08 -16.44
C1 NAG IB . 29.35 -14.12 -30.71
C2 NAG IB . 30.87 -14.34 -30.28
C3 NAG IB . 31.68 -14.84 -31.52
C4 NAG IB . 31.06 -16.17 -32.06
C5 NAG IB . 29.56 -15.91 -32.45
C6 NAG IB . 28.84 -17.18 -32.89
C7 NAG IB . 31.94 -12.94 -28.52
C8 NAG IB . 32.44 -11.62 -28.01
N2 NAG IB . 31.42 -13.06 -29.75
O3 NAG IB . 33.05 -15.08 -31.14
O4 NAG IB . 31.80 -16.61 -33.19
O5 NAG IB . 28.82 -15.39 -31.25
O6 NAG IB . 29.47 -17.81 -34.00
O7 NAG IB . 32.02 -13.92 -27.77
C1 NAG JB . 44.44 4.36 -11.04
C2 NAG JB . 43.35 5.45 -10.63
C3 NAG JB . 43.83 6.84 -11.16
C4 NAG JB . 45.22 7.19 -10.54
C5 NAG JB . 46.25 6.07 -10.92
C6 NAG JB . 47.61 6.28 -10.26
C7 NAG JB . 41.05 4.51 -10.49
C8 NAG JB . 39.78 4.06 -11.16
N2 NAG JB . 42.03 5.10 -11.21
O3 NAG JB . 42.88 7.86 -10.79
O4 NAG JB . 45.66 8.45 -11.04
O5 NAG JB . 45.75 4.74 -10.47
O6 NAG JB . 48.20 7.54 -10.60
O7 NAG JB . 41.16 4.34 -9.27
C1 NAG KB . 42.17 -23.74 -19.70
C2 NAG KB . 41.85 -25.02 -20.60
C3 NAG KB . 43.22 -25.62 -21.11
C4 NAG KB . 44.01 -24.55 -21.91
C5 NAG KB . 44.26 -23.31 -20.99
C6 NAG KB . 45.03 -22.18 -21.67
C7 NAG KB . 39.89 -26.36 -19.91
C8 NAG KB . 39.24 -27.33 -18.97
N2 NAG KB . 41.17 -26.01 -19.74
O3 NAG KB . 42.96 -26.74 -21.96
O4 NAG KB . 45.26 -25.11 -22.33
O5 NAG KB . 42.95 -22.78 -20.50
O6 NAG KB . 46.29 -22.60 -22.17
O7 NAG KB . 39.19 -25.91 -20.84
C1 NAG LB . 38.89 -36.40 -2.17
C2 NAG LB . 40.18 -36.46 -3.11
C3 NAG LB . 39.84 -37.33 -4.36
C4 NAG LB . 39.42 -38.76 -3.92
C5 NAG LB . 38.17 -38.65 -2.97
C6 NAG LB . 37.75 -40.01 -2.41
C7 NAG LB . 41.62 -34.42 -3.18
C8 NAG LB . 41.79 -32.99 -3.57
N2 NAG LB . 40.51 -35.08 -3.56
O3 NAG LB . 41.00 -37.41 -5.21
O4 NAG LB . 39.09 -39.53 -5.08
O5 NAG LB . 38.52 -37.78 -1.81
O6 NAG LB . 37.39 -40.93 -3.43
O7 NAG LB . 42.51 -34.98 -2.53
C1 NAG MB . 30.45 -41.77 17.01
C2 NAG MB . 30.89 -43.12 16.28
C3 NAG MB . 29.62 -44.00 16.04
C4 NAG MB . 28.92 -44.31 17.39
C5 NAG MB . 28.53 -42.96 18.07
C6 NAG MB . 27.89 -43.15 19.45
C7 NAG MB . 32.80 -42.83 14.69
C8 NAG MB . 33.31 -42.36 13.36
N2 NAG MB . 31.49 -42.78 14.96
O3 NAG MB . 30.00 -45.25 15.44
O4 NAG MB . 27.77 -45.11 17.16
O5 NAG MB . 29.75 -42.12 18.26
O6 NAG MB . 26.71 -43.94 19.39
O7 NAG MB . 33.61 -43.28 15.52
C1 NAG NB . 45.24 -35.78 3.60
C2 NAG NB . 44.00 -36.62 4.13
C3 NAG NB . 44.50 -37.50 5.33
C4 NAG NB . 45.65 -38.45 4.84
C5 NAG NB . 46.83 -37.56 4.30
C6 NAG NB . 47.98 -38.40 3.73
C7 NAG NB . 41.87 -35.38 3.83
C8 NAG NB . 40.87 -34.38 4.31
N2 NAG NB . 42.93 -35.70 4.59
O3 NAG NB . 43.41 -38.32 5.80
O4 NAG NB . 46.10 -39.24 5.95
O5 NAG NB . 46.32 -36.70 3.20
O6 NAG NB . 48.58 -39.22 4.73
O7 NAG NB . 41.70 -35.91 2.72
C1 NAG OB . 55.75 -25.58 -10.64
C2 NAG OB . 56.82 -26.69 -10.24
C3 NAG OB . 58.25 -26.14 -10.57
C4 NAG OB . 58.34 -25.81 -12.10
C5 NAG OB . 57.24 -24.74 -12.46
C6 NAG OB . 57.19 -24.40 -13.94
C7 NAG OB . 56.07 -28.01 -8.26
C8 NAG OB . 55.95 -28.17 -6.77
N2 NAG OB . 56.73 -26.96 -8.77
O3 NAG OB . 59.24 -27.13 -10.26
O4 NAG OB . 59.64 -25.29 -12.39
O5 NAG OB . 55.89 -25.27 -12.07
O6 NAG OB . 58.38 -23.75 -14.38
O7 NAG OB . 55.57 -28.89 -8.99
C1 NAG PB . 50.80 -21.17 9.45
C2 NAG PB . 50.63 -19.80 10.27
C3 NAG PB . 52.04 -19.12 10.39
C4 NAG PB . 53.05 -20.09 11.08
C5 NAG PB . 53.14 -21.41 10.25
C6 NAG PB . 54.10 -22.43 10.86
C7 NAG PB . 48.42 -18.75 9.80
C8 NAG PB . 47.54 -17.90 8.92
N2 NAG PB . 49.73 -18.89 9.52
O3 NAG PB . 51.93 -17.92 11.16
O4 NAG PB . 54.33 -19.45 11.18
O5 NAG PB . 51.79 -22.03 10.13
O6 NAG PB . 55.44 -21.93 10.94
O7 NAG PB . 47.92 -19.32 10.78
C1 NAG QB . 33.85 -29.46 -9.57
C2 NAG QB . 32.25 -29.46 -9.71
C3 NAG QB . 31.83 -30.72 -10.52
C4 NAG QB . 32.51 -30.69 -11.93
C5 NAG QB . 34.07 -30.66 -11.73
C6 NAG QB . 34.83 -30.53 -13.05
C7 NAG QB . 30.94 -28.51 -7.81
C8 NAG QB . 30.50 -28.59 -6.37
N2 NAG QB . 31.65 -29.52 -8.34
O3 NAG QB . 30.40 -30.73 -10.70
O4 NAG QB . 32.11 -31.86 -12.65
O5 NAG QB . 34.45 -29.49 -10.90
O6 NAG QB . 36.23 -30.52 -12.83
O7 NAG QB . 30.64 -27.51 -8.47
#